data_2J9W
# 
_entry.id   2J9W 
# 
_audit_conform.dict_name       mmcif_pdbx.dic 
_audit_conform.dict_version    5.391 
_audit_conform.dict_location   http://mmcif.pdb.org/dictionaries/ascii/mmcif_pdbx.dic 
# 
loop_
_database_2.database_id 
_database_2.database_code 
_database_2.pdbx_database_accession 
_database_2.pdbx_DOI 
PDB   2J9W         pdb_00002j9w 10.2210/pdb2j9w/pdb 
PDBE  EBI-30502    ?            ?                   
WWPDB D_1290030502 ?            ?                   
# 
loop_
_pdbx_audit_revision_history.ordinal 
_pdbx_audit_revision_history.data_content_type 
_pdbx_audit_revision_history.major_revision 
_pdbx_audit_revision_history.minor_revision 
_pdbx_audit_revision_history.revision_date 
1 'Structure model' 1 0 2007-01-23 
2 'Structure model' 1 1 2011-07-13 
3 'Structure model' 1 2 2018-01-24 
4 'Structure model' 1 3 2024-05-01 
# 
_pdbx_audit_revision_details.ordinal             1 
_pdbx_audit_revision_details.revision_ordinal    1 
_pdbx_audit_revision_details.data_content_type   'Structure model' 
_pdbx_audit_revision_details.provider            repository 
_pdbx_audit_revision_details.type                'Initial release' 
_pdbx_audit_revision_details.description         ? 
_pdbx_audit_revision_details.details             ? 
# 
loop_
_pdbx_audit_revision_group.ordinal 
_pdbx_audit_revision_group.revision_ordinal 
_pdbx_audit_revision_group.data_content_type 
_pdbx_audit_revision_group.group 
1 2 'Structure model' Advisory                    
2 2 'Structure model' 'Version format compliance' 
3 3 'Structure model' 'Source and taxonomy'       
4 4 'Structure model' 'Data collection'           
5 4 'Structure model' 'Database references'       
6 4 'Structure model' Other                       
7 4 'Structure model' 'Refinement description'    
# 
loop_
_pdbx_audit_revision_category.ordinal 
_pdbx_audit_revision_category.revision_ordinal 
_pdbx_audit_revision_category.data_content_type 
_pdbx_audit_revision_category.category 
1 3 'Structure model' entity_src_gen                
2 4 'Structure model' chem_comp_atom                
3 4 'Structure model' chem_comp_bond                
4 4 'Structure model' database_2                    
5 4 'Structure model' pdbx_database_status          
6 4 'Structure model' pdbx_initial_refinement_model 
# 
loop_
_pdbx_audit_revision_item.ordinal 
_pdbx_audit_revision_item.revision_ordinal 
_pdbx_audit_revision_item.data_content_type 
_pdbx_audit_revision_item.item 
1 3 'Structure model' '_entity_src_gen.pdbx_host_org_ncbi_taxonomy_id' 
2 3 'Structure model' '_entity_src_gen.pdbx_host_org_scientific_name'  
3 3 'Structure model' '_entity_src_gen.pdbx_host_org_strain'           
4 3 'Structure model' '_entity_src_gen.pdbx_host_org_variant'          
5 4 'Structure model' '_database_2.pdbx_DOI'                           
6 4 'Structure model' '_database_2.pdbx_database_accession'            
7 4 'Structure model' '_pdbx_database_status.status_code_sf'           
# 
_pdbx_database_status.status_code                     REL 
_pdbx_database_status.entry_id                        2J9W 
_pdbx_database_status.deposit_site                    PDBE 
_pdbx_database_status.process_site                    PDBE 
_pdbx_database_status.SG_entry                        . 
_pdbx_database_status.recvd_initial_deposition_date   2006-11-16 
_pdbx_database_status.pdb_format_compatible           Y 
_pdbx_database_status.status_code_sf                  REL 
_pdbx_database_status.status_code_mr                  ? 
_pdbx_database_status.status_code_cs                  ? 
_pdbx_database_status.methods_development_category    ? 
_pdbx_database_status.status_code_nmr_data            ? 
# 
loop_
_pdbx_database_related.db_name 
_pdbx_database_related.db_id 
_pdbx_database_related.content_type 
_pdbx_database_related.details 
PDB 2J9U unspecified 
'2 ANGSTROM X-RAY STRUCTURE OF THE YEAST ESCRT-I VPS28 C-TERMINUS IN COMPLEX WITH THE NZF-N DOMAIN FROM ESCRT-II' 
PDB 2J9V unspecified '2 ANGSTROM X-RAY STRUCTURE OF THE YEAST ESCRT-I VPS28 C-TERMINUS' 
# 
loop_
_audit_author.name 
_audit_author.pdbx_ordinal 
'Gill, D.J.'       1 
'Teo, H.L.'        2 
'Sun, J.'          3 
'Perisic, O.'      4 
'Veprintsev, D.B.' 5 
'Emr, S.D.'        6 
'Williams, R.L.'   7 
# 
_citation.id                        primary 
_citation.title                     'Structural Insight Into the Escrt-I/-II Link and its Role in Mvb Trafficking.' 
_citation.journal_abbrev            'Embo J.' 
_citation.journal_volume            26 
_citation.page_first                600 
_citation.page_last                 ? 
_citation.year                      2007 
_citation.journal_id_ASTM           EMJODG 
_citation.country                   UK 
_citation.journal_id_ISSN           0261-4189 
_citation.journal_id_CSD            0897 
_citation.book_publisher            ? 
_citation.pdbx_database_id_PubMed   17215868 
_citation.pdbx_database_id_DOI      10.1038/SJ.EMBOJ.7601501 
# 
loop_
_citation_author.citation_id 
_citation_author.name 
_citation_author.ordinal 
_citation_author.identifier_ORCID 
primary 'Gill, D.J.'       1 ? 
primary 'Teo, H.'          2 ? 
primary 'Sun, J.'          3 ? 
primary 'Perisic, O.'      4 ? 
primary 'Veprintsev, D.B.' 5 ? 
primary 'Emr, S.D.'        6 ? 
primary 'Williams, R.L.'   7 ? 
# 
loop_
_entity.id 
_entity.type 
_entity.src_method 
_entity.pdbx_description 
_entity.formula_weight 
_entity.pdbx_number_of_molecules 
_entity.pdbx_ec 
_entity.pdbx_mutation 
_entity.pdbx_fragment 
_entity.details 
1 polymer man 'VPS28-PROV PROTEIN' 12000.693 2   ? ? 'RESIDUES 123-221' ? 
2 water   nat water                18.015    134 ? ? ?                  ? 
# 
_entity_name_com.entity_id   1 
_entity_name_com.name        VPS28 
# 
_entity_poly.entity_id                      1 
_entity_poly.type                           'polypeptide(L)' 
_entity_poly.nstd_linkage                   no 
_entity_poly.nstd_monomer                   no 
_entity_poly.pdbx_seq_one_letter_code       
;HHMGNLNRCIADIVSLFITVMDKLRLEIRAMDEIQPDLRELMETMNRMSHLPPDFEGREKVSQWLQKLSSMSASDELDDS
QVRQMLFDLESAYNAFNRFLHS
;
_entity_poly.pdbx_seq_one_letter_code_can   
;HHMGNLNRCIADIVSLFITVMDKLRLEIRAMDEIQPDLRELMETMNRMSHLPPDFEGREKVSQWLQKLSSMSASDELDDS
QVRQMLFDLESAYNAFNRFLHS
;
_entity_poly.pdbx_strand_id                 A,B 
_entity_poly.pdbx_target_identifier         ? 
# 
_pdbx_entity_nonpoly.entity_id   2 
_pdbx_entity_nonpoly.name        water 
_pdbx_entity_nonpoly.comp_id     HOH 
# 
loop_
_entity_poly_seq.entity_id 
_entity_poly_seq.num 
_entity_poly_seq.mon_id 
_entity_poly_seq.hetero 
1 1   HIS n 
1 2   HIS n 
1 3   MET n 
1 4   GLY n 
1 5   ASN n 
1 6   LEU n 
1 7   ASN n 
1 8   ARG n 
1 9   CYS n 
1 10  ILE n 
1 11  ALA n 
1 12  ASP n 
1 13  ILE n 
1 14  VAL n 
1 15  SER n 
1 16  LEU n 
1 17  PHE n 
1 18  ILE n 
1 19  THR n 
1 20  VAL n 
1 21  MET n 
1 22  ASP n 
1 23  LYS n 
1 24  LEU n 
1 25  ARG n 
1 26  LEU n 
1 27  GLU n 
1 28  ILE n 
1 29  ARG n 
1 30  ALA n 
1 31  MET n 
1 32  ASP n 
1 33  GLU n 
1 34  ILE n 
1 35  GLN n 
1 36  PRO n 
1 37  ASP n 
1 38  LEU n 
1 39  ARG n 
1 40  GLU n 
1 41  LEU n 
1 42  MET n 
1 43  GLU n 
1 44  THR n 
1 45  MET n 
1 46  ASN n 
1 47  ARG n 
1 48  MET n 
1 49  SER n 
1 50  HIS n 
1 51  LEU n 
1 52  PRO n 
1 53  PRO n 
1 54  ASP n 
1 55  PHE n 
1 56  GLU n 
1 57  GLY n 
1 58  ARG n 
1 59  GLU n 
1 60  LYS n 
1 61  VAL n 
1 62  SER n 
1 63  GLN n 
1 64  TRP n 
1 65  LEU n 
1 66  GLN n 
1 67  LYS n 
1 68  LEU n 
1 69  SER n 
1 70  SER n 
1 71  MET n 
1 72  SER n 
1 73  ALA n 
1 74  SER n 
1 75  ASP n 
1 76  GLU n 
1 77  LEU n 
1 78  ASP n 
1 79  ASP n 
1 80  SER n 
1 81  GLN n 
1 82  VAL n 
1 83  ARG n 
1 84  GLN n 
1 85  MET n 
1 86  LEU n 
1 87  PHE n 
1 88  ASP n 
1 89  LEU n 
1 90  GLU n 
1 91  SER n 
1 92  ALA n 
1 93  TYR n 
1 94  ASN n 
1 95  ALA n 
1 96  PHE n 
1 97  ASN n 
1 98  ARG n 
1 99  PHE n 
1 100 LEU n 
1 101 HIS n 
1 102 SER n 
# 
_entity_src_gen.entity_id                          1 
_entity_src_gen.pdbx_src_id                        1 
_entity_src_gen.pdbx_alt_source_flag               sample 
_entity_src_gen.pdbx_seq_type                      ? 
_entity_src_gen.pdbx_beg_seq_num                   ? 
_entity_src_gen.pdbx_end_seq_num                   ? 
_entity_src_gen.gene_src_common_name               'AFRICAN CLAWED FROG' 
_entity_src_gen.gene_src_genus                     ? 
_entity_src_gen.pdbx_gene_src_gene                 ? 
_entity_src_gen.gene_src_species                   ? 
_entity_src_gen.gene_src_strain                    ? 
_entity_src_gen.gene_src_tissue                    ? 
_entity_src_gen.gene_src_tissue_fraction           ? 
_entity_src_gen.gene_src_details                   ? 
_entity_src_gen.pdbx_gene_src_fragment             ? 
_entity_src_gen.pdbx_gene_src_scientific_name      'XENOPUS LAEVIS' 
_entity_src_gen.pdbx_gene_src_ncbi_taxonomy_id     8355 
_entity_src_gen.pdbx_gene_src_variant              ? 
_entity_src_gen.pdbx_gene_src_cell_line            ? 
_entity_src_gen.pdbx_gene_src_atcc                 ? 
_entity_src_gen.pdbx_gene_src_organ                ? 
_entity_src_gen.pdbx_gene_src_organelle            ? 
_entity_src_gen.pdbx_gene_src_cell                 ? 
_entity_src_gen.pdbx_gene_src_cellular_location    ? 
_entity_src_gen.host_org_common_name               ? 
_entity_src_gen.pdbx_host_org_scientific_name      'ESCHERICHIA COLI BL21(DE3)' 
_entity_src_gen.pdbx_host_org_ncbi_taxonomy_id     469008 
_entity_src_gen.host_org_genus                     ? 
_entity_src_gen.pdbx_host_org_gene                 ? 
_entity_src_gen.pdbx_host_org_organ                ? 
_entity_src_gen.host_org_species                   ? 
_entity_src_gen.pdbx_host_org_tissue               ? 
_entity_src_gen.pdbx_host_org_tissue_fraction      ? 
_entity_src_gen.pdbx_host_org_strain               ? 
_entity_src_gen.pdbx_host_org_variant              C41 
_entity_src_gen.pdbx_host_org_cell_line            ? 
_entity_src_gen.pdbx_host_org_atcc                 ? 
_entity_src_gen.pdbx_host_org_culture_collection   ? 
_entity_src_gen.pdbx_host_org_cell                 ? 
_entity_src_gen.pdbx_host_org_organelle            ? 
_entity_src_gen.pdbx_host_org_cellular_location    ? 
_entity_src_gen.pdbx_host_org_vector_type          ? 
_entity_src_gen.pdbx_host_org_vector               POPTH 
_entity_src_gen.host_org_details                   ? 
_entity_src_gen.expression_system_id               ? 
_entity_src_gen.plasmid_name                       ? 
_entity_src_gen.plasmid_details                    ? 
_entity_src_gen.pdbx_description                   ? 
# 
loop_
_chem_comp.id 
_chem_comp.type 
_chem_comp.mon_nstd_flag 
_chem_comp.name 
_chem_comp.pdbx_synonyms 
_chem_comp.formula 
_chem_comp.formula_weight 
ALA 'L-peptide linking' y ALANINE         ? 'C3 H7 N O2'     89.093  
ARG 'L-peptide linking' y ARGININE        ? 'C6 H15 N4 O2 1' 175.209 
ASN 'L-peptide linking' y ASPARAGINE      ? 'C4 H8 N2 O3'    132.118 
ASP 'L-peptide linking' y 'ASPARTIC ACID' ? 'C4 H7 N O4'     133.103 
CYS 'L-peptide linking' y CYSTEINE        ? 'C3 H7 N O2 S'   121.158 
GLN 'L-peptide linking' y GLUTAMINE       ? 'C5 H10 N2 O3'   146.144 
GLU 'L-peptide linking' y 'GLUTAMIC ACID' ? 'C5 H9 N O4'     147.129 
GLY 'peptide linking'   y GLYCINE         ? 'C2 H5 N O2'     75.067  
HIS 'L-peptide linking' y HISTIDINE       ? 'C6 H10 N3 O2 1' 156.162 
HOH non-polymer         . WATER           ? 'H2 O'           18.015  
ILE 'L-peptide linking' y ISOLEUCINE      ? 'C6 H13 N O2'    131.173 
LEU 'L-peptide linking' y LEUCINE         ? 'C6 H13 N O2'    131.173 
LYS 'L-peptide linking' y LYSINE          ? 'C6 H15 N2 O2 1' 147.195 
MET 'L-peptide linking' y METHIONINE      ? 'C5 H11 N O2 S'  149.211 
PHE 'L-peptide linking' y PHENYLALANINE   ? 'C9 H11 N O2'    165.189 
PRO 'L-peptide linking' y PROLINE         ? 'C5 H9 N O2'     115.130 
SER 'L-peptide linking' y SERINE          ? 'C3 H7 N O3'     105.093 
THR 'L-peptide linking' y THREONINE       ? 'C4 H9 N O3'     119.119 
TRP 'L-peptide linking' y TRYPTOPHAN      ? 'C11 H12 N2 O2'  204.225 
TYR 'L-peptide linking' y TYROSINE        ? 'C9 H11 N O3'    181.189 
VAL 'L-peptide linking' y VALINE          ? 'C5 H11 N O2'    117.146 
# 
loop_
_pdbx_poly_seq_scheme.asym_id 
_pdbx_poly_seq_scheme.entity_id 
_pdbx_poly_seq_scheme.seq_id 
_pdbx_poly_seq_scheme.mon_id 
_pdbx_poly_seq_scheme.ndb_seq_num 
_pdbx_poly_seq_scheme.pdb_seq_num 
_pdbx_poly_seq_scheme.auth_seq_num 
_pdbx_poly_seq_scheme.pdb_mon_id 
_pdbx_poly_seq_scheme.auth_mon_id 
_pdbx_poly_seq_scheme.pdb_strand_id 
_pdbx_poly_seq_scheme.pdb_ins_code 
_pdbx_poly_seq_scheme.hetero 
A 1 1   HIS 1   120 120 HIS HIS A . n 
A 1 2   HIS 2   121 121 HIS HIS A . n 
A 1 3   MET 3   122 122 MET MET A . n 
A 1 4   GLY 4   123 123 GLY GLY A . n 
A 1 5   ASN 5   124 124 ASN ASN A . n 
A 1 6   LEU 6   125 125 LEU LEU A . n 
A 1 7   ASN 7   126 126 ASN ASN A . n 
A 1 8   ARG 8   127 127 ARG ARG A . n 
A 1 9   CYS 9   128 128 CYS CYS A . n 
A 1 10  ILE 10  129 129 ILE ILE A . n 
A 1 11  ALA 11  130 130 ALA ALA A . n 
A 1 12  ASP 12  131 131 ASP ASP A . n 
A 1 13  ILE 13  132 132 ILE ILE A . n 
A 1 14  VAL 14  133 133 VAL VAL A . n 
A 1 15  SER 15  134 134 SER SER A . n 
A 1 16  LEU 16  135 135 LEU LEU A . n 
A 1 17  PHE 17  136 136 PHE PHE A . n 
A 1 18  ILE 18  137 137 ILE ILE A . n 
A 1 19  THR 19  138 138 THR THR A . n 
A 1 20  VAL 20  139 139 VAL VAL A . n 
A 1 21  MET 21  140 140 MET MET A . n 
A 1 22  ASP 22  141 141 ASP ASP A . n 
A 1 23  LYS 23  142 142 LYS LYS A . n 
A 1 24  LEU 24  143 143 LEU LEU A . n 
A 1 25  ARG 25  144 144 ARG ARG A . n 
A 1 26  LEU 26  145 145 LEU LEU A . n 
A 1 27  GLU 27  146 146 GLU GLU A . n 
A 1 28  ILE 28  147 147 ILE ILE A . n 
A 1 29  ARG 29  148 148 ARG ARG A . n 
A 1 30  ALA 30  149 149 ALA ALA A . n 
A 1 31  MET 31  150 150 MET MET A . n 
A 1 32  ASP 32  151 151 ASP ASP A . n 
A 1 33  GLU 33  152 152 GLU GLU A . n 
A 1 34  ILE 34  153 153 ILE ILE A . n 
A 1 35  GLN 35  154 154 GLN GLN A . n 
A 1 36  PRO 36  155 155 PRO PRO A . n 
A 1 37  ASP 37  156 156 ASP ASP A . n 
A 1 38  LEU 38  157 157 LEU LEU A . n 
A 1 39  ARG 39  158 158 ARG ARG A . n 
A 1 40  GLU 40  159 159 GLU GLU A . n 
A 1 41  LEU 41  160 160 LEU LEU A . n 
A 1 42  MET 42  161 161 MET MET A . n 
A 1 43  GLU 43  162 162 GLU GLU A . n 
A 1 44  THR 44  163 163 THR THR A . n 
A 1 45  MET 45  164 164 MET MET A . n 
A 1 46  ASN 46  165 165 ASN ASN A . n 
A 1 47  ARG 47  166 166 ARG ARG A . n 
A 1 48  MET 48  167 167 MET MET A . n 
A 1 49  SER 49  168 168 SER SER A . n 
A 1 50  HIS 50  169 169 HIS HIS A . n 
A 1 51  LEU 51  170 170 LEU LEU A . n 
A 1 52  PRO 52  171 171 PRO PRO A . n 
A 1 53  PRO 53  172 172 PRO PRO A . n 
A 1 54  ASP 54  173 173 ASP ASP A . n 
A 1 55  PHE 55  174 174 PHE PHE A . n 
A 1 56  GLU 56  175 175 GLU GLU A . n 
A 1 57  GLY 57  176 176 GLY GLY A . n 
A 1 58  ARG 58  177 177 ARG ARG A . n 
A 1 59  GLU 59  178 178 GLU GLU A . n 
A 1 60  LYS 60  179 179 LYS LYS A . n 
A 1 61  VAL 61  180 180 VAL VAL A . n 
A 1 62  SER 62  181 181 SER SER A . n 
A 1 63  GLN 63  182 182 GLN GLN A . n 
A 1 64  TRP 64  183 183 TRP TRP A . n 
A 1 65  LEU 65  184 184 LEU LEU A . n 
A 1 66  GLN 66  185 185 GLN GLN A . n 
A 1 67  LYS 67  186 186 LYS LYS A . n 
A 1 68  LEU 68  187 187 LEU LEU A . n 
A 1 69  SER 69  188 188 SER SER A . n 
A 1 70  SER 70  189 189 SER SER A . n 
A 1 71  MET 71  190 190 MET MET A . n 
A 1 72  SER 72  191 191 SER SER A . n 
A 1 73  ALA 73  192 192 ALA ALA A . n 
A 1 74  SER 74  193 193 SER SER A . n 
A 1 75  ASP 75  194 194 ASP ASP A . n 
A 1 76  GLU 76  195 195 GLU GLU A . n 
A 1 77  LEU 77  196 196 LEU LEU A . n 
A 1 78  ASP 78  197 197 ASP ASP A . n 
A 1 79  ASP 79  198 198 ASP ASP A . n 
A 1 80  SER 80  199 199 SER SER A . n 
A 1 81  GLN 81  200 200 GLN GLN A . n 
A 1 82  VAL 82  201 201 VAL VAL A . n 
A 1 83  ARG 83  202 202 ARG ARG A . n 
A 1 84  GLN 84  203 203 GLN GLN A . n 
A 1 85  MET 85  204 204 MET MET A . n 
A 1 86  LEU 86  205 205 LEU LEU A . n 
A 1 87  PHE 87  206 206 PHE PHE A . n 
A 1 88  ASP 88  207 207 ASP ASP A . n 
A 1 89  LEU 89  208 208 LEU LEU A . n 
A 1 90  GLU 90  209 209 GLU GLU A . n 
A 1 91  SER 91  210 210 SER SER A . n 
A 1 92  ALA 92  211 211 ALA ALA A . n 
A 1 93  TYR 93  212 212 TYR TYR A . n 
A 1 94  ASN 94  213 213 ASN ASN A . n 
A 1 95  ALA 95  214 214 ALA ALA A . n 
A 1 96  PHE 96  215 215 PHE PHE A . n 
A 1 97  ASN 97  216 216 ASN ASN A . n 
A 1 98  ARG 98  217 217 ARG ARG A . n 
A 1 99  PHE 99  218 218 PHE PHE A . n 
A 1 100 LEU 100 219 219 LEU LEU A . n 
A 1 101 HIS 101 220 220 HIS HIS A . n 
A 1 102 SER 102 221 ?   ?   ?   A . n 
B 1 1   HIS 1   120 ?   ?   ?   B . n 
B 1 2   HIS 2   121 ?   ?   ?   B . n 
B 1 3   MET 3   122 122 MET MET B . n 
B 1 4   GLY 4   123 123 GLY GLY B . n 
B 1 5   ASN 5   124 124 ASN ASN B . n 
B 1 6   LEU 6   125 125 LEU LEU B . n 
B 1 7   ASN 7   126 126 ASN ASN B . n 
B 1 8   ARG 8   127 127 ARG ARG B . n 
B 1 9   CYS 9   128 128 CYS CYS B . n 
B 1 10  ILE 10  129 129 ILE ILE B . n 
B 1 11  ALA 11  130 130 ALA ALA B . n 
B 1 12  ASP 12  131 131 ASP ASP B . n 
B 1 13  ILE 13  132 132 ILE ILE B . n 
B 1 14  VAL 14  133 133 VAL VAL B . n 
B 1 15  SER 15  134 134 SER SER B . n 
B 1 16  LEU 16  135 135 LEU LEU B . n 
B 1 17  PHE 17  136 136 PHE PHE B . n 
B 1 18  ILE 18  137 137 ILE ILE B . n 
B 1 19  THR 19  138 138 THR THR B . n 
B 1 20  VAL 20  139 139 VAL VAL B . n 
B 1 21  MET 21  140 140 MET MET B . n 
B 1 22  ASP 22  141 141 ASP ASP B . n 
B 1 23  LYS 23  142 142 LYS LYS B . n 
B 1 24  LEU 24  143 143 LEU LEU B . n 
B 1 25  ARG 25  144 144 ARG ARG B . n 
B 1 26  LEU 26  145 145 LEU LEU B . n 
B 1 27  GLU 27  146 146 GLU GLU B . n 
B 1 28  ILE 28  147 147 ILE ILE B . n 
B 1 29  ARG 29  148 148 ARG ARG B . n 
B 1 30  ALA 30  149 149 ALA ALA B . n 
B 1 31  MET 31  150 150 MET MET B . n 
B 1 32  ASP 32  151 151 ASP ASP B . n 
B 1 33  GLU 33  152 152 GLU GLU B . n 
B 1 34  ILE 34  153 153 ILE ILE B . n 
B 1 35  GLN 35  154 154 GLN GLN B . n 
B 1 36  PRO 36  155 155 PRO PRO B . n 
B 1 37  ASP 37  156 156 ASP ASP B . n 
B 1 38  LEU 38  157 157 LEU LEU B . n 
B 1 39  ARG 39  158 158 ARG ARG B . n 
B 1 40  GLU 40  159 159 GLU GLU B . n 
B 1 41  LEU 41  160 160 LEU LEU B . n 
B 1 42  MET 42  161 161 MET MET B . n 
B 1 43  GLU 43  162 162 GLU GLU B . n 
B 1 44  THR 44  163 163 THR THR B . n 
B 1 45  MET 45  164 164 MET MET B . n 
B 1 46  ASN 46  165 165 ASN ASN B . n 
B 1 47  ARG 47  166 166 ARG ARG B . n 
B 1 48  MET 48  167 167 MET MET B . n 
B 1 49  SER 49  168 168 SER SER B . n 
B 1 50  HIS 50  169 169 HIS HIS B . n 
B 1 51  LEU 51  170 170 LEU LEU B . n 
B 1 52  PRO 52  171 171 PRO PRO B . n 
B 1 53  PRO 53  172 172 PRO PRO B . n 
B 1 54  ASP 54  173 173 ASP ASP B . n 
B 1 55  PHE 55  174 174 PHE PHE B . n 
B 1 56  GLU 56  175 175 GLU GLU B . n 
B 1 57  GLY 57  176 176 GLY GLY B . n 
B 1 58  ARG 58  177 177 ARG ARG B . n 
B 1 59  GLU 59  178 178 GLU GLU B . n 
B 1 60  LYS 60  179 179 LYS LYS B . n 
B 1 61  VAL 61  180 180 VAL VAL B . n 
B 1 62  SER 62  181 181 SER SER B . n 
B 1 63  GLN 63  182 182 GLN GLN B . n 
B 1 64  TRP 64  183 183 TRP TRP B . n 
B 1 65  LEU 65  184 184 LEU LEU B . n 
B 1 66  GLN 66  185 185 GLN GLN B . n 
B 1 67  LYS 67  186 186 LYS LYS B . n 
B 1 68  LEU 68  187 187 LEU LEU B . n 
B 1 69  SER 69  188 188 SER SER B . n 
B 1 70  SER 70  189 189 SER SER B . n 
B 1 71  MET 71  190 190 MET MET B . n 
B 1 72  SER 72  191 191 SER SER B . n 
B 1 73  ALA 73  192 192 ALA ALA B . n 
B 1 74  SER 74  193 193 SER SER B . n 
B 1 75  ASP 75  194 194 ASP ASP B . n 
B 1 76  GLU 76  195 195 GLU GLU B . n 
B 1 77  LEU 77  196 196 LEU LEU B . n 
B 1 78  ASP 78  197 197 ASP ASP B . n 
B 1 79  ASP 79  198 198 ASP ASP B . n 
B 1 80  SER 80  199 199 SER SER B . n 
B 1 81  GLN 81  200 200 GLN GLN B . n 
B 1 82  VAL 82  201 201 VAL VAL B . n 
B 1 83  ARG 83  202 202 ARG ARG B . n 
B 1 84  GLN 84  203 203 GLN GLN B . n 
B 1 85  MET 85  204 204 MET MET B . n 
B 1 86  LEU 86  205 205 LEU LEU B . n 
B 1 87  PHE 87  206 206 PHE PHE B . n 
B 1 88  ASP 88  207 207 ASP ASP B . n 
B 1 89  LEU 89  208 208 LEU LEU B . n 
B 1 90  GLU 90  209 209 GLU GLU B . n 
B 1 91  SER 91  210 210 SER SER B . n 
B 1 92  ALA 92  211 211 ALA ALA B . n 
B 1 93  TYR 93  212 212 TYR TYR B . n 
B 1 94  ASN 94  213 213 ASN ASN B . n 
B 1 95  ALA 95  214 214 ALA ALA B . n 
B 1 96  PHE 96  215 215 PHE PHE B . n 
B 1 97  ASN 97  216 216 ASN ASN B . n 
B 1 98  ARG 98  217 217 ARG ARG B . n 
B 1 99  PHE 99  218 218 PHE PHE B . n 
B 1 100 LEU 100 219 219 LEU LEU B . n 
B 1 101 HIS 101 220 220 HIS HIS B . n 
B 1 102 SER 102 221 ?   ?   ?   B . n 
# 
loop_
_pdbx_nonpoly_scheme.asym_id 
_pdbx_nonpoly_scheme.entity_id 
_pdbx_nonpoly_scheme.mon_id 
_pdbx_nonpoly_scheme.ndb_seq_num 
_pdbx_nonpoly_scheme.pdb_seq_num 
_pdbx_nonpoly_scheme.auth_seq_num 
_pdbx_nonpoly_scheme.pdb_mon_id 
_pdbx_nonpoly_scheme.auth_mon_id 
_pdbx_nonpoly_scheme.pdb_strand_id 
_pdbx_nonpoly_scheme.pdb_ins_code 
C 2 HOH 1  2001 2001 HOH HOH A . 
C 2 HOH 2  2002 2002 HOH HOH A . 
C 2 HOH 3  2003 2003 HOH HOH A . 
C 2 HOH 4  2004 2004 HOH HOH A . 
C 2 HOH 5  2005 2005 HOH HOH A . 
C 2 HOH 6  2006 2006 HOH HOH A . 
C 2 HOH 7  2007 2007 HOH HOH A . 
C 2 HOH 8  2008 2008 HOH HOH A . 
C 2 HOH 9  2009 2009 HOH HOH A . 
C 2 HOH 10 2010 2010 HOH HOH A . 
C 2 HOH 11 2011 2011 HOH HOH A . 
C 2 HOH 12 2012 2012 HOH HOH A . 
C 2 HOH 13 2013 2013 HOH HOH A . 
C 2 HOH 14 2014 2014 HOH HOH A . 
C 2 HOH 15 2015 2015 HOH HOH A . 
C 2 HOH 16 2016 2016 HOH HOH A . 
C 2 HOH 17 2017 2017 HOH HOH A . 
C 2 HOH 18 2018 2018 HOH HOH A . 
C 2 HOH 19 2019 2019 HOH HOH A . 
C 2 HOH 20 2020 2020 HOH HOH A . 
C 2 HOH 21 2021 2021 HOH HOH A . 
C 2 HOH 22 2022 2022 HOH HOH A . 
C 2 HOH 23 2023 2023 HOH HOH A . 
C 2 HOH 24 2024 2024 HOH HOH A . 
C 2 HOH 25 2025 2025 HOH HOH A . 
C 2 HOH 26 2026 2026 HOH HOH A . 
C 2 HOH 27 2027 2027 HOH HOH A . 
C 2 HOH 28 2028 2028 HOH HOH A . 
C 2 HOH 29 2029 2029 HOH HOH A . 
C 2 HOH 30 2030 2030 HOH HOH A . 
C 2 HOH 31 2031 2031 HOH HOH A . 
C 2 HOH 32 2032 2032 HOH HOH A . 
C 2 HOH 33 2033 2033 HOH HOH A . 
C 2 HOH 34 2034 2034 HOH HOH A . 
C 2 HOH 35 2035 2035 HOH HOH A . 
C 2 HOH 36 2036 2036 HOH HOH A . 
C 2 HOH 37 2037 2037 HOH HOH A . 
C 2 HOH 38 2038 2038 HOH HOH A . 
C 2 HOH 39 2039 2039 HOH HOH A . 
C 2 HOH 40 2040 2040 HOH HOH A . 
C 2 HOH 41 2041 2041 HOH HOH A . 
C 2 HOH 42 2042 2042 HOH HOH A . 
C 2 HOH 43 2043 2043 HOH HOH A . 
C 2 HOH 44 2044 2044 HOH HOH A . 
C 2 HOH 45 2045 2045 HOH HOH A . 
C 2 HOH 46 2046 2046 HOH HOH A . 
C 2 HOH 47 2047 2047 HOH HOH A . 
C 2 HOH 48 2048 2048 HOH HOH A . 
C 2 HOH 49 2049 2049 HOH HOH A . 
C 2 HOH 50 2050 2050 HOH HOH A . 
C 2 HOH 51 2051 2051 HOH HOH A . 
C 2 HOH 52 2052 2052 HOH HOH A . 
C 2 HOH 53 2053 2053 HOH HOH A . 
C 2 HOH 54 2054 2054 HOH HOH A . 
C 2 HOH 55 2055 2055 HOH HOH A . 
C 2 HOH 56 2056 2056 HOH HOH A . 
C 2 HOH 57 2057 2057 HOH HOH A . 
C 2 HOH 58 2058 2058 HOH HOH A . 
C 2 HOH 59 2059 2059 HOH HOH A . 
C 2 HOH 60 2060 2060 HOH HOH A . 
C 2 HOH 61 2061 2061 HOH HOH A . 
C 2 HOH 62 2062 2062 HOH HOH A . 
C 2 HOH 63 2063 2063 HOH HOH A . 
C 2 HOH 64 2064 2064 HOH HOH A . 
C 2 HOH 65 2065 2065 HOH HOH A . 
C 2 HOH 66 2066 2066 HOH HOH A . 
C 2 HOH 67 2067 2067 HOH HOH A . 
C 2 HOH 68 2068 2068 HOH HOH A . 
C 2 HOH 69 2069 2069 HOH HOH A . 
C 2 HOH 70 2070 2070 HOH HOH A . 
C 2 HOH 71 2071 2071 HOH HOH A . 
C 2 HOH 72 2072 2072 HOH HOH A . 
D 2 HOH 1  2001 2001 HOH HOH B . 
D 2 HOH 2  2002 2002 HOH HOH B . 
D 2 HOH 3  2003 2003 HOH HOH B . 
D 2 HOH 4  2004 2004 HOH HOH B . 
D 2 HOH 5  2005 2005 HOH HOH B . 
D 2 HOH 6  2006 2006 HOH HOH B . 
D 2 HOH 7  2007 2007 HOH HOH B . 
D 2 HOH 8  2008 2008 HOH HOH B . 
D 2 HOH 9  2009 2009 HOH HOH B . 
D 2 HOH 10 2010 2010 HOH HOH B . 
D 2 HOH 11 2011 2011 HOH HOH B . 
D 2 HOH 12 2012 2012 HOH HOH B . 
D 2 HOH 13 2013 2013 HOH HOH B . 
D 2 HOH 14 2014 2014 HOH HOH B . 
D 2 HOH 15 2015 2015 HOH HOH B . 
D 2 HOH 16 2016 2016 HOH HOH B . 
D 2 HOH 17 2017 2017 HOH HOH B . 
D 2 HOH 18 2018 2018 HOH HOH B . 
D 2 HOH 19 2019 2019 HOH HOH B . 
D 2 HOH 20 2020 2020 HOH HOH B . 
D 2 HOH 21 2021 2021 HOH HOH B . 
D 2 HOH 22 2022 2022 HOH HOH B . 
D 2 HOH 23 2023 2023 HOH HOH B . 
D 2 HOH 24 2024 2024 HOH HOH B . 
D 2 HOH 25 2025 2025 HOH HOH B . 
D 2 HOH 26 2026 2026 HOH HOH B . 
D 2 HOH 27 2027 2027 HOH HOH B . 
D 2 HOH 28 2028 2028 HOH HOH B . 
D 2 HOH 29 2029 2029 HOH HOH B . 
D 2 HOH 30 2030 2030 HOH HOH B . 
D 2 HOH 31 2031 2031 HOH HOH B . 
D 2 HOH 32 2032 2032 HOH HOH B . 
D 2 HOH 33 2033 2033 HOH HOH B . 
D 2 HOH 34 2034 2034 HOH HOH B . 
D 2 HOH 35 2035 2035 HOH HOH B . 
D 2 HOH 36 2036 2036 HOH HOH B . 
D 2 HOH 37 2037 2037 HOH HOH B . 
D 2 HOH 38 2038 2038 HOH HOH B . 
D 2 HOH 39 2039 2039 HOH HOH B . 
D 2 HOH 40 2040 2040 HOH HOH B . 
D 2 HOH 41 2041 2041 HOH HOH B . 
D 2 HOH 42 2042 2042 HOH HOH B . 
D 2 HOH 43 2043 2043 HOH HOH B . 
D 2 HOH 44 2044 2044 HOH HOH B . 
D 2 HOH 45 2045 2045 HOH HOH B . 
D 2 HOH 46 2046 2046 HOH HOH B . 
D 2 HOH 47 2047 2047 HOH HOH B . 
D 2 HOH 48 2048 2048 HOH HOH B . 
D 2 HOH 49 2049 2049 HOH HOH B . 
D 2 HOH 50 2050 2050 HOH HOH B . 
D 2 HOH 51 2051 2051 HOH HOH B . 
D 2 HOH 52 2052 2052 HOH HOH B . 
D 2 HOH 53 2053 2053 HOH HOH B . 
D 2 HOH 54 2054 2054 HOH HOH B . 
D 2 HOH 55 2055 2055 HOH HOH B . 
D 2 HOH 56 2056 2056 HOH HOH B . 
D 2 HOH 57 2057 2057 HOH HOH B . 
D 2 HOH 58 2058 2058 HOH HOH B . 
D 2 HOH 59 2059 2059 HOH HOH B . 
D 2 HOH 60 2060 2060 HOH HOH B . 
D 2 HOH 61 2061 2061 HOH HOH B . 
D 2 HOH 62 2062 2062 HOH HOH B . 
# 
loop_
_software.name 
_software.classification 
_software.version 
_software.citation_id 
_software.pdbx_ordinal 
REFMAC refinement       5.2.0019 ? 1 
MOSFLM 'data reduction' .        ? 2 
SCALA  'data scaling'   .        ? 3 
PHASER phasing          .        ? 4 
# 
_cell.entry_id           2J9W 
_cell.length_a           25.997 
_cell.length_b           89.713 
_cell.length_c           40.384 
_cell.angle_alpha        90.00 
_cell.angle_beta         95.13 
_cell.angle_gamma        90.00 
_cell.Z_PDB              4 
_cell.pdbx_unique_axis   ? 
# 
_symmetry.entry_id                         2J9W 
_symmetry.space_group_name_H-M             'P 1 21 1' 
_symmetry.pdbx_full_space_group_name_H-M   ? 
_symmetry.cell_setting                     ? 
_symmetry.Int_Tables_number                4 
# 
_exptl.entry_id          2J9W 
_exptl.method            'X-RAY DIFFRACTION' 
_exptl.crystals_number   1 
# 
_exptl_crystal.id                    1 
_exptl_crystal.density_meas          ? 
_exptl_crystal.density_Matthews      1.84 
_exptl_crystal.density_percent_sol   33.2 
_exptl_crystal.description           ? 
# 
_exptl_crystal_grow.crystal_id      1 
_exptl_crystal_grow.method          ? 
_exptl_crystal_grow.temp            ? 
_exptl_crystal_grow.temp_details    ? 
_exptl_crystal_grow.pH              6.50 
_exptl_crystal_grow.pdbx_pH_range   ? 
_exptl_crystal_grow.pdbx_details    
'15-25% PEG 600, 0.15M POTASSIUM THIOCYANATE, 0.2M SODIUM CHLORIDE, 0.1M GUANIDINE HYDROCHLORIDE, 0.1M SODIUM CACODYLATE PH 6.5' 
# 
_diffrn.id                     1 
_diffrn.ambient_temp           100.0 
_diffrn.ambient_temp_details   ? 
_diffrn.crystal_id             1 
# 
_diffrn_detector.diffrn_id              1 
_diffrn_detector.detector               CCD 
_diffrn_detector.type                   'ADSC CCD' 
_diffrn_detector.pdbx_collection_date   2006-03-12 
_diffrn_detector.details                'TORODIAL MIRROR' 
# 
_diffrn_radiation.diffrn_id                        1 
_diffrn_radiation.wavelength_id                    1 
_diffrn_radiation.pdbx_monochromatic_or_laue_m_l   M 
_diffrn_radiation.monochromator                    KHOZU 
_diffrn_radiation.pdbx_diffrn_protocol             'SINGLE WAVELENGTH' 
_diffrn_radiation.pdbx_scattering_type             x-ray 
# 
_diffrn_radiation_wavelength.id           1 
_diffrn_radiation_wavelength.wavelength   0.98 
_diffrn_radiation_wavelength.wt           1.0 
# 
_diffrn_source.diffrn_id                   1 
_diffrn_source.source                      SYNCHROTRON 
_diffrn_source.type                        'ESRF BEAMLINE ID14-4' 
_diffrn_source.pdbx_synchrotron_site       ESRF 
_diffrn_source.pdbx_synchrotron_beamline   ID14-4 
_diffrn_source.pdbx_wavelength             0.98 
_diffrn_source.pdbx_wavelength_list        ? 
# 
_reflns.pdbx_diffrn_id               1 
_reflns.pdbx_ordinal                 1 
_reflns.entry_id                     2J9W 
_reflns.observed_criterion_sigma_I   0.000 
_reflns.observed_criterion_sigma_F   ? 
_reflns.d_resolution_low             44.860 
_reflns.d_resolution_high            2.200 
_reflns.number_obs                   8573 
_reflns.number_all                   ? 
_reflns.percent_possible_obs         88.3 
_reflns.pdbx_Rmerge_I_obs            0.10000 
_reflns.pdbx_Rsym_value              ? 
_reflns.pdbx_netI_over_sigmaI        10.5700 
_reflns.B_iso_Wilson_estimate        ? 
_reflns.pdbx_redundancy              4.300 
# 
_reflns_shell.pdbx_diffrn_id         1 
_reflns_shell.pdbx_ordinal           1 
_reflns_shell.d_res_high             2.20 
_reflns_shell.d_res_low              2.23 
_reflns_shell.percent_possible_all   45.7 
_reflns_shell.Rmerge_I_obs           0.33000 
_reflns_shell.pdbx_Rsym_value        ? 
_reflns_shell.meanI_over_sigI_obs    3.280 
_reflns_shell.pdbx_redundancy        1.17 
# 
_refine.pdbx_refine_id                           'X-RAY DIFFRACTION' 
_refine.entry_id                                 2J9W 
_refine.pdbx_diffrn_id                           1 
_refine.pdbx_TLS_residual_ADP_flag               'LIKELY RESIDUAL' 
_refine.ls_number_reflns_obs                     37809 
_refine.ls_number_reflns_all                     ? 
_refine.pdbx_ls_sigma_I                          ? 
_refine.pdbx_ls_sigma_F                          ? 
_refine.pdbx_data_cutoff_high_absF               ? 
_refine.pdbx_data_cutoff_low_absF                ? 
_refine.pdbx_data_cutoff_high_rms_absF           ? 
_refine.ls_d_res_low                             44.86 
_refine.ls_d_res_high                            1.30 
_refine.ls_percent_reflns_obs                    88.2 
_refine.ls_R_factor_obs                          0.202 
_refine.ls_R_factor_all                          ? 
_refine.ls_R_factor_R_work                       0.200 
_refine.ls_R_factor_R_free                       0.228 
_refine.ls_R_factor_R_free_error                 ? 
_refine.ls_R_factor_R_free_error_details         ? 
_refine.ls_percent_reflns_R_free                 5.100 
_refine.ls_number_reflns_R_free                  2027 
_refine.ls_number_parameters                     ? 
_refine.ls_number_restraints                     ? 
_refine.occupancy_min                            ? 
_refine.occupancy_max                            ? 
_refine.correlation_coeff_Fo_to_Fc               0.958 
_refine.correlation_coeff_Fo_to_Fc_free          0.950 
_refine.B_iso_mean                               16.59 
_refine.aniso_B[1][1]                            0.62000 
_refine.aniso_B[2][2]                            -0.35000 
_refine.aniso_B[3][3]                            -0.30000 
_refine.aniso_B[1][2]                            0.00000 
_refine.aniso_B[1][3]                            -0.14000 
_refine.aniso_B[2][3]                            0.00000 
_refine.solvent_model_details                    MASK 
_refine.solvent_model_param_ksol                 ? 
_refine.solvent_model_param_bsol                 ? 
_refine.pdbx_solvent_vdw_probe_radii             1.00 
_refine.pdbx_solvent_ion_probe_radii             0.80 
_refine.pdbx_solvent_shrinkage_radii             0.80 
_refine.pdbx_ls_cross_valid_method               THROUGHOUT 
_refine.details                                  'HYDROGENS HAVE BEEN ADDED IN THE RIDING POSITIONS.' 
_refine.pdbx_starting_model                      'SE DATASET FROM SEMET SUBSTITUTED CRYSTAL' 
_refine.pdbx_method_to_determine_struct          'MOLECULAR REPLACEMENT' 
_refine.pdbx_isotropic_thermal_model             ? 
_refine.pdbx_stereochemistry_target_values       'MAXIMUM LIKELIHOOD' 
_refine.pdbx_stereochem_target_val_spec_case     ? 
_refine.pdbx_R_Free_selection_details            RANDOM 
_refine.pdbx_overall_ESU_R                       0.067 
_refine.pdbx_overall_ESU_R_Free                  0.068 
_refine.overall_SU_ML                            0.043 
_refine.pdbx_overall_phase_error                 ? 
_refine.overall_SU_B                             0.987 
_refine.overall_SU_R_Cruickshank_DPI             ? 
_refine.pdbx_overall_SU_R_free_Cruickshank_DPI   ? 
_refine.pdbx_overall_SU_R_Blow_DPI               ? 
_refine.pdbx_overall_SU_R_free_Blow_DPI          ? 
# 
_refine_hist.pdbx_refine_id                   'X-RAY DIFFRACTION' 
_refine_hist.cycle_id                         LAST 
_refine_hist.pdbx_number_atoms_protein        1638 
_refine_hist.pdbx_number_atoms_nucleic_acid   0 
_refine_hist.pdbx_number_atoms_ligand         0 
_refine_hist.number_atoms_solvent             134 
_refine_hist.number_atoms_total               1772 
_refine_hist.d_res_high                       1.30 
_refine_hist.d_res_low                        44.86 
# 
loop_
_refine_ls_restr.type 
_refine_ls_restr.dev_ideal 
_refine_ls_restr.dev_ideal_target 
_refine_ls_restr.weight 
_refine_ls_restr.number 
_refine_ls_restr.pdbx_refine_id 
_refine_ls_restr.pdbx_restraint_function 
r_bond_refined_d             0.014  0.021  ? 1679 'X-RAY DIFFRACTION' ? 
r_bond_other_d               ?      ?      ? ?    'X-RAY DIFFRACTION' ? 
r_angle_refined_deg          1.502  1.964  ? 2261 'X-RAY DIFFRACTION' ? 
r_angle_other_deg            ?      ?      ? ?    'X-RAY DIFFRACTION' ? 
r_dihedral_angle_1_deg       4.421  5.000  ? 204  'X-RAY DIFFRACTION' ? 
r_dihedral_angle_2_deg       28.520 24.222 ? 90   'X-RAY DIFFRACTION' ? 
r_dihedral_angle_3_deg       14.919 15.000 ? 327  'X-RAY DIFFRACTION' ? 
r_dihedral_angle_4_deg       18.990 15.000 ? 16   'X-RAY DIFFRACTION' ? 
r_chiral_restr               0.102  0.200  ? 250  'X-RAY DIFFRACTION' ? 
r_gen_planes_refined         0.007  0.020  ? 1266 'X-RAY DIFFRACTION' ? 
r_gen_planes_other           ?      ?      ? ?    'X-RAY DIFFRACTION' ? 
r_nbd_refined                0.232  0.200  ? 823  'X-RAY DIFFRACTION' ? 
r_nbd_other                  ?      ?      ? ?    'X-RAY DIFFRACTION' ? 
r_nbtor_refined              0.309  0.200  ? 1176 'X-RAY DIFFRACTION' ? 
r_nbtor_other                ?      ?      ? ?    'X-RAY DIFFRACTION' ? 
r_xyhbond_nbd_refined        0.165  0.200  ? 99   'X-RAY DIFFRACTION' ? 
r_xyhbond_nbd_other          ?      ?      ? ?    'X-RAY DIFFRACTION' ? 
r_metal_ion_refined          ?      ?      ? ?    'X-RAY DIFFRACTION' ? 
r_metal_ion_other            ?      ?      ? ?    'X-RAY DIFFRACTION' ? 
r_symmetry_vdw_refined       0.233  0.200  ? 65   'X-RAY DIFFRACTION' ? 
r_symmetry_vdw_other         ?      ?      ? ?    'X-RAY DIFFRACTION' ? 
r_symmetry_hbond_refined     0.268  0.200  ? 19   'X-RAY DIFFRACTION' ? 
r_symmetry_hbond_other       ?      ?      ? ?    'X-RAY DIFFRACTION' ? 
r_symmetry_metal_ion_refined ?      ?      ? ?    'X-RAY DIFFRACTION' ? 
r_symmetry_metal_ion_other   ?      ?      ? ?    'X-RAY DIFFRACTION' ? 
r_mcbond_it                  1.162  1.500  ? 1036 'X-RAY DIFFRACTION' ? 
r_mcbond_other               ?      ?      ? ?    'X-RAY DIFFRACTION' ? 
r_mcangle_it                 1.773  2.000  ? 1633 'X-RAY DIFFRACTION' ? 
r_mcangle_other              ?      ?      ? ?    'X-RAY DIFFRACTION' ? 
r_scbond_it                  3.004  3.000  ? 707  'X-RAY DIFFRACTION' ? 
r_scbond_other               ?      ?      ? ?    'X-RAY DIFFRACTION' ? 
r_scangle_it                 4.382  4.500  ? 625  'X-RAY DIFFRACTION' ? 
r_scangle_other              ?      ?      ? ?    'X-RAY DIFFRACTION' ? 
r_long_range_B_refined       ?      ?      ? ?    'X-RAY DIFFRACTION' ? 
r_long_range_B_other         ?      ?      ? ?    'X-RAY DIFFRACTION' ? 
r_rigid_bond_restr           ?      ?      ? ?    'X-RAY DIFFRACTION' ? 
r_sphericity_free            ?      ?      ? ?    'X-RAY DIFFRACTION' ? 
r_sphericity_bonded          ?      ?      ? ?    'X-RAY DIFFRACTION' ? 
# 
_refine_ls_shell.pdbx_refine_id                   'X-RAY DIFFRACTION' 
_refine_ls_shell.pdbx_total_number_of_bins_used   20 
_refine_ls_shell.d_res_high                       1.30 
_refine_ls_shell.d_res_low                        1.33 
_refine_ls_shell.number_reflns_R_work             1273 
_refine_ls_shell.R_factor_R_work                  0.2880 
_refine_ls_shell.percent_reflns_obs               ? 
_refine_ls_shell.R_factor_R_free                  0.2880 
_refine_ls_shell.R_factor_R_free_error            ? 
_refine_ls_shell.percent_reflns_R_free            ? 
_refine_ls_shell.number_reflns_R_free             90 
_refine_ls_shell.number_reflns_all                ? 
_refine_ls_shell.R_factor_all                     ? 
# 
_struct_ncs_oper.id             1 
_struct_ncs_oper.code           given 
_struct_ncs_oper.details        ? 
_struct_ncs_oper.matrix[1][1]   -0.91213497 
_struct_ncs_oper.matrix[1][2]   0.10844723 
_struct_ncs_oper.matrix[1][3]   -0.39528073 
_struct_ncs_oper.matrix[2][1]   0.15485284 
_struct_ncs_oper.matrix[2][2]   -0.80172146 
_struct_ncs_oper.matrix[2][3]   -0.57728784 
_struct_ncs_oper.matrix[3][1]   -0.37951156 
_struct_ncs_oper.matrix[3][2]   -0.58777492 
_struct_ncs_oper.matrix[3][3]   0.71448643 
_struct_ncs_oper.vector[1]      -0.04373 
_struct_ncs_oper.vector[2]      0.01426 
_struct_ncs_oper.vector[3]      0.06608 
# 
_struct.entry_id                  2J9W 
_struct.title                     'Structural insight into the ESCRT-I-II link and its role in MVB trafficking' 
_struct.pdbx_model_details        ? 
_struct.pdbx_CASP_flag            ? 
_struct.pdbx_model_type_details   ? 
# 
_struct_keywords.entry_id        2J9W 
_struct_keywords.pdbx_keywords   'PROTEIN TRANSPORT' 
_struct_keywords.text            'NZF FINGER, HIV BUDDING, PROTEIN TRANSPORT' 
# 
loop_
_struct_asym.id 
_struct_asym.pdbx_blank_PDB_chainid_flag 
_struct_asym.pdbx_modified 
_struct_asym.entity_id 
_struct_asym.details 
A N N 1 ? 
B N N 1 ? 
C N N 2 ? 
D N N 2 ? 
# 
_struct_ref.id                         1 
_struct_ref.db_name                    UNP 
_struct_ref.db_code                    Q7T0W4_XENLA 
_struct_ref.entity_id                  1 
_struct_ref.pdbx_seq_one_letter_code   ? 
_struct_ref.pdbx_align_begin           ? 
_struct_ref.pdbx_db_accession          Q7T0W4 
_struct_ref.pdbx_db_isoform            ? 
# 
loop_
_struct_ref_seq.align_id 
_struct_ref_seq.ref_id 
_struct_ref_seq.pdbx_PDB_id_code 
_struct_ref_seq.pdbx_strand_id 
_struct_ref_seq.seq_align_beg 
_struct_ref_seq.pdbx_seq_align_beg_ins_code 
_struct_ref_seq.seq_align_end 
_struct_ref_seq.pdbx_seq_align_end_ins_code 
_struct_ref_seq.pdbx_db_accession 
_struct_ref_seq.db_align_beg 
_struct_ref_seq.pdbx_db_align_beg_ins_code 
_struct_ref_seq.db_align_end 
_struct_ref_seq.pdbx_db_align_end_ins_code 
_struct_ref_seq.pdbx_auth_seq_align_beg 
_struct_ref_seq.pdbx_auth_seq_align_end 
1 1 2J9W A 4 ? 102 ? Q7T0W4 123 ? 221 ? 123 221 
2 1 2J9W B 4 ? 102 ? Q7T0W4 123 ? 221 ? 123 221 
# 
loop_
_struct_ref_seq_dif.align_id 
_struct_ref_seq_dif.pdbx_pdb_id_code 
_struct_ref_seq_dif.mon_id 
_struct_ref_seq_dif.pdbx_pdb_strand_id 
_struct_ref_seq_dif.seq_num 
_struct_ref_seq_dif.pdbx_pdb_ins_code 
_struct_ref_seq_dif.pdbx_seq_db_name 
_struct_ref_seq_dif.pdbx_seq_db_accession_code 
_struct_ref_seq_dif.db_mon_id 
_struct_ref_seq_dif.pdbx_seq_db_seq_num 
_struct_ref_seq_dif.details 
_struct_ref_seq_dif.pdbx_auth_seq_num 
_struct_ref_seq_dif.pdbx_ordinal 
1 2J9W HIS A 1 ? UNP Q7T0W4 ? ? 'expression tag' 120 1 
1 2J9W HIS A 2 ? UNP Q7T0W4 ? ? 'expression tag' 121 2 
1 2J9W MET A 3 ? UNP Q7T0W4 ? ? 'expression tag' 122 3 
2 2J9W HIS B 1 ? UNP Q7T0W4 ? ? 'expression tag' 120 4 
2 2J9W HIS B 2 ? UNP Q7T0W4 ? ? 'expression tag' 121 5 
2 2J9W MET B 3 ? UNP Q7T0W4 ? ? 'expression tag' 122 6 
# 
loop_
_pdbx_struct_assembly.id 
_pdbx_struct_assembly.details 
_pdbx_struct_assembly.method_details 
_pdbx_struct_assembly.oligomeric_details 
_pdbx_struct_assembly.oligomeric_count 
1 author_and_software_defined_assembly PISA monomeric 1 
2 author_and_software_defined_assembly PISA monomeric 1 
# 
loop_
_pdbx_struct_assembly_gen.assembly_id 
_pdbx_struct_assembly_gen.oper_expression 
_pdbx_struct_assembly_gen.asym_id_list 
1 1 A,C 
2 1 B,D 
# 
_pdbx_struct_oper_list.id                   1 
_pdbx_struct_oper_list.type                 'identity operation' 
_pdbx_struct_oper_list.name                 1_555 
_pdbx_struct_oper_list.symmetry_operation   x,y,z 
_pdbx_struct_oper_list.matrix[1][1]         1.0000000000 
_pdbx_struct_oper_list.matrix[1][2]         0.0000000000 
_pdbx_struct_oper_list.matrix[1][3]         0.0000000000 
_pdbx_struct_oper_list.vector[1]            0.0000000000 
_pdbx_struct_oper_list.matrix[2][1]         0.0000000000 
_pdbx_struct_oper_list.matrix[2][2]         1.0000000000 
_pdbx_struct_oper_list.matrix[2][3]         0.0000000000 
_pdbx_struct_oper_list.vector[2]            0.0000000000 
_pdbx_struct_oper_list.matrix[3][1]         0.0000000000 
_pdbx_struct_oper_list.matrix[3][2]         0.0000000000 
_pdbx_struct_oper_list.matrix[3][3]         1.0000000000 
_pdbx_struct_oper_list.vector[3]            0.0000000000 
# 
_struct_biol.id   1 
# 
loop_
_struct_conf.conf_type_id 
_struct_conf.id 
_struct_conf.pdbx_PDB_helix_id 
_struct_conf.beg_label_comp_id 
_struct_conf.beg_label_asym_id 
_struct_conf.beg_label_seq_id 
_struct_conf.pdbx_beg_PDB_ins_code 
_struct_conf.end_label_comp_id 
_struct_conf.end_label_asym_id 
_struct_conf.end_label_seq_id 
_struct_conf.pdbx_end_PDB_ins_code 
_struct_conf.beg_auth_comp_id 
_struct_conf.beg_auth_asym_id 
_struct_conf.beg_auth_seq_id 
_struct_conf.end_auth_comp_id 
_struct_conf.end_auth_asym_id 
_struct_conf.end_auth_seq_id 
_struct_conf.pdbx_PDB_helix_class 
_struct_conf.details 
_struct_conf.pdbx_PDB_helix_length 
HELX_P HELX_P1 1 GLY A 4  ? LEU A 26  ? GLY A 123 LEU A 145 1 ? 23 
HELX_P HELX_P2 2 ALA A 30 ? MET A 48  ? ALA A 149 MET A 167 1 ? 19 
HELX_P HELX_P3 3 PHE A 55 ? SER A 70  ? PHE A 174 SER A 189 1 ? 16 
HELX_P HELX_P4 4 ASP A 78 ? HIS A 101 ? ASP A 197 HIS A 220 1 ? 24 
HELX_P HELX_P5 5 GLY B 4  ? LEU B 26  ? GLY B 123 LEU B 145 1 ? 23 
HELX_P HELX_P6 6 ALA B 30 ? MET B 48  ? ALA B 149 MET B 167 1 ? 19 
HELX_P HELX_P7 7 GLY B 57 ? SER B 70  ? GLY B 176 SER B 189 1 ? 14 
HELX_P HELX_P8 8 ASP B 78 ? HIS B 101 ? ASP B 197 HIS B 220 1 ? 24 
# 
_struct_conf_type.id          HELX_P 
_struct_conf_type.criteria    ? 
_struct_conf_type.reference   ? 
# 
_pdbx_validate_close_contact.id               1 
_pdbx_validate_close_contact.PDB_model_num    1 
_pdbx_validate_close_contact.auth_atom_id_1   CG 
_pdbx_validate_close_contact.auth_asym_id_1   B 
_pdbx_validate_close_contact.auth_comp_id_1   MET 
_pdbx_validate_close_contact.auth_seq_id_1    161 
_pdbx_validate_close_contact.PDB_ins_code_1   ? 
_pdbx_validate_close_contact.label_alt_id_1   ? 
_pdbx_validate_close_contact.auth_atom_id_2   O 
_pdbx_validate_close_contact.auth_asym_id_2   B 
_pdbx_validate_close_contact.auth_comp_id_2   HOH 
_pdbx_validate_close_contact.auth_seq_id_2    2027 
_pdbx_validate_close_contact.PDB_ins_code_2   ? 
_pdbx_validate_close_contact.label_alt_id_2   ? 
_pdbx_validate_close_contact.dist             2.04 
# 
_pdbx_validate_symm_contact.id                1 
_pdbx_validate_symm_contact.PDB_model_num     1 
_pdbx_validate_symm_contact.auth_atom_id_1    O 
_pdbx_validate_symm_contact.auth_asym_id_1    A 
_pdbx_validate_symm_contact.auth_comp_id_1    HOH 
_pdbx_validate_symm_contact.auth_seq_id_1     2041 
_pdbx_validate_symm_contact.PDB_ins_code_1    ? 
_pdbx_validate_symm_contact.label_alt_id_1    ? 
_pdbx_validate_symm_contact.site_symmetry_1   1_555 
_pdbx_validate_symm_contact.auth_atom_id_2    O 
_pdbx_validate_symm_contact.auth_asym_id_2    B 
_pdbx_validate_symm_contact.auth_comp_id_2    HOH 
_pdbx_validate_symm_contact.auth_seq_id_2     2027 
_pdbx_validate_symm_contact.PDB_ins_code_2    ? 
_pdbx_validate_symm_contact.label_alt_id_2    ? 
_pdbx_validate_symm_contact.site_symmetry_2   2_657 
_pdbx_validate_symm_contact.dist              2.19 
# 
_pdbx_validate_torsion.id              1 
_pdbx_validate_torsion.PDB_model_num   1 
_pdbx_validate_torsion.auth_comp_id    ARG 
_pdbx_validate_torsion.auth_asym_id    B 
_pdbx_validate_torsion.auth_seq_id     148 
_pdbx_validate_torsion.PDB_ins_code    ? 
_pdbx_validate_torsion.label_alt_id    ? 
_pdbx_validate_torsion.phi             -140.63 
_pdbx_validate_torsion.psi             -7.76 
# 
loop_
_pdbx_refine_tls.pdbx_refine_id 
_pdbx_refine_tls.id 
_pdbx_refine_tls.details 
_pdbx_refine_tls.method 
_pdbx_refine_tls.origin_x 
_pdbx_refine_tls.origin_y 
_pdbx_refine_tls.origin_z 
_pdbx_refine_tls.T[1][1] 
_pdbx_refine_tls.T[2][2] 
_pdbx_refine_tls.T[3][3] 
_pdbx_refine_tls.T[1][2] 
_pdbx_refine_tls.T[1][3] 
_pdbx_refine_tls.T[2][3] 
_pdbx_refine_tls.L[1][1] 
_pdbx_refine_tls.L[2][2] 
_pdbx_refine_tls.L[3][3] 
_pdbx_refine_tls.L[1][2] 
_pdbx_refine_tls.L[1][3] 
_pdbx_refine_tls.L[2][3] 
_pdbx_refine_tls.S[1][1] 
_pdbx_refine_tls.S[1][2] 
_pdbx_refine_tls.S[1][3] 
_pdbx_refine_tls.S[2][1] 
_pdbx_refine_tls.S[2][2] 
_pdbx_refine_tls.S[2][3] 
_pdbx_refine_tls.S[3][1] 
_pdbx_refine_tls.S[3][2] 
_pdbx_refine_tls.S[3][3] 
'X-RAY DIFFRACTION' 1 ? refined -10.9183 -1.3154 16.0404 0.1245 0.1053 0.1037 0.0034  0.0081  0.0082  17.6713 1.5892 1.3776 5.0252  1.3705  -0.0615 0.0163  -0.1699 0.1668  0.0518  -0.0404 0.3009  -0.0572 -0.1454 0.0240  
'X-RAY DIFFRACTION' 2 ? refined 0.9879   3.8908  4.0493  0.0387 0.0459 0.0568 0.0011  -0.0095 -0.0053 1.9720  2.4956 5.2971 1.3317  -2.0542 -2.1407 0.0101  0.0480  0.0675  0.0308  0.0533  0.0804  -0.0201 -0.1764 -0.0634 
'X-RAY DIFFRACTION' 3 ? refined 6.7593   13.0006 -8.3901 0.0655 0.0908 0.0721 0.0036  0.0008  0.0107  2.1418  8.9033 2.3785 1.0316  0.1170  2.9588  -0.0241 0.2257  -0.1333 -0.2556 0.0334  -0.1353 0.1693  0.0146  -0.0092 
'X-RAY DIFFRACTION' 4 ? refined 3.5005   13.1224 6.1837  0.0320 0.0545 0.0659 0.0013  0.0025  -0.0096 1.1362  4.9089 4.4528 0.3794  -1.1204 -3.4443 0.0065  -0.0080 0.0460  0.0572  0.0166  0.0393  -0.0778 -0.0556 -0.0231 
'X-RAY DIFFRACTION' 5 ? refined 6.5333   3.3878  17.9295 0.1255 0.1048 0.0920 -0.0026 0.0049  0.0020  3.4908  1.6334 1.9218 1.1620  -1.3152 0.5919  0.0056  -0.1724 -0.0503 0.1140  -0.0377 -0.2043 0.0305  0.1998  0.0321  
'X-RAY DIFFRACTION' 6 ? refined 13.6351  5.3142  10.6703 0.0611 0.0687 0.0729 -0.0015 -0.0095 -0.0076 2.4505  9.9306 5.5059 1.1200  2.9569  -2.9209 -0.0324 -0.0642 -0.1908 0.0129  -0.0271 -0.3728 0.1727  0.3359  0.0596  
'X-RAY DIFFRACTION' 7 ? refined 12.2080  18.6846 2.9005  0.0570 0.0608 0.0674 -0.0043 0.0033  -0.0024 0.3394  2.1307 1.4197 -0.7940 0.5102  -1.6160 -0.0407 0.0049  0.1994  0.0870  0.0001  -0.0965 -0.2454 -0.0006 0.0405  
'X-RAY DIFFRACTION' 8 ? refined 15.3134  11.0743 -5.2022 0.0352 0.0556 0.0466 -0.0018 0.0044  -0.0045 1.8100  5.7929 2.6286 0.0912  -0.1561 -1.5805 0.0259  0.1087  0.0465  -0.1203 -0.0449 -0.1014 -0.0275 0.0932  0.0192  
'X-RAY DIFFRACTION' 9 ? refined 9.5726   -2.8248 7.2567  0.0307 0.0503 0.0652 0.0090  -0.0040 -0.0150 4.4595  5.5918 6.8424 1.1691  -1.4319 -2.3325 -0.0624 -0.1395 -0.3563 0.0229  -0.0221 -0.0399 0.4230  0.0057  0.0845  
# 
loop_
_pdbx_refine_tls_group.pdbx_refine_id 
_pdbx_refine_tls_group.id 
_pdbx_refine_tls_group.refine_tls_id 
_pdbx_refine_tls_group.beg_auth_asym_id 
_pdbx_refine_tls_group.beg_auth_seq_id 
_pdbx_refine_tls_group.beg_label_asym_id 
_pdbx_refine_tls_group.beg_label_seq_id 
_pdbx_refine_tls_group.end_auth_asym_id 
_pdbx_refine_tls_group.end_auth_seq_id 
_pdbx_refine_tls_group.end_label_asym_id 
_pdbx_refine_tls_group.end_label_seq_id 
_pdbx_refine_tls_group.selection 
_pdbx_refine_tls_group.selection_details 
'X-RAY DIFFRACTION' 1 1 A 7  ? ? A 11  ? ? ? ? 
'X-RAY DIFFRACTION' 2 2 A 12 ? ? A 30  ? ? ? ? 
'X-RAY DIFFRACTION' 3 3 A 31 ? ? A 37  ? ? ? ? 
'X-RAY DIFFRACTION' 4 4 A 38 ? ? A 52  ? ? ? ? 
'X-RAY DIFFRACTION' 5 5 A 53 ? ? A 60  ? ? ? ? 
'X-RAY DIFFRACTION' 6 6 A 61 ? ? A 66  ? ? ? ? 
'X-RAY DIFFRACTION' 7 7 A 67 ? ? A 81  ? ? ? ? 
'X-RAY DIFFRACTION' 8 8 A 82 ? ? A 94  ? ? ? ? 
'X-RAY DIFFRACTION' 9 9 A 95 ? ? A 108 ? ? ? ? 
# 
loop_
_pdbx_unobs_or_zero_occ_residues.id 
_pdbx_unobs_or_zero_occ_residues.PDB_model_num 
_pdbx_unobs_or_zero_occ_residues.polymer_flag 
_pdbx_unobs_or_zero_occ_residues.occupancy_flag 
_pdbx_unobs_or_zero_occ_residues.auth_asym_id 
_pdbx_unobs_or_zero_occ_residues.auth_comp_id 
_pdbx_unobs_or_zero_occ_residues.auth_seq_id 
_pdbx_unobs_or_zero_occ_residues.PDB_ins_code 
_pdbx_unobs_or_zero_occ_residues.label_asym_id 
_pdbx_unobs_or_zero_occ_residues.label_comp_id 
_pdbx_unobs_or_zero_occ_residues.label_seq_id 
1 1 Y 1 A SER 221 ? A SER 102 
2 1 Y 1 B HIS 120 ? B HIS 1   
3 1 Y 1 B HIS 121 ? B HIS 2   
4 1 Y 1 B SER 221 ? B SER 102 
# 
loop_
_chem_comp_atom.comp_id 
_chem_comp_atom.atom_id 
_chem_comp_atom.type_symbol 
_chem_comp_atom.pdbx_aromatic_flag 
_chem_comp_atom.pdbx_stereo_config 
_chem_comp_atom.pdbx_ordinal 
ALA N    N N N 1   
ALA CA   C N S 2   
ALA C    C N N 3   
ALA O    O N N 4   
ALA CB   C N N 5   
ALA OXT  O N N 6   
ALA H    H N N 7   
ALA H2   H N N 8   
ALA HA   H N N 9   
ALA HB1  H N N 10  
ALA HB2  H N N 11  
ALA HB3  H N N 12  
ALA HXT  H N N 13  
ARG N    N N N 14  
ARG CA   C N S 15  
ARG C    C N N 16  
ARG O    O N N 17  
ARG CB   C N N 18  
ARG CG   C N N 19  
ARG CD   C N N 20  
ARG NE   N N N 21  
ARG CZ   C N N 22  
ARG NH1  N N N 23  
ARG NH2  N N N 24  
ARG OXT  O N N 25  
ARG H    H N N 26  
ARG H2   H N N 27  
ARG HA   H N N 28  
ARG HB2  H N N 29  
ARG HB3  H N N 30  
ARG HG2  H N N 31  
ARG HG3  H N N 32  
ARG HD2  H N N 33  
ARG HD3  H N N 34  
ARG HE   H N N 35  
ARG HH11 H N N 36  
ARG HH12 H N N 37  
ARG HH21 H N N 38  
ARG HH22 H N N 39  
ARG HXT  H N N 40  
ASN N    N N N 41  
ASN CA   C N S 42  
ASN C    C N N 43  
ASN O    O N N 44  
ASN CB   C N N 45  
ASN CG   C N N 46  
ASN OD1  O N N 47  
ASN ND2  N N N 48  
ASN OXT  O N N 49  
ASN H    H N N 50  
ASN H2   H N N 51  
ASN HA   H N N 52  
ASN HB2  H N N 53  
ASN HB3  H N N 54  
ASN HD21 H N N 55  
ASN HD22 H N N 56  
ASN HXT  H N N 57  
ASP N    N N N 58  
ASP CA   C N S 59  
ASP C    C N N 60  
ASP O    O N N 61  
ASP CB   C N N 62  
ASP CG   C N N 63  
ASP OD1  O N N 64  
ASP OD2  O N N 65  
ASP OXT  O N N 66  
ASP H    H N N 67  
ASP H2   H N N 68  
ASP HA   H N N 69  
ASP HB2  H N N 70  
ASP HB3  H N N 71  
ASP HD2  H N N 72  
ASP HXT  H N N 73  
CYS N    N N N 74  
CYS CA   C N R 75  
CYS C    C N N 76  
CYS O    O N N 77  
CYS CB   C N N 78  
CYS SG   S N N 79  
CYS OXT  O N N 80  
CYS H    H N N 81  
CYS H2   H N N 82  
CYS HA   H N N 83  
CYS HB2  H N N 84  
CYS HB3  H N N 85  
CYS HG   H N N 86  
CYS HXT  H N N 87  
GLN N    N N N 88  
GLN CA   C N S 89  
GLN C    C N N 90  
GLN O    O N N 91  
GLN CB   C N N 92  
GLN CG   C N N 93  
GLN CD   C N N 94  
GLN OE1  O N N 95  
GLN NE2  N N N 96  
GLN OXT  O N N 97  
GLN H    H N N 98  
GLN H2   H N N 99  
GLN HA   H N N 100 
GLN HB2  H N N 101 
GLN HB3  H N N 102 
GLN HG2  H N N 103 
GLN HG3  H N N 104 
GLN HE21 H N N 105 
GLN HE22 H N N 106 
GLN HXT  H N N 107 
GLU N    N N N 108 
GLU CA   C N S 109 
GLU C    C N N 110 
GLU O    O N N 111 
GLU CB   C N N 112 
GLU CG   C N N 113 
GLU CD   C N N 114 
GLU OE1  O N N 115 
GLU OE2  O N N 116 
GLU OXT  O N N 117 
GLU H    H N N 118 
GLU H2   H N N 119 
GLU HA   H N N 120 
GLU HB2  H N N 121 
GLU HB3  H N N 122 
GLU HG2  H N N 123 
GLU HG3  H N N 124 
GLU HE2  H N N 125 
GLU HXT  H N N 126 
GLY N    N N N 127 
GLY CA   C N N 128 
GLY C    C N N 129 
GLY O    O N N 130 
GLY OXT  O N N 131 
GLY H    H N N 132 
GLY H2   H N N 133 
GLY HA2  H N N 134 
GLY HA3  H N N 135 
GLY HXT  H N N 136 
HIS N    N N N 137 
HIS CA   C N S 138 
HIS C    C N N 139 
HIS O    O N N 140 
HIS CB   C N N 141 
HIS CG   C Y N 142 
HIS ND1  N Y N 143 
HIS CD2  C Y N 144 
HIS CE1  C Y N 145 
HIS NE2  N Y N 146 
HIS OXT  O N N 147 
HIS H    H N N 148 
HIS H2   H N N 149 
HIS HA   H N N 150 
HIS HB2  H N N 151 
HIS HB3  H N N 152 
HIS HD1  H N N 153 
HIS HD2  H N N 154 
HIS HE1  H N N 155 
HIS HE2  H N N 156 
HIS HXT  H N N 157 
HOH O    O N N 158 
HOH H1   H N N 159 
HOH H2   H N N 160 
ILE N    N N N 161 
ILE CA   C N S 162 
ILE C    C N N 163 
ILE O    O N N 164 
ILE CB   C N S 165 
ILE CG1  C N N 166 
ILE CG2  C N N 167 
ILE CD1  C N N 168 
ILE OXT  O N N 169 
ILE H    H N N 170 
ILE H2   H N N 171 
ILE HA   H N N 172 
ILE HB   H N N 173 
ILE HG12 H N N 174 
ILE HG13 H N N 175 
ILE HG21 H N N 176 
ILE HG22 H N N 177 
ILE HG23 H N N 178 
ILE HD11 H N N 179 
ILE HD12 H N N 180 
ILE HD13 H N N 181 
ILE HXT  H N N 182 
LEU N    N N N 183 
LEU CA   C N S 184 
LEU C    C N N 185 
LEU O    O N N 186 
LEU CB   C N N 187 
LEU CG   C N N 188 
LEU CD1  C N N 189 
LEU CD2  C N N 190 
LEU OXT  O N N 191 
LEU H    H N N 192 
LEU H2   H N N 193 
LEU HA   H N N 194 
LEU HB2  H N N 195 
LEU HB3  H N N 196 
LEU HG   H N N 197 
LEU HD11 H N N 198 
LEU HD12 H N N 199 
LEU HD13 H N N 200 
LEU HD21 H N N 201 
LEU HD22 H N N 202 
LEU HD23 H N N 203 
LEU HXT  H N N 204 
LYS N    N N N 205 
LYS CA   C N S 206 
LYS C    C N N 207 
LYS O    O N N 208 
LYS CB   C N N 209 
LYS CG   C N N 210 
LYS CD   C N N 211 
LYS CE   C N N 212 
LYS NZ   N N N 213 
LYS OXT  O N N 214 
LYS H    H N N 215 
LYS H2   H N N 216 
LYS HA   H N N 217 
LYS HB2  H N N 218 
LYS HB3  H N N 219 
LYS HG2  H N N 220 
LYS HG3  H N N 221 
LYS HD2  H N N 222 
LYS HD3  H N N 223 
LYS HE2  H N N 224 
LYS HE3  H N N 225 
LYS HZ1  H N N 226 
LYS HZ2  H N N 227 
LYS HZ3  H N N 228 
LYS HXT  H N N 229 
MET N    N N N 230 
MET CA   C N S 231 
MET C    C N N 232 
MET O    O N N 233 
MET CB   C N N 234 
MET CG   C N N 235 
MET SD   S N N 236 
MET CE   C N N 237 
MET OXT  O N N 238 
MET H    H N N 239 
MET H2   H N N 240 
MET HA   H N N 241 
MET HB2  H N N 242 
MET HB3  H N N 243 
MET HG2  H N N 244 
MET HG3  H N N 245 
MET HE1  H N N 246 
MET HE2  H N N 247 
MET HE3  H N N 248 
MET HXT  H N N 249 
PHE N    N N N 250 
PHE CA   C N S 251 
PHE C    C N N 252 
PHE O    O N N 253 
PHE CB   C N N 254 
PHE CG   C Y N 255 
PHE CD1  C Y N 256 
PHE CD2  C Y N 257 
PHE CE1  C Y N 258 
PHE CE2  C Y N 259 
PHE CZ   C Y N 260 
PHE OXT  O N N 261 
PHE H    H N N 262 
PHE H2   H N N 263 
PHE HA   H N N 264 
PHE HB2  H N N 265 
PHE HB3  H N N 266 
PHE HD1  H N N 267 
PHE HD2  H N N 268 
PHE HE1  H N N 269 
PHE HE2  H N N 270 
PHE HZ   H N N 271 
PHE HXT  H N N 272 
PRO N    N N N 273 
PRO CA   C N S 274 
PRO C    C N N 275 
PRO O    O N N 276 
PRO CB   C N N 277 
PRO CG   C N N 278 
PRO CD   C N N 279 
PRO OXT  O N N 280 
PRO H    H N N 281 
PRO HA   H N N 282 
PRO HB2  H N N 283 
PRO HB3  H N N 284 
PRO HG2  H N N 285 
PRO HG3  H N N 286 
PRO HD2  H N N 287 
PRO HD3  H N N 288 
PRO HXT  H N N 289 
SER N    N N N 290 
SER CA   C N S 291 
SER C    C N N 292 
SER O    O N N 293 
SER CB   C N N 294 
SER OG   O N N 295 
SER OXT  O N N 296 
SER H    H N N 297 
SER H2   H N N 298 
SER HA   H N N 299 
SER HB2  H N N 300 
SER HB3  H N N 301 
SER HG   H N N 302 
SER HXT  H N N 303 
THR N    N N N 304 
THR CA   C N S 305 
THR C    C N N 306 
THR O    O N N 307 
THR CB   C N R 308 
THR OG1  O N N 309 
THR CG2  C N N 310 
THR OXT  O N N 311 
THR H    H N N 312 
THR H2   H N N 313 
THR HA   H N N 314 
THR HB   H N N 315 
THR HG1  H N N 316 
THR HG21 H N N 317 
THR HG22 H N N 318 
THR HG23 H N N 319 
THR HXT  H N N 320 
TRP N    N N N 321 
TRP CA   C N S 322 
TRP C    C N N 323 
TRP O    O N N 324 
TRP CB   C N N 325 
TRP CG   C Y N 326 
TRP CD1  C Y N 327 
TRP CD2  C Y N 328 
TRP NE1  N Y N 329 
TRP CE2  C Y N 330 
TRP CE3  C Y N 331 
TRP CZ2  C Y N 332 
TRP CZ3  C Y N 333 
TRP CH2  C Y N 334 
TRP OXT  O N N 335 
TRP H    H N N 336 
TRP H2   H N N 337 
TRP HA   H N N 338 
TRP HB2  H N N 339 
TRP HB3  H N N 340 
TRP HD1  H N N 341 
TRP HE1  H N N 342 
TRP HE3  H N N 343 
TRP HZ2  H N N 344 
TRP HZ3  H N N 345 
TRP HH2  H N N 346 
TRP HXT  H N N 347 
TYR N    N N N 348 
TYR CA   C N S 349 
TYR C    C N N 350 
TYR O    O N N 351 
TYR CB   C N N 352 
TYR CG   C Y N 353 
TYR CD1  C Y N 354 
TYR CD2  C Y N 355 
TYR CE1  C Y N 356 
TYR CE2  C Y N 357 
TYR CZ   C Y N 358 
TYR OH   O N N 359 
TYR OXT  O N N 360 
TYR H    H N N 361 
TYR H2   H N N 362 
TYR HA   H N N 363 
TYR HB2  H N N 364 
TYR HB3  H N N 365 
TYR HD1  H N N 366 
TYR HD2  H N N 367 
TYR HE1  H N N 368 
TYR HE2  H N N 369 
TYR HH   H N N 370 
TYR HXT  H N N 371 
VAL N    N N N 372 
VAL CA   C N S 373 
VAL C    C N N 374 
VAL O    O N N 375 
VAL CB   C N N 376 
VAL CG1  C N N 377 
VAL CG2  C N N 378 
VAL OXT  O N N 379 
VAL H    H N N 380 
VAL H2   H N N 381 
VAL HA   H N N 382 
VAL HB   H N N 383 
VAL HG11 H N N 384 
VAL HG12 H N N 385 
VAL HG13 H N N 386 
VAL HG21 H N N 387 
VAL HG22 H N N 388 
VAL HG23 H N N 389 
VAL HXT  H N N 390 
# 
loop_
_chem_comp_bond.comp_id 
_chem_comp_bond.atom_id_1 
_chem_comp_bond.atom_id_2 
_chem_comp_bond.value_order 
_chem_comp_bond.pdbx_aromatic_flag 
_chem_comp_bond.pdbx_stereo_config 
_chem_comp_bond.pdbx_ordinal 
ALA N   CA   sing N N 1   
ALA N   H    sing N N 2   
ALA N   H2   sing N N 3   
ALA CA  C    sing N N 4   
ALA CA  CB   sing N N 5   
ALA CA  HA   sing N N 6   
ALA C   O    doub N N 7   
ALA C   OXT  sing N N 8   
ALA CB  HB1  sing N N 9   
ALA CB  HB2  sing N N 10  
ALA CB  HB3  sing N N 11  
ALA OXT HXT  sing N N 12  
ARG N   CA   sing N N 13  
ARG N   H    sing N N 14  
ARG N   H2   sing N N 15  
ARG CA  C    sing N N 16  
ARG CA  CB   sing N N 17  
ARG CA  HA   sing N N 18  
ARG C   O    doub N N 19  
ARG C   OXT  sing N N 20  
ARG CB  CG   sing N N 21  
ARG CB  HB2  sing N N 22  
ARG CB  HB3  sing N N 23  
ARG CG  CD   sing N N 24  
ARG CG  HG2  sing N N 25  
ARG CG  HG3  sing N N 26  
ARG CD  NE   sing N N 27  
ARG CD  HD2  sing N N 28  
ARG CD  HD3  sing N N 29  
ARG NE  CZ   sing N N 30  
ARG NE  HE   sing N N 31  
ARG CZ  NH1  sing N N 32  
ARG CZ  NH2  doub N N 33  
ARG NH1 HH11 sing N N 34  
ARG NH1 HH12 sing N N 35  
ARG NH2 HH21 sing N N 36  
ARG NH2 HH22 sing N N 37  
ARG OXT HXT  sing N N 38  
ASN N   CA   sing N N 39  
ASN N   H    sing N N 40  
ASN N   H2   sing N N 41  
ASN CA  C    sing N N 42  
ASN CA  CB   sing N N 43  
ASN CA  HA   sing N N 44  
ASN C   O    doub N N 45  
ASN C   OXT  sing N N 46  
ASN CB  CG   sing N N 47  
ASN CB  HB2  sing N N 48  
ASN CB  HB3  sing N N 49  
ASN CG  OD1  doub N N 50  
ASN CG  ND2  sing N N 51  
ASN ND2 HD21 sing N N 52  
ASN ND2 HD22 sing N N 53  
ASN OXT HXT  sing N N 54  
ASP N   CA   sing N N 55  
ASP N   H    sing N N 56  
ASP N   H2   sing N N 57  
ASP CA  C    sing N N 58  
ASP CA  CB   sing N N 59  
ASP CA  HA   sing N N 60  
ASP C   O    doub N N 61  
ASP C   OXT  sing N N 62  
ASP CB  CG   sing N N 63  
ASP CB  HB2  sing N N 64  
ASP CB  HB3  sing N N 65  
ASP CG  OD1  doub N N 66  
ASP CG  OD2  sing N N 67  
ASP OD2 HD2  sing N N 68  
ASP OXT HXT  sing N N 69  
CYS N   CA   sing N N 70  
CYS N   H    sing N N 71  
CYS N   H2   sing N N 72  
CYS CA  C    sing N N 73  
CYS CA  CB   sing N N 74  
CYS CA  HA   sing N N 75  
CYS C   O    doub N N 76  
CYS C   OXT  sing N N 77  
CYS CB  SG   sing N N 78  
CYS CB  HB2  sing N N 79  
CYS CB  HB3  sing N N 80  
CYS SG  HG   sing N N 81  
CYS OXT HXT  sing N N 82  
GLN N   CA   sing N N 83  
GLN N   H    sing N N 84  
GLN N   H2   sing N N 85  
GLN CA  C    sing N N 86  
GLN CA  CB   sing N N 87  
GLN CA  HA   sing N N 88  
GLN C   O    doub N N 89  
GLN C   OXT  sing N N 90  
GLN CB  CG   sing N N 91  
GLN CB  HB2  sing N N 92  
GLN CB  HB3  sing N N 93  
GLN CG  CD   sing N N 94  
GLN CG  HG2  sing N N 95  
GLN CG  HG3  sing N N 96  
GLN CD  OE1  doub N N 97  
GLN CD  NE2  sing N N 98  
GLN NE2 HE21 sing N N 99  
GLN NE2 HE22 sing N N 100 
GLN OXT HXT  sing N N 101 
GLU N   CA   sing N N 102 
GLU N   H    sing N N 103 
GLU N   H2   sing N N 104 
GLU CA  C    sing N N 105 
GLU CA  CB   sing N N 106 
GLU CA  HA   sing N N 107 
GLU C   O    doub N N 108 
GLU C   OXT  sing N N 109 
GLU CB  CG   sing N N 110 
GLU CB  HB2  sing N N 111 
GLU CB  HB3  sing N N 112 
GLU CG  CD   sing N N 113 
GLU CG  HG2  sing N N 114 
GLU CG  HG3  sing N N 115 
GLU CD  OE1  doub N N 116 
GLU CD  OE2  sing N N 117 
GLU OE2 HE2  sing N N 118 
GLU OXT HXT  sing N N 119 
GLY N   CA   sing N N 120 
GLY N   H    sing N N 121 
GLY N   H2   sing N N 122 
GLY CA  C    sing N N 123 
GLY CA  HA2  sing N N 124 
GLY CA  HA3  sing N N 125 
GLY C   O    doub N N 126 
GLY C   OXT  sing N N 127 
GLY OXT HXT  sing N N 128 
HIS N   CA   sing N N 129 
HIS N   H    sing N N 130 
HIS N   H2   sing N N 131 
HIS CA  C    sing N N 132 
HIS CA  CB   sing N N 133 
HIS CA  HA   sing N N 134 
HIS C   O    doub N N 135 
HIS C   OXT  sing N N 136 
HIS CB  CG   sing N N 137 
HIS CB  HB2  sing N N 138 
HIS CB  HB3  sing N N 139 
HIS CG  ND1  sing Y N 140 
HIS CG  CD2  doub Y N 141 
HIS ND1 CE1  doub Y N 142 
HIS ND1 HD1  sing N N 143 
HIS CD2 NE2  sing Y N 144 
HIS CD2 HD2  sing N N 145 
HIS CE1 NE2  sing Y N 146 
HIS CE1 HE1  sing N N 147 
HIS NE2 HE2  sing N N 148 
HIS OXT HXT  sing N N 149 
HOH O   H1   sing N N 150 
HOH O   H2   sing N N 151 
ILE N   CA   sing N N 152 
ILE N   H    sing N N 153 
ILE N   H2   sing N N 154 
ILE CA  C    sing N N 155 
ILE CA  CB   sing N N 156 
ILE CA  HA   sing N N 157 
ILE C   O    doub N N 158 
ILE C   OXT  sing N N 159 
ILE CB  CG1  sing N N 160 
ILE CB  CG2  sing N N 161 
ILE CB  HB   sing N N 162 
ILE CG1 CD1  sing N N 163 
ILE CG1 HG12 sing N N 164 
ILE CG1 HG13 sing N N 165 
ILE CG2 HG21 sing N N 166 
ILE CG2 HG22 sing N N 167 
ILE CG2 HG23 sing N N 168 
ILE CD1 HD11 sing N N 169 
ILE CD1 HD12 sing N N 170 
ILE CD1 HD13 sing N N 171 
ILE OXT HXT  sing N N 172 
LEU N   CA   sing N N 173 
LEU N   H    sing N N 174 
LEU N   H2   sing N N 175 
LEU CA  C    sing N N 176 
LEU CA  CB   sing N N 177 
LEU CA  HA   sing N N 178 
LEU C   O    doub N N 179 
LEU C   OXT  sing N N 180 
LEU CB  CG   sing N N 181 
LEU CB  HB2  sing N N 182 
LEU CB  HB3  sing N N 183 
LEU CG  CD1  sing N N 184 
LEU CG  CD2  sing N N 185 
LEU CG  HG   sing N N 186 
LEU CD1 HD11 sing N N 187 
LEU CD1 HD12 sing N N 188 
LEU CD1 HD13 sing N N 189 
LEU CD2 HD21 sing N N 190 
LEU CD2 HD22 sing N N 191 
LEU CD2 HD23 sing N N 192 
LEU OXT HXT  sing N N 193 
LYS N   CA   sing N N 194 
LYS N   H    sing N N 195 
LYS N   H2   sing N N 196 
LYS CA  C    sing N N 197 
LYS CA  CB   sing N N 198 
LYS CA  HA   sing N N 199 
LYS C   O    doub N N 200 
LYS C   OXT  sing N N 201 
LYS CB  CG   sing N N 202 
LYS CB  HB2  sing N N 203 
LYS CB  HB3  sing N N 204 
LYS CG  CD   sing N N 205 
LYS CG  HG2  sing N N 206 
LYS CG  HG3  sing N N 207 
LYS CD  CE   sing N N 208 
LYS CD  HD2  sing N N 209 
LYS CD  HD3  sing N N 210 
LYS CE  NZ   sing N N 211 
LYS CE  HE2  sing N N 212 
LYS CE  HE3  sing N N 213 
LYS NZ  HZ1  sing N N 214 
LYS NZ  HZ2  sing N N 215 
LYS NZ  HZ3  sing N N 216 
LYS OXT HXT  sing N N 217 
MET N   CA   sing N N 218 
MET N   H    sing N N 219 
MET N   H2   sing N N 220 
MET CA  C    sing N N 221 
MET CA  CB   sing N N 222 
MET CA  HA   sing N N 223 
MET C   O    doub N N 224 
MET C   OXT  sing N N 225 
MET CB  CG   sing N N 226 
MET CB  HB2  sing N N 227 
MET CB  HB3  sing N N 228 
MET CG  SD   sing N N 229 
MET CG  HG2  sing N N 230 
MET CG  HG3  sing N N 231 
MET SD  CE   sing N N 232 
MET CE  HE1  sing N N 233 
MET CE  HE2  sing N N 234 
MET CE  HE3  sing N N 235 
MET OXT HXT  sing N N 236 
PHE N   CA   sing N N 237 
PHE N   H    sing N N 238 
PHE N   H2   sing N N 239 
PHE CA  C    sing N N 240 
PHE CA  CB   sing N N 241 
PHE CA  HA   sing N N 242 
PHE C   O    doub N N 243 
PHE C   OXT  sing N N 244 
PHE CB  CG   sing N N 245 
PHE CB  HB2  sing N N 246 
PHE CB  HB3  sing N N 247 
PHE CG  CD1  doub Y N 248 
PHE CG  CD2  sing Y N 249 
PHE CD1 CE1  sing Y N 250 
PHE CD1 HD1  sing N N 251 
PHE CD2 CE2  doub Y N 252 
PHE CD2 HD2  sing N N 253 
PHE CE1 CZ   doub Y N 254 
PHE CE1 HE1  sing N N 255 
PHE CE2 CZ   sing Y N 256 
PHE CE2 HE2  sing N N 257 
PHE CZ  HZ   sing N N 258 
PHE OXT HXT  sing N N 259 
PRO N   CA   sing N N 260 
PRO N   CD   sing N N 261 
PRO N   H    sing N N 262 
PRO CA  C    sing N N 263 
PRO CA  CB   sing N N 264 
PRO CA  HA   sing N N 265 
PRO C   O    doub N N 266 
PRO C   OXT  sing N N 267 
PRO CB  CG   sing N N 268 
PRO CB  HB2  sing N N 269 
PRO CB  HB3  sing N N 270 
PRO CG  CD   sing N N 271 
PRO CG  HG2  sing N N 272 
PRO CG  HG3  sing N N 273 
PRO CD  HD2  sing N N 274 
PRO CD  HD3  sing N N 275 
PRO OXT HXT  sing N N 276 
SER N   CA   sing N N 277 
SER N   H    sing N N 278 
SER N   H2   sing N N 279 
SER CA  C    sing N N 280 
SER CA  CB   sing N N 281 
SER CA  HA   sing N N 282 
SER C   O    doub N N 283 
SER C   OXT  sing N N 284 
SER CB  OG   sing N N 285 
SER CB  HB2  sing N N 286 
SER CB  HB3  sing N N 287 
SER OG  HG   sing N N 288 
SER OXT HXT  sing N N 289 
THR N   CA   sing N N 290 
THR N   H    sing N N 291 
THR N   H2   sing N N 292 
THR CA  C    sing N N 293 
THR CA  CB   sing N N 294 
THR CA  HA   sing N N 295 
THR C   O    doub N N 296 
THR C   OXT  sing N N 297 
THR CB  OG1  sing N N 298 
THR CB  CG2  sing N N 299 
THR CB  HB   sing N N 300 
THR OG1 HG1  sing N N 301 
THR CG2 HG21 sing N N 302 
THR CG2 HG22 sing N N 303 
THR CG2 HG23 sing N N 304 
THR OXT HXT  sing N N 305 
TRP N   CA   sing N N 306 
TRP N   H    sing N N 307 
TRP N   H2   sing N N 308 
TRP CA  C    sing N N 309 
TRP CA  CB   sing N N 310 
TRP CA  HA   sing N N 311 
TRP C   O    doub N N 312 
TRP C   OXT  sing N N 313 
TRP CB  CG   sing N N 314 
TRP CB  HB2  sing N N 315 
TRP CB  HB3  sing N N 316 
TRP CG  CD1  doub Y N 317 
TRP CG  CD2  sing Y N 318 
TRP CD1 NE1  sing Y N 319 
TRP CD1 HD1  sing N N 320 
TRP CD2 CE2  doub Y N 321 
TRP CD2 CE3  sing Y N 322 
TRP NE1 CE2  sing Y N 323 
TRP NE1 HE1  sing N N 324 
TRP CE2 CZ2  sing Y N 325 
TRP CE3 CZ3  doub Y N 326 
TRP CE3 HE3  sing N N 327 
TRP CZ2 CH2  doub Y N 328 
TRP CZ2 HZ2  sing N N 329 
TRP CZ3 CH2  sing Y N 330 
TRP CZ3 HZ3  sing N N 331 
TRP CH2 HH2  sing N N 332 
TRP OXT HXT  sing N N 333 
TYR N   CA   sing N N 334 
TYR N   H    sing N N 335 
TYR N   H2   sing N N 336 
TYR CA  C    sing N N 337 
TYR CA  CB   sing N N 338 
TYR CA  HA   sing N N 339 
TYR C   O    doub N N 340 
TYR C   OXT  sing N N 341 
TYR CB  CG   sing N N 342 
TYR CB  HB2  sing N N 343 
TYR CB  HB3  sing N N 344 
TYR CG  CD1  doub Y N 345 
TYR CG  CD2  sing Y N 346 
TYR CD1 CE1  sing Y N 347 
TYR CD1 HD1  sing N N 348 
TYR CD2 CE2  doub Y N 349 
TYR CD2 HD2  sing N N 350 
TYR CE1 CZ   doub Y N 351 
TYR CE1 HE1  sing N N 352 
TYR CE2 CZ   sing Y N 353 
TYR CE2 HE2  sing N N 354 
TYR CZ  OH   sing N N 355 
TYR OH  HH   sing N N 356 
TYR OXT HXT  sing N N 357 
VAL N   CA   sing N N 358 
VAL N   H    sing N N 359 
VAL N   H2   sing N N 360 
VAL CA  C    sing N N 361 
VAL CA  CB   sing N N 362 
VAL CA  HA   sing N N 363 
VAL C   O    doub N N 364 
VAL C   OXT  sing N N 365 
VAL CB  CG1  sing N N 366 
VAL CB  CG2  sing N N 367 
VAL CB  HB   sing N N 368 
VAL CG1 HG11 sing N N 369 
VAL CG1 HG12 sing N N 370 
VAL CG1 HG13 sing N N 371 
VAL CG2 HG21 sing N N 372 
VAL CG2 HG22 sing N N 373 
VAL CG2 HG23 sing N N 374 
VAL OXT HXT  sing N N 375 
# 
_pdbx_initial_refinement_model.accession_code   ? 
_pdbx_initial_refinement_model.id               1 
_pdbx_initial_refinement_model.entity_id_list   ? 
_pdbx_initial_refinement_model.type             'experimental model' 
_pdbx_initial_refinement_model.source_name      Other 
_pdbx_initial_refinement_model.details          'SE DATASET FROM SEMET SUBSTITUTED CRYSTAL' 
# 
_atom_sites.entry_id                    2J9W 
_atom_sites.fract_transf_matrix[1][1]   -0.02345672 
_atom_sites.fract_transf_matrix[1][2]   0.03064714 
_atom_sites.fract_transf_matrix[1][3]   0.00144607 
_atom_sites.fract_transf_matrix[2][1]   0.00884835 
_atom_sites.fract_transf_matrix[2][2]   0.00673627 
_atom_sites.fract_transf_matrix[2][3]   0.00076483 
_atom_sites.fract_transf_matrix[3][1]   -0.00056215 
_atom_sites.fract_transf_matrix[3][2]   0.00353184 
_atom_sites.fract_transf_matrix[3][3]   -0.02460344 
_atom_sites.fract_transf_vector[1]      0.538524 
_atom_sites.fract_transf_vector[2]      0.189445 
_atom_sites.fract_transf_vector[3]      1.103398 
# 
loop_
_atom_type.symbol 
C 
N 
O 
S 
# 
loop_
_atom_site.group_PDB 
_atom_site.id 
_atom_site.type_symbol 
_atom_site.label_atom_id 
_atom_site.label_alt_id 
_atom_site.label_comp_id 
_atom_site.label_asym_id 
_atom_site.label_entity_id 
_atom_site.label_seq_id 
_atom_site.pdbx_PDB_ins_code 
_atom_site.Cartn_x 
_atom_site.Cartn_y 
_atom_site.Cartn_z 
_atom_site.occupancy 
_atom_site.B_iso_or_equiv 
_atom_site.pdbx_formal_charge 
_atom_site.auth_seq_id 
_atom_site.auth_comp_id 
_atom_site.auth_asym_id 
_atom_site.auth_atom_id 
_atom_site.pdbx_PDB_model_num 
ATOM   1    N N   . HIS A 1 1   ? -18.096 -4.988  16.098  1.00 23.98 ? 120  HIS A N   1 
ATOM   2    C CA  . HIS A 1 1   ? -16.800 -4.823  15.405  1.00 23.53 ? 120  HIS A CA  1 
ATOM   3    C C   . HIS A 1 1   ? -16.211 -3.455  15.747  1.00 23.12 ? 120  HIS A C   1 
ATOM   4    O O   . HIS A 1 1   ? -16.914 -2.442  15.711  1.00 23.87 ? 120  HIS A O   1 
ATOM   5    C CB  . HIS A 1 1   ? -16.991 -4.981  13.900  1.00 24.01 ? 120  HIS A CB  1 
ATOM   6    C CG  . HIS A 1 1   ? -15.848 -4.445  13.103  1.00 24.19 ? 120  HIS A CG  1 
ATOM   7    N ND1 . HIS A 1 1   ? -14.673 -5.140  12.936  1.00 27.44 ? 120  HIS A ND1 1 
ATOM   8    C CD2 . HIS A 1 1   ? -15.680 -3.257  12.476  1.00 25.91 ? 120  HIS A CD2 1 
ATOM   9    C CE1 . HIS A 1 1   ? -13.839 -4.413  12.218  1.00 24.75 ? 120  HIS A CE1 1 
ATOM   10   N NE2 . HIS A 1 1   ? -14.426 -3.267  11.925  1.00 25.58 ? 120  HIS A NE2 1 
ATOM   11   N N   . HIS A 1 2   ? -14.918 -3.435  16.073  1.00 22.30 ? 121  HIS A N   1 
ATOM   12   C CA  . HIS A 1 2   ? -14.215 -2.222  16.487  1.00 22.93 ? 121  HIS A CA  1 
ATOM   13   C C   . HIS A 1 2   ? -12.744 -2.469  16.271  1.00 22.45 ? 121  HIS A C   1 
ATOM   14   O O   . HIS A 1 2   ? -12.221 -3.433  16.805  1.00 23.12 ? 121  HIS A O   1 
ATOM   15   C CB  . HIS A 1 2   ? -14.450 -1.944  17.995  1.00 24.09 ? 121  HIS A CB  1 
ATOM   16   C CG  . HIS A 1 2   ? -13.276 -1.307  18.690  1.00 25.97 ? 121  HIS A CG  1 
ATOM   17   N ND1 . HIS A 1 2   ? -13.089 0.058   18.737  1.00 29.68 ? 121  HIS A ND1 1 
ATOM   18   C CD2 . HIS A 1 2   ? -12.232 -1.853  19.363  1.00 27.20 ? 121  HIS A CD2 1 
ATOM   19   C CE1 . HIS A 1 2   ? -11.974 0.326   19.397  1.00 31.14 ? 121  HIS A CE1 1 
ATOM   20   N NE2 . HIS A 1 2   ? -11.428 -0.817  19.776  1.00 31.00 ? 121  HIS A NE2 1 
ATOM   21   N N   . MET A 1 3   ? -12.067 -1.616  15.500  1.00 20.63 ? 122  MET A N   1 
ATOM   22   C CA  . MET A 1 3   ? -10.631 -1.800  15.273  1.00 19.94 ? 122  MET A CA  1 
ATOM   23   C C   . MET A 1 3   ? -9.837  -0.854  16.149  1.00 19.49 ? 122  MET A C   1 
ATOM   24   O O   . MET A 1 3   ? -10.170 0.324   16.249  1.00 19.72 ? 122  MET A O   1 
ATOM   25   C CB  . MET A 1 3   ? -10.287 -1.577  13.801  1.00 20.35 ? 122  MET A CB  1 
ATOM   26   C CG  . MET A 1 3   ? -8.928  -2.141  13.297  1.00 21.56 ? 122  MET A CG  1 
ATOM   27   S SD  . MET A 1 3   ? -8.765  -3.938  13.310  1.00 23.92 ? 122  MET A SD  1 
ATOM   28   C CE  . MET A 1 3   ? -10.499 -4.466  13.201  1.00 22.34 ? 122  MET A CE  1 
ATOM   29   N N   . GLY A 1 4   ? -8.781  -1.381  16.762  1.00 17.84 ? 123  GLY A N   1 
ATOM   30   C CA  . GLY A 1 4   ? -7.894  -0.630  17.645  1.00 18.77 ? 123  GLY A CA  1 
ATOM   31   C C   . GLY A 1 4   ? -6.921  0.299   16.944  1.00 19.73 ? 123  GLY A C   1 
ATOM   32   O O   . GLY A 1 4   ? -6.714  0.212   15.711  1.00 19.49 ? 123  GLY A O   1 
ATOM   33   N N   . ASN A 1 5   ? -6.305  1.172   17.743  1.00 18.67 ? 124  ASN A N   1 
ATOM   34   C CA  . ASN A 1 5   ? -5.314  2.125   17.270  1.00 18.48 ? 124  ASN A CA  1 
ATOM   35   C C   . ASN A 1 5   ? -4.143  1.479   16.540  1.00 16.44 ? 124  ASN A C   1 
ATOM   36   O O   . ASN A 1 5   ? -3.753  1.972   15.466  1.00 15.61 ? 124  ASN A O   1 
ATOM   37   C CB  . ASN A 1 5   ? -4.762  2.995   18.419  1.00 19.51 ? 124  ASN A CB  1 
ATOM   38   C CG  . ASN A 1 5   ? -3.748  4.047   17.912  1.00 22.97 ? 124  ASN A CG  1 
ATOM   39   O OD1 . ASN A 1 5   ? -4.099  4.928   17.126  1.00 25.89 ? 124  ASN A OD1 1 
ATOM   40   N ND2 . ASN A 1 5   ? -2.489  3.924   18.326  1.00 26.30 ? 124  ASN A ND2 1 
ATOM   41   N N   . LEU A 1 6   ? -3.545  0.430   17.100  1.00 15.20 ? 125  LEU A N   1 
ATOM   42   C CA  . LEU A 1 6   ? -2.379  -0.167  16.487  1.00 14.54 ? 125  LEU A CA  1 
ATOM   43   C C   . LEU A 1 6   ? -2.654  -0.639  15.050  1.00 13.36 ? 125  LEU A C   1 
ATOM   44   O O   . LEU A 1 6   ? -1.874  -0.359  14.130  1.00 12.24 ? 125  LEU A O   1 
ATOM   45   C CB  . LEU A 1 6   ? -1.835  -1.318  17.326  1.00 15.00 ? 125  LEU A CB  1 
ATOM   46   C CG  . LEU A 1 6   ? -0.760  -2.230  16.732  1.00 15.24 ? 125  LEU A CG  1 
ATOM   47   C CD1 . LEU A 1 6   ? 0.502   -1.476  16.385  1.00 18.52 ? 125  LEU A CD1 1 
ATOM   48   C CD2 . LEU A 1 6   ? -0.441  -3.391  17.692  1.00 17.29 ? 125  LEU A CD2 1 
ATOM   49   N N   . ASN A 1 7   ? -3.728  -1.382  14.843  1.00 12.52 ? 126  ASN A N   1 
ATOM   50   C CA  . ASN A 1 7   ? -4.029  -1.897  13.511  1.00 11.42 ? 126  ASN A CA  1 
ATOM   51   C C   . ASN A 1 7   ? -4.386  -0.808  12.527  1.00 11.24 ? 126  ASN A C   1 
ATOM   52   O O   . ASN A 1 7   ? -4.015  -0.895  11.355  1.00 11.41 ? 126  ASN A O   1 
ATOM   53   C CB  . ASN A 1 7   ? -5.118  -2.963  13.586  1.00 12.47 ? 126  ASN A CB  1 
ATOM   54   C CG  . ASN A 1 7   ? -4.583  -4.265  14.108  1.00 12.70 ? 126  ASN A CG  1 
ATOM   55   O OD1 . ASN A 1 7   ? -3.461  -4.661  13.790  1.00 12.38 ? 126  ASN A OD1 1 
ATOM   56   N ND2 . ASN A 1 7   ? -5.416  -4.988  14.856  1.00 15.06 ? 126  ASN A ND2 1 
ATOM   57   N N   . ARG A 1 8   ? -5.062  0.234   12.972  1.00 11.72 ? 127  ARG A N   1 
ATOM   58   C CA  . ARG A 1 8   ? -5.332  1.422   12.138  1.00 12.05 ? 127  ARG A CA  1 
ATOM   59   C C   . ARG A 1 8   ? -4.013  2.076   11.750  1.00 12.97 ? 127  ARG A C   1 
ATOM   60   O O   . ARG A 1 8   ? -3.834  2.459   10.570  1.00 12.83 ? 127  ARG A O   1 
ATOM   61   C CB  . ARG A 1 8   ? -6.216  2.434   12.858  1.00 12.50 ? 127  ARG A CB  1 
ATOM   62   C CG  . ARG A 1 8   ? -7.638  1.975   13.029  1.00 17.10 ? 127  ARG A CG  1 
ATOM   63   C CD  . ARG A 1 8   ? -8.454  2.999   13.788  1.00 21.05 ? 127  ARG A CD  1 
ATOM   64   N NE  . ARG A 1 8   ? -9.663  2.360   14.308  1.00 25.89 ? 127  ARG A NE  1 
ATOM   65   C CZ  . ARG A 1 8   ? -10.871 2.909   14.324  1.00 28.78 ? 127  ARG A CZ  1 
ATOM   66   N NH1 . ARG A 1 8   ? -11.065 4.135   13.835  1.00 29.60 ? 127  ARG A NH1 1 
ATOM   67   N NH2 . ARG A 1 8   ? -11.891 2.215   14.819  1.00 30.16 ? 127  ARG A NH2 1 
ATOM   68   N N   . CYS A 1 9   ? -3.080  2.211   12.677  1.00 11.83 ? 128  CYS A N   1 
ATOM   69   C CA  . CYS A 1 9   ? -1.758  2.762   12.363  1.00 12.92 ? 128  CYS A CA  1 
ATOM   70   C C   . CYS A 1 9   ? -1.012  1.923   11.346  1.00 10.26 ? 128  CYS A C   1 
ATOM   71   O O   . CYS A 1 9   ? -0.405  2.468   10.394  1.00 10.08 ? 128  CYS A O   1 
ATOM   72   C CB  . CYS A 1 9   ? -0.883  2.941   13.605  1.00 12.97 ? 128  CYS A CB  1 
ATOM   73   S SG  . CYS A 1 9   ? -1.380  4.293   14.715  1.00 17.75 ? 128  CYS A SG  1 
ATOM   74   N N   . ILE A 1 10  ? -0.986  0.609   11.521  1.00 10.81 ? 129  ILE A N   1 
ATOM   75   C CA  . ILE A 1 10  ? -0.289  -0.230  10.590  1.00 10.64 ? 129  ILE A CA  1 
ATOM   76   C C   . ILE A 1 10  ? -0.843  -0.062  9.189   1.00 10.13 ? 129  ILE A C   1 
ATOM   77   O O   . ILE A 1 10  ? -0.077  0.117   8.240   1.00 10.00 ? 129  ILE A O   1 
ATOM   78   C CB  . ILE A 1 10  ? -0.385  -1.707  11.018  1.00 9.38  ? 129  ILE A CB  1 
ATOM   79   C CG1 . ILE A 1 10  ? 0.395   -1.912  12.316  1.00 10.40 ? 129  ILE A CG1 1 
ATOM   80   C CG2 . ILE A 1 10  ? 0.038   -2.642  9.896   1.00 11.44 ? 129  ILE A CG2 1 
ATOM   81   C CD1 . ILE A 1 10  ? 0.296   -3.324  12.864  1.00 14.03 ? 129  ILE A CD1 1 
ATOM   82   N N   . ALA A 1 11  ? -2.152  -0.093  9.042   1.00 9.79  ? 130  ALA A N   1 
ATOM   83   C CA  . ALA A 1 11  ? -2.737  0.035   7.714   1.00 10.23 ? 130  ALA A CA  1 
ATOM   84   C C   . ALA A 1 11  ? -2.398  1.383   7.113   1.00 9.92  ? 130  ALA A C   1 
ATOM   85   O O   . ALA A 1 11  ? -2.037  1.453   5.929   1.00 9.98  ? 130  ALA A O   1 
ATOM   86   C CB  . ALA A 1 11  ? -4.250  -0.185  7.790   1.00 11.09 ? 130  ALA A CB  1 
ATOM   87   N N   . ASP A 1 12  ? -2.473  2.448   7.905   1.00 9.38  ? 131  ASP A N   1 
ATOM   88   C CA  . ASP A 1 12  ? -2.198  3.781   7.386   1.00 10.68 ? 131  ASP A CA  1 
ATOM   89   C C   . ASP A 1 12  ? -0.737  3.961   7.010   1.00 9.27  ? 131  ASP A C   1 
ATOM   90   O O   . ASP A 1 12  ? -0.423  4.593   5.976   1.00 9.98  ? 131  ASP A O   1 
ATOM   91   C CB  . ASP A 1 12  ? -2.570  4.870   8.381   1.00 11.55 ? 131  ASP A CB  1 
ATOM   92   C CG  . ASP A 1 12  ? -4.060  5.017   8.611   1.00 16.96 ? 131  ASP A CG  1 
ATOM   93   O OD1 . ASP A 1 12  ? -4.883  4.415   7.897   1.00 18.92 ? 131  ASP A OD1 1 
ATOM   94   O OD2 . ASP A 1 12  ? -4.354  5.770   9.565   1.00 20.93 ? 131  ASP A OD2 1 
ATOM   95   N N   . ILE A 1 13  ? 0.163   3.416   7.814   1.00 8.39  ? 132  ILE A N   1 
ATOM   96   C CA  . ILE A 1 13  ? 1.594   3.542   7.507   1.00 8.48  ? 132  ILE A CA  1 
ATOM   97   C C   . ILE A 1 13  ? 1.937   2.777   6.201   1.00 7.89  ? 132  ILE A C   1 
ATOM   98   O O   . ILE A 1 13  ? 2.651   3.306   5.326   1.00 8.41  ? 132  ILE A O   1 
ATOM   99   C CB  . ILE A 1 13  ? 2.432   3.008   8.681   1.00 8.67  ? 132  ILE A CB  1 
ATOM   100  C CG1 . ILE A 1 13  ? 2.390   4.005   9.815   1.00 9.63  ? 132  ILE A CG1 1 
ATOM   101  C CG2 . ILE A 1 13  ? 3.874   2.727   8.272   1.00 9.55  ? 132  ILE A CG2 1 
ATOM   102  C CD1 . ILE A 1 13  ? 2.794   3.434   11.162  1.00 10.80 ? 132  ILE A CD1 1 
ATOM   103  N N   . VAL A 1 14  ? 1.432   1.551   6.039   1.00 8.47  ? 133  VAL A N   1 
ATOM   104  C CA  . VAL A 1 14  ? 1.675   0.811   4.816   1.00 9.28  ? 133  VAL A CA  1 
ATOM   105  C C   . VAL A 1 14  ? 1.119   1.586   3.611   1.00 9.36  ? 133  VAL A C   1 
ATOM   106  O O   . VAL A 1 14  ? 1.824   1.793   2.594   1.00 7.78  ? 133  VAL A O   1 
ATOM   107  C CB  . VAL A 1 14  ? 1.050   -0.593  4.881   1.00 9.31  ? 133  VAL A CB  1 
ATOM   108  C CG1 . VAL A 1 14  ? 1.094   -1.289  3.523   1.00 9.39  ? 133  VAL A CG1 1 
ATOM   109  C CG2 . VAL A 1 14  ? 1.719   -1.426  5.966   1.00 11.31 ? 133  VAL A CG2 1 
ATOM   110  N N   . SER A 1 15  ? -0.132  2.035   3.705   1.00 10.07 ? 134  SER A N   1 
ATOM   111  C CA  . SER A 1 15  ? -0.709  2.715   2.564   1.00 9.88  ? 134  SER A CA  1 
ATOM   112  C C   . SER A 1 15  ? 0.005   4.035   2.251   1.00 9.18  ? 134  SER A C   1 
ATOM   113  O O   . SER A 1 15  ? 0.179   4.399   1.077   1.00 10.24 ? 134  SER A O   1 
ATOM   114  C CB  . SER A 1 15  ? -2.190  2.903   2.777   1.00 10.95 ? 134  SER A CB  1 
ATOM   115  O OG  . SER A 1 15  ? -2.461  3.735   3.850   1.00 16.96 ? 134  SER A OG  1 
ATOM   116  N N   . LEU A 1 16  ? 0.472   4.751   3.266   1.00 8.74  ? 135  LEU A N   1 
ATOM   117  C CA  . LEU A 1 16  ? 1.170   6.026   3.037   1.00 8.91  ? 135  LEU A CA  1 
ATOM   118  C C   . LEU A 1 16  ? 2.553   5.812   2.464   1.00 8.78  ? 135  LEU A C   1 
ATOM   119  O O   . LEU A 1 16  ? 2.958   6.551   1.550   1.00 8.02  ? 135  LEU A O   1 
ATOM   120  C CB  . LEU A 1 16  ? 1.261   6.848   4.322   1.00 10.21 ? 135  LEU A CB  1 
ATOM   121  C CG  . LEU A 1 16  ? -0.051  7.531   4.715   1.00 10.61 ? 135  LEU A CG  1 
ATOM   122  C CD1 . LEU A 1 16  ? -0.069  7.889   6.208   1.00 10.43 ? 135  LEU A CD1 1 
ATOM   123  C CD2 . LEU A 1 16  ? -0.425  8.735   3.835   1.00 13.42 ? 135  LEU A CD2 1 
ATOM   124  N N   . PHE A 1 17  ? 3.287   4.811   2.948   1.00 8.94  ? 136  PHE A N   1 
ATOM   125  C CA  . PHE A 1 17  ? 4.571   4.506   2.319   1.00 8.66  ? 136  PHE A CA  1 
ATOM   126  C C   . PHE A 1 17  ? 4.379   4.282   0.827   1.00 9.41  ? 136  PHE A C   1 
ATOM   127  O O   . PHE A 1 17  ? 5.108   4.849   -0.002  1.00 9.66  ? 136  PHE A O   1 
ATOM   128  C CB  . PHE A 1 17  ? 5.217   3.255   2.896   1.00 9.67  ? 136  PHE A CB  1 
ATOM   129  C CG  . PHE A 1 17  ? 6.171   3.520   4.042   1.00 9.54  ? 136  PHE A CG  1 
ATOM   130  C CD1 . PHE A 1 17  ? 5.935   2.961   5.290   1.00 11.42 ? 136  PHE A CD1 1 
ATOM   131  C CD2 . PHE A 1 17  ? 7.326   4.297   3.858   1.00 10.72 ? 136  PHE A CD2 1 
ATOM   132  C CE1 . PHE A 1 17  ? 6.834   3.208   6.346   1.00 11.98 ? 136  PHE A CE1 1 
ATOM   133  C CE2 . PHE A 1 17  ? 8.199   4.515   4.902   1.00 10.68 ? 136  PHE A CE2 1 
ATOM   134  C CZ  . PHE A 1 17  ? 7.948   3.972   6.125   1.00 12.41 ? 136  PHE A CZ  1 
ATOM   135  N N   . ILE A 1 18  ? 3.425   3.428   0.464   1.00 9.44  ? 137  ILE A N   1 
ATOM   136  C CA  . ILE A 1 18  ? 3.291   3.067   -0.952  1.00 11.29 ? 137  ILE A CA  1 
ATOM   137  C C   . ILE A 1 18  ? 2.753   4.260   -1.732  1.00 11.33 ? 137  ILE A C   1 
ATOM   138  O O   . ILE A 1 18  ? 3.181   4.475   -2.881  1.00 11.67 ? 137  ILE A O   1 
ATOM   139  C CB  . ILE A 1 18  ? 2.445   1.801   -1.138  1.00 11.19 ? 137  ILE A CB  1 
ATOM   140  C CG1 . ILE A 1 18  ? 3.084   0.650   -0.365  1.00 11.50 ? 137  ILE A CG1 1 
ATOM   141  C CG2 . ILE A 1 18  ? 2.368   1.460   -2.657  1.00 12.78 ? 137  ILE A CG2 1 
ATOM   142  C CD1 . ILE A 1 18  ? 2.121   -0.584  -0.223  1.00 11.70 ? 137  ILE A CD1 1 
ATOM   143  N N   . THR A 1 19  ? 1.845   5.050   -1.142  1.00 10.68 ? 138  THR A N   1 
ATOM   144  C CA  A THR A 1 19  ? 1.310   6.226   -1.841  0.50 12.56 ? 138  THR A CA  1 
ATOM   145  C CA  B THR A 1 19  ? 1.305   6.267   -1.764  0.50 11.04 ? 138  THR A CA  1 
ATOM   146  C C   . THR A 1 19  ? 2.407   7.243   -2.155  1.00 11.50 ? 138  THR A C   1 
ATOM   147  O O   . THR A 1 19  ? 2.468   7.758   -3.307  1.00 12.20 ? 138  THR A O   1 
ATOM   148  C CB  A THR A 1 19  ? 0.105   6.919   -1.095  0.50 13.09 ? 138  THR A CB  1 
ATOM   149  C CB  B THR A 1 19  ? 0.320   6.973   -0.776  0.50 10.60 ? 138  THR A CB  1 
ATOM   150  O OG1 A THR A 1 19  ? -0.418  8.015   -1.872  0.50 15.15 ? 138  THR A OG1 1 
ATOM   151  O OG1 B THR A 1 19  ? -0.829  6.143   -0.634  0.50 9.00  ? 138  THR A OG1 1 
ATOM   152  C CG2 A THR A 1 19  ? 0.510   7.458   0.228   0.50 16.04 ? 138  THR A CG2 1 
ATOM   153  C CG2 B THR A 1 19  ? -0.131  8.383   -1.251  0.50 9.82  ? 138  THR A CG2 1 
ATOM   154  N N   . VAL A 1 20  ? 3.294   7.517   -1.196  1.00 10.56 ? 139  VAL A N   1 
ATOM   155  C CA  . VAL A 1 20  ? 4.372   8.474   -1.458  1.00 10.88 ? 139  VAL A CA  1 
ATOM   156  C C   . VAL A 1 20  ? 5.304   7.921   -2.539  1.00 10.46 ? 139  VAL A C   1 
ATOM   157  O O   . VAL A 1 20  ? 5.663   8.640   -3.493  1.00 10.61 ? 139  VAL A O   1 
ATOM   158  C CB  . VAL A 1 20  ? 5.143   8.860   -0.188  1.00 11.05 ? 139  VAL A CB  1 
ATOM   159  C CG1 . VAL A 1 20  ? 6.297   9.822   -0.558  1.00 12.52 ? 139  VAL A CG1 1 
ATOM   160  C CG2 . VAL A 1 20  ? 4.223   9.529   0.836   1.00 12.77 ? 139  VAL A CG2 1 
ATOM   161  N N   . MET A 1 21  ? 5.692   6.648   -2.444  1.00 9.31  ? 140  MET A N   1 
ATOM   162  C CA  . MET A 1 21  ? 6.544   6.049   -3.470  1.00 11.39 ? 140  MET A CA  1 
ATOM   163  C C   . MET A 1 21  ? 5.897   6.095   -4.842  1.00 10.58 ? 140  MET A C   1 
ATOM   164  O O   . MET A 1 21  ? 6.548   6.442   -5.830  1.00 11.29 ? 140  MET A O   1 
ATOM   165  C CB  . MET A 1 21  ? 6.957   4.622   -3.083  1.00 10.52 ? 140  MET A CB  1 
ATOM   166  C CG  . MET A 1 21  ? 7.943   4.630   -1.869  1.00 12.32 ? 140  MET A CG  1 
ATOM   167  S SD  . MET A 1 21  ? 8.579   2.979   -1.476  1.00 16.79 ? 140  MET A SD  1 
ATOM   168  C CE  . MET A 1 21  ? 7.365   2.339   -0.349  1.00 19.09 ? 140  MET A CE  1 
ATOM   169  N N   . ASP A 1 22  ? 4.595   5.804   -4.899  1.00 9.78  ? 141  ASP A N   1 
ATOM   170  C CA  . ASP A 1 22  ? 3.904   5.819   -6.179  1.00 10.78 ? 141  ASP A CA  1 
ATOM   171  C C   . ASP A 1 22  ? 3.828   7.202   -6.779  1.00 11.61 ? 141  ASP A C   1 
ATOM   172  O O   . ASP A 1 22  ? 3.954   7.345   -7.995  1.00 13.00 ? 141  ASP A O   1 
ATOM   173  C CB  . ASP A 1 22  ? 2.493   5.274   -5.978  1.00 11.66 ? 141  ASP A CB  1 
ATOM   174  C CG  . ASP A 1 22  ? 2.447   3.761   -5.978  1.00 12.22 ? 141  ASP A CG  1 
ATOM   175  O OD1 . ASP A 1 22  ? 3.442   3.099   -6.318  1.00 15.06 ? 141  ASP A OD1 1 
ATOM   176  O OD2 . ASP A 1 22  ? 1.389   3.203   -5.590  1.00 14.68 ? 141  ASP A OD2 1 
ATOM   177  N N   . LYS A 1 23  ? 3.669   8.227   -5.950  1.00 11.87 ? 142  LYS A N   1 
ATOM   178  C CA  . LYS A 1 23  ? 3.663   9.607   -6.462  1.00 12.68 ? 142  LYS A CA  1 
ATOM   179  C C   . LYS A 1 23  ? 5.015   9.949   -7.057  1.00 12.61 ? 142  LYS A C   1 
ATOM   180  O O   . LYS A 1 23  ? 5.084   10.543  -8.145  1.00 12.45 ? 142  LYS A O   1 
ATOM   181  C CB  . LYS A 1 23  ? 3.266   10.602  -5.373  1.00 12.59 ? 142  LYS A CB  1 
ATOM   182  C CG  . LYS A 1 23  ? 1.760   10.536  -5.026  1.00 15.40 ? 142  LYS A CG  1 
ATOM   183  C CD  . LYS A 1 23  ? 1.312   11.558  -4.029  1.00 15.83 ? 142  LYS A CD  1 
ATOM   184  C CE  . LYS A 1 23  ? -0.226  11.542  -3.926  1.00 18.56 ? 142  LYS A CE  1 
ATOM   185  N NZ  . LYS A 1 23  ? -0.676  12.480  -2.855  1.00 23.18 ? 142  LYS A NZ  1 
ATOM   186  N N   . LEU A 1 24  ? 6.084   9.587   -6.363  1.00 11.76 ? 143  LEU A N   1 
ATOM   187  C CA  . LEU A 1 24  ? 7.445   9.780   -6.909  1.00 12.01 ? 143  LEU A CA  1 
ATOM   188  C C   . LEU A 1 24  ? 7.654   9.025   -8.221  1.00 13.44 ? 143  LEU A C   1 
ATOM   189  O O   . LEU A 1 24  ? 8.248   9.549   -9.170  1.00 14.45 ? 143  LEU A O   1 
ATOM   190  C CB  . LEU A 1 24  ? 8.478   9.384   -5.872  1.00 12.24 ? 143  LEU A CB  1 
ATOM   191  C CG  . LEU A 1 24  ? 8.534   10.220  -4.617  1.00 10.75 ? 143  LEU A CG  1 
ATOM   192  C CD1 . LEU A 1 24  ? 9.465   9.551   -3.649  1.00 12.28 ? 143  LEU A CD1 1 
ATOM   193  C CD2 . LEU A 1 24  ? 8.963   11.692  -4.917  1.00 11.71 ? 143  LEU A CD2 1 
ATOM   194  N N   . ARG A 1 25  ? 7.114   7.824   -8.339  1.00 14.36 ? 144  ARG A N   1 
ATOM   195  C CA  . ARG A 1 25  ? 7.207   7.070   -9.591  1.00 16.59 ? 144  ARG A CA  1 
ATOM   196  C C   . ARG A 1 25  ? 6.368   7.685   -10.696 1.00 17.12 ? 144  ARG A C   1 
ATOM   197  O O   . ARG A 1 25  ? 6.663   7.436   -11.882 1.00 18.99 ? 144  ARG A O   1 
ATOM   198  C CB  . ARG A 1 25  ? 6.759   5.628   -9.383  1.00 17.01 ? 144  ARG A CB  1 
ATOM   199  C CG  . ARG A 1 25  ? 7.761   4.799   -8.617  1.00 20.32 ? 144  ARG A CG  1 
ATOM   200  C CD  . ARG A 1 25  ? 7.187   3.435   -8.258  1.00 25.93 ? 144  ARG A CD  1 
ATOM   201  N NE  . ARG A 1 25  ? 8.003   2.814   -7.218  1.00 30.44 ? 144  ARG A NE  1 
ATOM   202  C CZ  . ARG A 1 25  ? 7.534   2.303   -6.081  1.00 31.12 ? 144  ARG A CZ  1 
ATOM   203  N NH1 . ARG A 1 25  ? 6.220   2.300   -5.813  1.00 29.11 ? 144  ARG A NH1 1 
ATOM   204  N NH2 . ARG A 1 25  ? 8.384   1.773   -5.212  1.00 32.35 ? 144  ARG A NH2 1 
ATOM   205  N N   . LEU A 1 26  ? 5.366   8.480   -10.334 1.00 17.86 ? 145  LEU A N   1 
ATOM   206  C CA  . LEU A 1 26  ? 4.476   9.156   -11.299 1.00 18.12 ? 145  LEU A CA  1 
ATOM   207  C C   . LEU A 1 26  ? 4.978   10.546  -11.683 1.00 18.33 ? 145  LEU A C   1 
ATOM   208  O O   . LEU A 1 26  ? 4.252   11.339  -12.297 1.00 18.30 ? 145  LEU A O   1 
ATOM   209  C CB  . LEU A 1 26  ? 3.064   9.245   -10.746 1.00 19.26 ? 145  LEU A CB  1 
ATOM   210  C CG  . LEU A 1 26  ? 2.217   7.981   -10.757 1.00 21.34 ? 145  LEU A CG  1 
ATOM   211  C CD1 . LEU A 1 26  ? 0.997   8.182   -9.866  1.00 22.68 ? 145  LEU A CD1 1 
ATOM   212  C CD2 . LEU A 1 26  ? 1.816   7.626   -12.188 1.00 25.22 ? 145  LEU A CD2 1 
ATOM   213  N N   . GLU A 1 27  ? 6.220   10.817  -11.321 1.00 17.87 ? 146  GLU A N   1 
ATOM   214  C CA  . GLU A 1 27  ? 6.846   12.121  -11.612 1.00 18.70 ? 146  GLU A CA  1 
ATOM   215  C C   . GLU A 1 27  ? 6.240   13.322  -10.902 1.00 17.81 ? 146  GLU A C   1 
ATOM   216  O O   . GLU A 1 27  ? 6.351   14.455  -11.370 1.00 18.44 ? 146  GLU A O   1 
ATOM   217  C CB  . GLU A 1 27  ? 6.918   12.376  -13.125 1.00 20.11 ? 146  GLU A CB  1 
ATOM   218  C CG  . GLU A 1 27  ? 7.967   11.506  -13.807 1.00 25.59 ? 146  GLU A CG  1 
ATOM   219  C CD  . GLU A 1 27  ? 8.365   12.082  -15.138 1.00 30.78 ? 146  GLU A CD  1 
ATOM   220  O OE1 . GLU A 1 27  ? 9.525   12.548  -15.272 1.00 34.80 ? 146  GLU A OE1 1 
ATOM   221  O OE2 . GLU A 1 27  ? 7.498   12.112  -16.039 1.00 34.84 ? 146  GLU A OE2 1 
ATOM   222  N N   . ILE A 1 28  ? 5.592   13.080  -9.768  1.00 14.61 ? 147  ILE A N   1 
ATOM   223  C CA  . ILE A 1 28  ? 5.184   14.160  -8.902  1.00 15.74 ? 147  ILE A CA  1 
ATOM   224  C C   . ILE A 1 28  ? 6.456   14.612  -8.170  1.00 14.77 ? 147  ILE A C   1 
ATOM   225  O O   . ILE A 1 28  ? 7.182   13.787  -7.589  1.00 14.84 ? 147  ILE A O   1 
ATOM   226  C CB  . ILE A 1 28  ? 4.058   13.711  -7.961  1.00 15.44 ? 147  ILE A CB  1 
ATOM   227  C CG1 . ILE A 1 28  ? 2.866   13.260  -8.842  1.00 17.26 ? 147  ILE A CG1 1 
ATOM   228  C CG2 . ILE A 1 28  ? 3.723   14.855  -7.001  1.00 16.70 ? 147  ILE A CG2 1 
ATOM   229  C CD1 . ILE A 1 28  ? 1.645   12.688  -8.118  1.00 19.46 ? 147  ILE A CD1 1 
ATOM   230  N N   . ARG A 1 29  ? 6.744   15.915  -8.228  1.00 14.30 ? 148  ARG A N   1 
ATOM   231  C CA  . ARG A 1 29  ? 8.037   16.459  -7.755  1.00 14.13 ? 148  ARG A CA  1 
ATOM   232  C C   . ARG A 1 29  ? 7.934   17.654  -6.802  1.00 13.03 ? 148  ARG A C   1 
ATOM   233  O O   . ARG A 1 29  ? 8.864   17.903  -6.065  1.00 11.90 ? 148  ARG A O   1 
ATOM   234  C CB  . ARG A 1 29  ? 8.910   16.884  -8.958  1.00 15.64 ? 148  ARG A CB  1 
ATOM   235  C CG  . ARG A 1 29  ? 9.157   15.817  -10.012 1.00 18.62 ? 148  ARG A CG  1 
ATOM   236  C CD  . ARG A 1 29  ? 10.172  14.842  -9.489  1.00 21.59 ? 148  ARG A CD  1 
ATOM   237  N NE  . ARG A 1 29  ? 10.705  13.909  -10.482 1.00 23.71 ? 148  ARG A NE  1 
ATOM   238  C CZ  . ARG A 1 29  ? 11.825  14.118  -11.181 1.00 26.42 ? 148  ARG A CZ  1 
ATOM   239  N NH1 . ARG A 1 29  ? 12.529  15.245  -11.033 1.00 21.42 ? 148  ARG A NH1 1 
ATOM   240  N NH2 . ARG A 1 29  ? 12.242  13.198  -12.042 1.00 27.85 ? 148  ARG A NH2 1 
ATOM   241  N N   . ALA A 1 30  ? 6.812   18.377  -6.811  1.00 12.21 ? 149  ALA A N   1 
ATOM   242  C CA  . ALA A 1 30  ? 6.746   19.613  -6.045  1.00 12.25 ? 149  ALA A CA  1 
ATOM   243  C C   . ALA A 1 30  ? 6.664   19.313  -4.578  1.00 12.22 ? 149  ALA A C   1 
ATOM   244  O O   . ALA A 1 30  ? 5.932   18.398  -4.168  1.00 12.62 ? 149  ALA A O   1 
ATOM   245  C CB  . ALA A 1 30  ? 5.568   20.471  -6.484  1.00 13.84 ? 149  ALA A CB  1 
ATOM   246  N N   . MET A 1 31  ? 7.309   20.154  -3.782  1.00 12.07 ? 150  MET A N   1 
ATOM   247  C CA  . MET A 1 31  ? 7.324   19.964  -2.336  1.00 13.29 ? 150  MET A CA  1 
ATOM   248  C C   . MET A 1 31  ? 5.912   19.921  -1.793  1.00 12.32 ? 150  MET A C   1 
ATOM   249  O O   . MET A 1 31  ? 5.573   19.056  -0.943  1.00 13.43 ? 150  MET A O   1 
ATOM   250  C CB  . MET A 1 31  ? 8.087   21.097  -1.650  1.00 13.41 ? 150  MET A CB  1 
ATOM   251  C CG  . MET A 1 31  ? 8.334   20.848  -0.175  1.00 15.46 ? 150  MET A CG  1 
ATOM   252  S SD  . MET A 1 31  ? 7.012   21.474  0.876   1.00 17.78 ? 150  MET A SD  1 
ATOM   253  C CE  . MET A 1 31  ? 7.696   23.136  1.124   1.00 17.48 ? 150  MET A CE  1 
ATOM   254  N N   . ASP A 1 32  ? 5.050   20.831  -2.254  1.00 12.62 ? 151  ASP A N   1 
ATOM   255  C CA  . ASP A 1 32  ? 3.709   20.875  -1.672  1.00 12.69 ? 151  ASP A CA  1 
ATOM   256  C C   . ASP A 1 32  ? 2.823   19.702  -2.115  1.00 12.66 ? 151  ASP A C   1 
ATOM   257  O O   . ASP A 1 32  ? 1.698   19.516  -1.604  1.00 13.52 ? 151  ASP A O   1 
ATOM   258  C CB  . ASP A 1 32  ? 3.010   22.247  -1.881  1.00 13.43 ? 151  ASP A CB  1 
ATOM   259  C CG  . ASP A 1 32  ? 2.778   22.612  -3.347  1.00 15.20 ? 151  ASP A CG  1 
ATOM   260  O OD1 . ASP A 1 32  ? 2.241   23.722  -3.592  1.00 16.01 ? 151  ASP A OD1 1 
ATOM   261  O OD2 . ASP A 1 32  ? 3.126   21.873  -4.279  1.00 15.71 ? 151  ASP A OD2 1 
ATOM   262  N N   . GLU A 1 33  ? 3.304   18.888  -3.056  1.00 11.91 ? 152  GLU A N   1 
ATOM   263  C CA  . GLU A 1 33  ? 2.599   17.697  -3.509  1.00 13.27 ? 152  GLU A CA  1 
ATOM   264  C C   . GLU A 1 33  ? 3.080   16.414  -2.856  1.00 12.35 ? 152  GLU A C   1 
ATOM   265  O O   . GLU A 1 33  ? 2.378   15.395  -2.900  1.00 14.33 ? 152  GLU A O   1 
ATOM   266  C CB  . GLU A 1 33  ? 2.648   17.563  -5.042  1.00 14.00 ? 152  GLU A CB  1 
ATOM   267  C CG  . GLU A 1 33  ? 1.967   18.748  -5.731  1.00 16.38 ? 152  GLU A CG  1 
ATOM   268  C CD  . GLU A 1 33  ? 2.029   18.693  -7.257  1.00 19.93 ? 152  GLU A CD  1 
ATOM   269  O OE1 . GLU A 1 33  ? 1.875   17.600  -7.841  1.00 27.82 ? 152  GLU A OE1 1 
ATOM   270  O OE2 . GLU A 1 33  ? 2.195   19.779  -7.866  1.00 27.77 ? 152  GLU A OE2 1 
ATOM   271  N N   . ILE A 1 34  ? 4.280   16.432  -2.278  1.00 10.94 ? 153  ILE A N   1 
ATOM   272  C CA  . ILE A 1 34  ? 4.884   15.238  -1.660  1.00 11.99 ? 153  ILE A CA  1 
ATOM   273  C C   . ILE A 1 34  ? 4.902   15.380  -0.139  1.00 11.38 ? 153  ILE A C   1 
ATOM   274  O O   . ILE A 1 34  ? 4.624   14.420  0.629   1.00 11.50 ? 153  ILE A O   1 
ATOM   275  C CB  . ILE A 1 34  ? 6.349   15.087  -2.189  1.00 11.88 ? 153  ILE A CB  1 
ATOM   276  C CG1 . ILE A 1 34  ? 6.311   14.723  -3.679  1.00 12.57 ? 153  ILE A CG1 1 
ATOM   277  C CG2 . ILE A 1 34  ? 7.172   14.018  -1.404  1.00 12.61 ? 153  ILE A CG2 1 
ATOM   278  C CD1 . ILE A 1 34  ? 5.724   13.338  -3.982  1.00 18.21 ? 153  ILE A CD1 1 
ATOM   279  N N   . GLN A 1 35  ? 5.268   16.560  0.326   1.00 11.10 ? 154  GLN A N   1 
ATOM   280  C CA  . GLN A 1 35  ? 5.433   16.751  1.753   1.00 11.34 ? 154  GLN A CA  1 
ATOM   281  C C   . GLN A 1 35  ? 4.189   16.383  2.634   1.00 10.94 ? 154  GLN A C   1 
ATOM   282  O O   . GLN A 1 35  ? 4.364   15.827  3.718   1.00 10.85 ? 154  GLN A O   1 
ATOM   283  C CB  . GLN A 1 35  ? 5.963   18.166  2.060   1.00 11.38 ? 154  GLN A CB  1 
ATOM   284  C CG  . GLN A 1 35  ? 6.442   18.422  3.479   1.00 12.90 ? 154  GLN A CG  1 
ATOM   285  C CD  . GLN A 1 35  ? 5.340   18.836  4.465   1.00 12.60 ? 154  GLN A CD  1 
ATOM   286  O OE1 . GLN A 1 35  ? 5.615   18.958  5.671   1.00 15.83 ? 154  GLN A OE1 1 
ATOM   287  N NE2 . GLN A 1 35  ? 4.112   18.963  4.007   1.00 11.45 ? 154  GLN A NE2 1 
ATOM   288  N N   . PRO A 1 36  ? 2.960   16.754  2.233   1.00 11.06 ? 155  PRO A N   1 
ATOM   289  C CA  . PRO A 1 36  ? 1.820   16.451  3.137   1.00 11.00 ? 155  PRO A CA  1 
ATOM   290  C C   . PRO A 1 36  ? 1.636   14.983  3.421   1.00 11.34 ? 155  PRO A C   1 
ATOM   291  O O   . PRO A 1 36  ? 1.387   14.599  4.560   1.00 11.38 ? 155  PRO A O   1 
ATOM   292  C CB  . PRO A 1 36  ? 0.605   17.086  2.423   1.00 11.75 ? 155  PRO A CB  1 
ATOM   293  C CG  . PRO A 1 36  ? 1.231   18.186  1.579   1.00 12.10 ? 155  PRO A CG  1 
ATOM   294  C CD  . PRO A 1 36  ? 2.564   17.646  1.120   1.00 11.22 ? 155  PRO A CD  1 
ATOM   295  N N   . ASP A 1 37  ? 1.733   14.137  2.424   1.00 11.16 ? 156  ASP A N   1 
ATOM   296  C CA  . ASP A 1 37  ? 1.670   12.712  2.715   1.00 12.37 ? 156  ASP A CA  1 
ATOM   297  C C   . ASP A 1 37  ? 2.826   12.223  3.581   1.00 12.31 ? 156  ASP A C   1 
ATOM   298  O O   . ASP A 1 37  ? 2.641   11.344  4.427   1.00 11.13 ? 156  ASP A O   1 
ATOM   299  C CB  . ASP A 1 37  ? 1.681   11.895  1.430   1.00 14.33 ? 156  ASP A CB  1 
ATOM   300  C CG  . ASP A 1 37  ? 0.403   11.991  0.642   1.00 18.99 ? 156  ASP A CG  1 
ATOM   301  O OD1 . ASP A 1 37  ? -0.689  12.286  1.198   1.00 20.43 ? 156  ASP A OD1 1 
ATOM   302  O OD2 . ASP A 1 37  ? 0.518   11.727  -0.577  1.00 23.59 ? 156  ASP A OD2 1 
ATOM   303  N N   . LEU A 1 38  ? 4.023   12.784  3.379   1.00 10.91 ? 157  LEU A N   1 
ATOM   304  C CA  . LEU A 1 38  ? 5.171   12.395  4.172   1.00 10.64 ? 157  LEU A CA  1 
ATOM   305  C C   . LEU A 1 38  ? 4.954   12.811  5.625   1.00 10.37 ? 157  LEU A C   1 
ATOM   306  O O   . LEU A 1 38  ? 5.310   12.101  6.558   1.00 9.43  ? 157  LEU A O   1 
ATOM   307  C CB  . LEU A 1 38  ? 6.433   13.063  3.631   1.00 11.69 ? 157  LEU A CB  1 
ATOM   308  C CG  . LEU A 1 38  ? 7.751   12.467  4.039   1.00 14.81 ? 157  LEU A CG  1 
ATOM   309  C CD1 . LEU A 1 38  ? 7.843   11.078  3.358   1.00 15.47 ? 157  LEU A CD1 1 
ATOM   310  C CD2 . LEU A 1 38  ? 8.835   13.390  3.572   1.00 13.14 ? 157  LEU A CD2 1 
ATOM   311  N N   . ARG A 1 39  ? 4.372   13.997  5.831   1.00 10.55 ? 158  ARG A N   1 
ATOM   312  C CA  . ARG A 1 39  ? 4.072   14.429  7.174   1.00 10.00 ? 158  ARG A CA  1 
ATOM   313  C C   . ARG A 1 39  ? 3.044   13.496  7.810   1.00 10.73 ? 158  ARG A C   1 
ATOM   314  O O   . ARG A 1 39  ? 3.178   13.150  8.963   1.00 9.63  ? 158  ARG A O   1 
ATOM   315  C CB  . ARG A 1 39  ? 3.555   15.876  7.190   1.00 9.42  ? 158  ARG A CB  1 
ATOM   316  C CG  . ARG A 1 39  ? 3.128   16.355  8.593   1.00 12.47 ? 158  ARG A CG  1 
ATOM   317  C CD  . ARG A 1 39  ? 4.350   16.725  9.464   1.00 15.08 ? 158  ARG A CD  1 
ATOM   318  N NE  . ARG A 1 39  ? 3.989   16.984  10.865  1.00 18.31 ? 158  ARG A NE  1 
ATOM   319  C CZ  . ARG A 1 39  ? 3.389   18.080  11.330  1.00 19.97 ? 158  ARG A CZ  1 
ATOM   320  N NH1 . ARG A 1 39  ? 3.031   19.066  10.525  1.00 18.43 ? 158  ARG A NH1 1 
ATOM   321  N NH2 . ARG A 1 39  ? 3.139   18.182  12.627  1.00 20.79 ? 158  ARG A NH2 1 
ATOM   322  N N   . GLU A 1 40  ? 2.038   13.093  7.039   1.00 9.84  ? 159  GLU A N   1 
ATOM   323  C CA  . GLU A 1 40  ? 1.003   12.171  7.557   1.00 11.08 ? 159  GLU A CA  1 
ATOM   324  C C   . GLU A 1 40  ? 1.657   10.850  7.954   1.00 9.91  ? 159  GLU A C   1 
ATOM   325  O O   . GLU A 1 40  ? 1.350   10.292  9.016   1.00 10.75 ? 159  GLU A O   1 
ATOM   326  C CB  . GLU A 1 40  ? -0.079  11.947  6.484   1.00 12.09 ? 159  GLU A CB  1 
ATOM   327  C CG  . GLU A 1 40  ? -1.003  13.146  6.262   1.00 15.93 ? 159  GLU A CG  1 
ATOM   328  C CD  . GLU A 1 40  ? -1.586  13.654  7.561   1.00 20.82 ? 159  GLU A CD  1 
ATOM   329  O OE1 . GLU A 1 40  ? -1.202  14.762  8.018   1.00 22.72 ? 159  GLU A OE1 1 
ATOM   330  O OE2 . GLU A 1 40  ? -2.394  12.906  8.132   1.00 24.29 ? 159  GLU A OE2 1 
ATOM   331  N N   . LEU A 1 41  ? 2.597   10.376  7.149   1.00 10.20 ? 160  LEU A N   1 
ATOM   332  C CA  . LEU A 1 41  ? 3.306   9.134   7.452   1.00 9.83  ? 160  LEU A CA  1 
ATOM   333  C C   . LEU A 1 41  ? 4.112   9.241   8.742   1.00 9.63  ? 160  LEU A C   1 
ATOM   334  O O   . LEU A 1 41  ? 4.036   8.386   9.636   1.00 10.53 ? 160  LEU A O   1 
ATOM   335  C CB  . LEU A 1 41  ? 4.209   8.833   6.275   1.00 10.60 ? 160  LEU A CB  1 
ATOM   336  C CG  . LEU A 1 41  ? 5.157   7.633   6.408   1.00 9.08  ? 160  LEU A CG  1 
ATOM   337  C CD1 . LEU A 1 41  ? 4.401   6.334   6.700   1.00 11.14 ? 160  LEU A CD1 1 
ATOM   338  C CD2 . LEU A 1 41  ? 6.009   7.525   5.138   1.00 10.65 ? 160  LEU A CD2 1 
ATOM   339  N N   . MET A 1 42  ? 4.835   10.352  8.889   1.00 10.40 ? 161  MET A N   1 
ATOM   340  C CA  . MET A 1 42  ? 5.622   10.587  10.084  1.00 10.91 ? 161  MET A CA  1 
ATOM   341  C C   . MET A 1 42  ? 4.724   10.621  11.328  1.00 9.80  ? 161  MET A C   1 
ATOM   342  O O   . MET A 1 42  ? 5.023   9.979   12.346  1.00 10.27 ? 161  MET A O   1 
ATOM   343  C CB  . MET A 1 42  ? 6.377   11.895  9.984   1.00 11.96 ? 161  MET A CB  1 
ATOM   344  C CG  . MET A 1 42  ? 7.216   12.111  11.211  1.00 11.89 ? 161  MET A CG  1 
ATOM   345  S SD  . MET A 1 42  ? 8.764   11.147  11.120  1.00 16.44 ? 161  MET A SD  1 
ATOM   346  C CE  . MET A 1 42  ? 9.483   11.512  12.736  1.00 16.23 ? 161  MET A CE  1 
ATOM   347  N N   . GLU A 1 43  ? 3.642   11.418  11.277  1.00 10.84 ? 162  GLU A N   1 
ATOM   348  C CA  . GLU A 1 43  ? 2.749   11.520  12.451  1.00 11.02 ? 162  GLU A CA  1 
ATOM   349  C C   . GLU A 1 43  ? 2.097   10.193  12.779  1.00 11.27 ? 162  GLU A C   1 
ATOM   350  O O   . GLU A 1 43  ? 1.865   9.900   13.973  1.00 12.66 ? 162  GLU A O   1 
ATOM   351  C CB  . GLU A 1 43  ? 1.729   12.647  12.289  1.00 11.39 ? 162  GLU A CB  1 
ATOM   352  C CG  . GLU A 1 43  ? 2.410   14.005  12.162  1.00 13.03 ? 162  GLU A CG  1 
ATOM   353  C CD  . GLU A 1 43  ? 3.246   14.383  13.367  1.00 17.21 ? 162  GLU A CD  1 
ATOM   354  O OE1 . GLU A 1 43  ? 4.118   15.238  13.197  1.00 18.90 ? 162  GLU A OE1 1 
ATOM   355  O OE2 . GLU A 1 43  ? 3.053   13.824  14.471  1.00 21.74 ? 162  GLU A OE2 1 
ATOM   356  N N   . THR A 1 44  ? 1.761   9.389   11.774  1.00 9.44  ? 163  THR A N   1 
ATOM   357  C CA  A THR A 1 44  ? 1.180   8.087   12.099  0.50 12.15 ? 163  THR A CA  1 
ATOM   358  C CA  B THR A 1 44  ? 1.184   8.069   12.061  0.50 10.39 ? 163  THR A CA  1 
ATOM   359  C C   . THR A 1 44  ? 2.186   7.176   12.793  1.00 10.86 ? 163  THR A C   1 
ATOM   360  O O   . THR A 1 44  ? 1.810   6.472   13.731  1.00 11.97 ? 163  THR A O   1 
ATOM   361  C CB  A THR A 1 44  ? 0.506   7.374   10.905  0.50 12.27 ? 163  THR A CB  1 
ATOM   362  C CB  B THR A 1 44  ? 0.651   7.362   10.798  0.50 9.97  ? 163  THR A CB  1 
ATOM   363  O OG1 A THR A 1 44  ? 0.008   6.082   11.311  0.50 15.81 ? 163  THR A OG1 1 
ATOM   364  O OG1 B THR A 1 44  ? -0.215  8.256   10.099  0.50 6.62  ? 163  THR A OG1 1 
ATOM   365  C CG2 A THR A 1 44  ? 1.452   7.203   9.765   0.50 16.93 ? 163  THR A CG2 1 
ATOM   366  C CG2 B THR A 1 44  ? -0.212  6.128   11.143  0.50 11.71 ? 163  THR A CG2 1 
ATOM   367  N N   . MET A 1 45  ? 3.457   7.208   12.373  1.00 11.14 ? 164  MET A N   1 
ATOM   368  C CA  . MET A 1 45  ? 4.506   6.447   13.070  1.00 12.40 ? 164  MET A CA  1 
ATOM   369  C C   . MET A 1 45  ? 4.641   6.960   14.489  1.00 14.09 ? 164  MET A C   1 
ATOM   370  O O   . MET A 1 45  ? 4.832   6.160   15.427  1.00 14.85 ? 164  MET A O   1 
ATOM   371  C CB  . MET A 1 45  ? 5.832   6.475   12.293  1.00 11.49 ? 164  MET A CB  1 
ATOM   372  C CG  . MET A 1 45  ? 5.784   5.613   11.047  1.00 11.53 ? 164  MET A CG  1 
ATOM   373  S SD  . MET A 1 45  ? 7.379   5.415   10.289  1.00 15.56 ? 164  MET A SD  1 
ATOM   374  C CE  . MET A 1 45  ? 7.602   6.995   9.554   1.00 16.90 ? 164  MET A CE  1 
ATOM   375  N N   . ASN A 1 46  ? 4.503   8.275   14.672  1.00 14.75 ? 165  ASN A N   1 
ATOM   376  C CA  . ASN A 1 46  ? 4.558   8.849   16.031  1.00 16.08 ? 165  ASN A CA  1 
ATOM   377  C C   . ASN A 1 46  ? 3.397   8.386   16.904  1.00 17.29 ? 165  ASN A C   1 
ATOM   378  O O   . ASN A 1 46  ? 3.565   8.255   18.129  1.00 20.26 ? 165  ASN A O   1 
ATOM   379  C CB  . ASN A 1 46  ? 4.562   10.364  15.944  1.00 16.82 ? 165  ASN A CB  1 
ATOM   380  C CG  . ASN A 1 46  ? 5.900   10.908  15.489  1.00 18.17 ? 165  ASN A CG  1 
ATOM   381  O OD1 . ASN A 1 46  ? 6.914   10.212  15.535  1.00 19.95 ? 165  ASN A OD1 1 
ATOM   382  N ND2 . ASN A 1 46  ? 5.915   12.166  15.065  1.00 19.69 ? 165  ASN A ND2 1 
ATOM   383  N N   . ARG A 1 47  ? 2.238   8.135   16.306  1.00 17.15 ? 166  ARG A N   1 
ATOM   384  C CA  . ARG A 1 47  ? 1.069   7.638   17.062  1.00 19.24 ? 166  ARG A CA  1 
ATOM   385  C C   . ARG A 1 47  ? 1.148   6.131   17.336  1.00 19.92 ? 166  ARG A C   1 
ATOM   386  O O   . ARG A 1 47  ? 0.354   5.589   18.148  1.00 20.25 ? 166  ARG A O   1 
ATOM   387  C CB  . ARG A 1 47  ? -0.221  7.978   16.329  1.00 19.04 ? 166  ARG A CB  1 
ATOM   388  C CG  . ARG A 1 47  ? -0.540  9.455   16.348  1.00 21.31 ? 166  ARG A CG  1 
ATOM   389  C CD  . ARG A 1 47  ? -2.007  9.722   16.018  1.00 23.16 ? 166  ARG A CD  1 
ATOM   390  N NE  . ARG A 1 47  ? -2.431  9.131   14.756  1.00 27.91 ? 166  ARG A NE  1 
ATOM   391  C CZ  . ARG A 1 47  ? -2.206  9.671   13.554  1.00 30.09 ? 166  ARG A CZ  1 
ATOM   392  N NH1 . ARG A 1 47  ? -1.543  10.812  13.437  1.00 28.25 ? 166  ARG A NH1 1 
ATOM   393  N NH2 . ARG A 1 47  ? -2.632  9.058   12.461  1.00 32.33 ? 166  ARG A NH2 1 
ATOM   394  N N   . MET A 1 48  ? 2.091   5.448   16.683  1.00 19.30 ? 167  MET A N   1 
ATOM   395  C CA  . MET A 1 48  ? 2.268   4.013   16.889  1.00 18.70 ? 167  MET A CA  1 
ATOM   396  C C   . MET A 1 48  ? 3.263   3.812   18.003  1.00 19.74 ? 167  MET A C   1 
ATOM   397  O O   . MET A 1 48  ? 4.458   3.741   17.775  1.00 20.44 ? 167  MET A O   1 
ATOM   398  C CB  . MET A 1 48  ? 2.752   3.330   15.609  1.00 17.25 ? 167  MET A CB  1 
ATOM   399  C CG  . MET A 1 48  ? 2.599   1.815   15.669  1.00 16.10 ? 167  MET A CG  1 
ATOM   400  S SD  . MET A 1 48  ? 3.081   1.124   14.099  1.00 16.05 ? 167  MET A SD  1 
ATOM   401  C CE  . MET A 1 48  ? 3.610   -0.513  14.597  1.00 17.01 ? 167  MET A CE  1 
ATOM   402  N N   . SER A 1 49  ? 2.756   3.703   19.227  1.00 22.29 ? 168  SER A N   1 
ATOM   403  C CA  . SER A 1 49  ? 3.613   3.613   20.413  1.00 23.10 ? 168  SER A CA  1 
ATOM   404  C C   . SER A 1 49  ? 4.513   2.372   20.477  1.00 23.85 ? 168  SER A C   1 
ATOM   405  O O   . SER A 1 49  ? 5.551   2.388   21.167  1.00 24.32 ? 168  SER A O   1 
ATOM   406  C CB  . SER A 1 49  ? 2.774   3.742   21.694  1.00 23.60 ? 168  SER A CB  1 
ATOM   407  O OG  . SER A 1 49  ? 1.598   2.956   21.608  1.00 25.11 ? 168  SER A OG  1 
ATOM   408  N N   . HIS A 1 50  ? 4.136   1.318   19.744  1.00 22.24 ? 169  HIS A N   1 
ATOM   409  C CA  . HIS A 1 50  ? 4.877   0.059   19.747  1.00 22.42 ? 169  HIS A CA  1 
ATOM   410  C C   . HIS A 1 50  ? 6.212   0.138   18.980  1.00 22.80 ? 169  HIS A C   1 
ATOM   411  O O   . HIS A 1 50  ? 7.072   -0.748  19.121  1.00 23.69 ? 169  HIS A O   1 
ATOM   412  C CB  . HIS A 1 50  ? 4.013   -1.063  19.167  1.00 22.38 ? 169  HIS A CB  1 
ATOM   413  C CG  . HIS A 1 50  ? 2.787   -1.380  19.980  1.00 22.28 ? 169  HIS A CG  1 
ATOM   414  N ND1 . HIS A 1 50  ? 1.626   -0.634  19.919  1.00 24.83 ? 169  HIS A ND1 1 
ATOM   415  C CD2 . HIS A 1 50  ? 2.537   -2.385  20.859  1.00 22.76 ? 169  HIS A CD2 1 
ATOM   416  C CE1 . HIS A 1 50  ? 0.723   -1.156  20.736  1.00 22.81 ? 169  HIS A CE1 1 
ATOM   417  N NE2 . HIS A 1 50  ? 1.253   -2.219  21.319  1.00 23.57 ? 169  HIS A NE2 1 
ATOM   418  N N   . LEU A 1 51  ? 6.387   1.180   18.165  1.00 22.81 ? 170  LEU A N   1 
ATOM   419  C CA  . LEU A 1 51  ? 7.641   1.350   17.429  1.00 23.51 ? 170  LEU A CA  1 
ATOM   420  C C   . LEU A 1 51  ? 8.746   1.740   18.393  1.00 24.88 ? 170  LEU A C   1 
ATOM   421  O O   . LEU A 1 51  ? 8.511   2.544   19.307  1.00 25.99 ? 170  LEU A O   1 
ATOM   422  C CB  . LEU A 1 51  ? 7.522   2.421   16.354  1.00 22.49 ? 170  LEU A CB  1 
ATOM   423  C CG  . LEU A 1 51  ? 6.724   2.091   15.102  1.00 22.48 ? 170  LEU A CG  1 
ATOM   424  C CD1 . LEU A 1 51  ? 6.618   3.355   14.255  1.00 22.77 ? 170  LEU A CD1 1 
ATOM   425  C CD2 . LEU A 1 51  ? 7.332   0.948   14.295  1.00 18.96 ? 170  LEU A CD2 1 
ATOM   426  N N   . PRO A 1 52  ? 9.948   1.172   18.203  1.00 25.93 ? 171  PRO A N   1 
ATOM   427  C CA  . PRO A 1 52  ? 11.091  1.572   19.026  1.00 26.93 ? 171  PRO A CA  1 
ATOM   428  C C   . PRO A 1 52  ? 11.416  3.070   18.857  1.00 28.05 ? 171  PRO A C   1 
ATOM   429  O O   . PRO A 1 52  ? 11.162  3.640   17.795  1.00 26.79 ? 171  PRO A O   1 
ATOM   430  C CB  . PRO A 1 52  ? 12.229  0.679   18.524  1.00 27.14 ? 171  PRO A CB  1 
ATOM   431  C CG  . PRO A 1 52  ? 11.765  0.048   17.280  1.00 27.35 ? 171  PRO A CG  1 
ATOM   432  C CD  . PRO A 1 52  ? 10.284  0.112   17.238  1.00 25.82 ? 171  PRO A CD  1 
ATOM   433  N N   . PRO A 1 53  ? 11.935  3.725   19.917  1.00 28.59 ? 172  PRO A N   1 
ATOM   434  C CA  . PRO A 1 53  ? 12.141  5.170   19.807  1.00 29.15 ? 172  PRO A CA  1 
ATOM   435  C C   . PRO A 1 53  ? 13.116  5.606   18.707  1.00 29.02 ? 172  PRO A C   1 
ATOM   436  O O   . PRO A 1 53  ? 12.962  6.707   18.165  1.00 30.27 ? 172  PRO A O   1 
ATOM   437  C CB  . PRO A 1 53  ? 12.670  5.568   21.193  1.00 29.19 ? 172  PRO A CB  1 
ATOM   438  C CG  . PRO A 1 53  ? 13.218  4.322   21.775  1.00 29.29 ? 172  PRO A CG  1 
ATOM   439  C CD  . PRO A 1 53  ? 12.354  3.207   21.238  1.00 29.10 ? 172  PRO A CD  1 
ATOM   440  N N   . ASP A 1 54  ? 14.087  4.761   18.372  1.00 28.55 ? 173  ASP A N   1 
ATOM   441  C CA  . ASP A 1 54  ? 15.068  5.103   17.335  1.00 27.42 ? 173  ASP A CA  1 
ATOM   442  C C   . ASP A 1 54  ? 14.800  4.373   16.005  1.00 25.69 ? 173  ASP A C   1 
ATOM   443  O O   . ASP A 1 54  ? 15.695  4.248   15.163  1.00 24.82 ? 173  ASP A O   1 
ATOM   444  C CB  . ASP A 1 54  ? 16.485  4.799   17.837  1.00 29.32 ? 173  ASP A CB  1 
ATOM   445  C CG  . ASP A 1 54  ? 16.709  3.309   18.138  1.00 30.67 ? 173  ASP A CG  1 
ATOM   446  O OD1 . ASP A 1 54  ? 15.749  2.504   18.060  1.00 34.69 ? 173  ASP A OD1 1 
ATOM   447  O OD2 . ASP A 1 54  ? 17.865  2.943   18.452  1.00 35.07 ? 173  ASP A OD2 1 
ATOM   448  N N   . PHE A 1 55  ? 13.574  3.893   15.832  1.00 21.91 ? 174  PHE A N   1 
ATOM   449  C CA  . PHE A 1 55  ? 13.186  3.114   14.655  1.00 18.47 ? 174  PHE A CA  1 
ATOM   450  C C   . PHE A 1 55  ? 13.685  3.739   13.351  1.00 17.26 ? 174  PHE A C   1 
ATOM   451  O O   . PHE A 1 55  ? 13.377  4.894   13.030  1.00 15.44 ? 174  PHE A O   1 
ATOM   452  C CB  . PHE A 1 55  ? 11.675  2.934   14.627  1.00 17.60 ? 174  PHE A CB  1 
ATOM   453  C CG  . PHE A 1 55  ? 11.155  2.293   13.357  1.00 15.58 ? 174  PHE A CG  1 
ATOM   454  C CD1 . PHE A 1 55  ? 10.293  3.000   12.538  1.00 16.01 ? 174  PHE A CD1 1 
ATOM   455  C CD2 . PHE A 1 55  ? 11.539  0.992   12.972  1.00 17.26 ? 174  PHE A CD2 1 
ATOM   456  C CE1 . PHE A 1 55  ? 9.806   2.440   11.348  1.00 14.65 ? 174  PHE A CE1 1 
ATOM   457  C CE2 . PHE A 1 55  ? 11.055  0.421   11.785  1.00 16.20 ? 174  PHE A CE2 1 
ATOM   458  C CZ  . PHE A 1 55  ? 10.191  1.135   10.986  1.00 15.82 ? 174  PHE A CZ  1 
ATOM   459  N N   . GLU A 1 56  ? 14.476  2.943   12.629  1.00 17.69 ? 175  GLU A N   1 
ATOM   460  C CA  . GLU A 1 56  ? 15.097  3.259   11.338  1.00 18.81 ? 175  GLU A CA  1 
ATOM   461  C C   . GLU A 1 56  ? 14.167  3.947   10.316  1.00 16.55 ? 175  GLU A C   1 
ATOM   462  O O   . GLU A 1 56  ? 14.521  4.958   9.664   1.00 16.08 ? 175  GLU A O   1 
ATOM   463  C CB  . GLU A 1 56  ? 15.603  1.920   10.742  1.00 20.10 ? 175  GLU A CB  1 
ATOM   464  C CG  . GLU A 1 56  ? 16.661  2.014   9.657   1.00 24.66 ? 175  GLU A CG  1 
ATOM   465  C CD  . GLU A 1 56  ? 16.860  0.679   8.924   1.00 22.69 ? 175  GLU A CD  1 
ATOM   466  O OE1 . GLU A 1 56  ? 17.142  0.738   7.712   1.00 32.45 ? 175  GLU A OE1 1 
ATOM   467  O OE2 . GLU A 1 56  ? 16.723  -0.398  9.548   1.00 28.59 ? 175  GLU A OE2 1 
ATOM   468  N N   . GLY A 1 57  ? 12.969  3.422   10.189  1.00 14.46 ? 176  GLY A N   1 
ATOM   469  C CA  . GLY A 1 57  ? 12.039  3.942   9.199   1.00 14.47 ? 176  GLY A CA  1 
ATOM   470  C C   . GLY A 1 57  ? 11.573  5.354   9.510   1.00 14.26 ? 176  GLY A C   1 
ATOM   471  O O   . GLY A 1 57  ? 11.405  6.211   8.609   1.00 14.70 ? 176  GLY A O   1 
ATOM   472  N N   . ARG A 1 58  ? 11.355  5.633   10.792  1.00 11.90 ? 177  ARG A N   1 
ATOM   473  C CA  . ARG A 1 58  ? 11.003  6.967   11.178  1.00 12.70 ? 177  ARG A CA  1 
ATOM   474  C C   . ARG A 1 58  ? 12.142  7.943   10.957  1.00 12.38 ? 177  ARG A C   1 
ATOM   475  O O   . ARG A 1 58  ? 11.891  9.062   10.557  1.00 13.38 ? 177  ARG A O   1 
ATOM   476  C CB  . ARG A 1 58  ? 10.515  6.952   12.608  1.00 14.65 ? 177  ARG A CB  1 
ATOM   477  C CG  . ARG A 1 58  ? 9.886   8.270   12.997  1.00 16.02 ? 177  ARG A CG  1 
ATOM   478  C CD  . ARG A 1 58  ? 9.043   8.136   14.227  1.00 19.28 ? 177  ARG A CD  1 
ATOM   479  N NE  . ARG A 1 58  ? 9.678   7.265   15.198  1.00 20.38 ? 177  ARG A NE  1 
ATOM   480  C CZ  . ARG A 1 58  ? 9.048   6.743   16.244  1.00 24.34 ? 177  ARG A CZ  1 
ATOM   481  N NH1 . ARG A 1 58  ? 7.769   7.023   16.454  1.00 25.22 ? 177  ARG A NH1 1 
ATOM   482  N NH2 . ARG A 1 58  ? 9.700   5.944   17.078  1.00 24.49 ? 177  ARG A NH2 1 
ATOM   483  N N   . GLU A 1 59  ? 13.377  7.506   11.186  1.00 12.75 ? 178  GLU A N   1 
ATOM   484  C CA  . GLU A 1 59  ? 14.503  8.418   11.008  1.00 14.41 ? 178  GLU A CA  1 
ATOM   485  C C   . GLU A 1 59  ? 14.607  8.824   9.540   1.00 12.54 ? 178  GLU A C   1 
ATOM   486  O O   . GLU A 1 59  ? 14.882  9.970   9.238   1.00 12.88 ? 178  GLU A O   1 
ATOM   487  C CB  . GLU A 1 59  ? 15.794  7.745   11.491  1.00 16.05 ? 178  GLU A CB  1 
ATOM   488  C CG  . GLU A 1 59  ? 17.071  8.518   11.265  1.00 21.02 ? 178  GLU A CG  1 
ATOM   489  C CD  . GLU A 1 59  ? 17.839  8.007   10.061  1.00 27.96 ? 178  GLU A CD  1 
ATOM   490  O OE1 . GLU A 1 59  ? 17.256  8.029   8.949   1.00 34.41 ? 178  GLU A OE1 1 
ATOM   491  O OE2 . GLU A 1 59  ? 19.014  7.581   10.210  1.00 30.54 ? 178  GLU A OE2 1 
ATOM   492  N N   . LYS A 1 60  ? 14.374  7.893   8.628   1.00 11.37 ? 179  LYS A N   1 
ATOM   493  C CA  . LYS A 1 60  ? 14.498  8.190   7.214   1.00 11.17 ? 179  LYS A CA  1 
ATOM   494  C C   . LYS A 1 60  ? 13.422  9.152   6.750   1.00 10.59 ? 179  LYS A C   1 
ATOM   495  O O   . LYS A 1 60  ? 13.685  10.110  6.029   1.00 11.31 ? 179  LYS A O   1 
ATOM   496  C CB  . LYS A 1 60  ? 14.526  6.904   6.385   1.00 12.40 ? 179  LYS A CB  1 
ATOM   497  C CG  . LYS A 1 60  ? 15.848  6.149   6.572   1.00 16.05 ? 179  LYS A CG  1 
ATOM   498  C CD  . LYS A 1 60  ? 16.001  5.077   5.515   1.00 18.59 ? 179  LYS A CD  1 
ATOM   499  C CE  . LYS A 1 60  ? 17.475  4.714   5.346   1.00 21.26 ? 179  LYS A CE  1 
ATOM   500  N NZ  . LYS A 1 60  ? 17.915  4.129   6.606   1.00 22.68 ? 179  LYS A NZ  1 
ATOM   501  N N   . VAL A 1 61  ? 12.187  8.944   7.215   1.00 9.60  ? 180  VAL A N   1 
ATOM   502  C CA  . VAL A 1 61  ? 11.093  9.834   6.888   1.00 10.27 ? 180  VAL A CA  1 
ATOM   503  C C   . VAL A 1 61  ? 11.345  11.220  7.497   1.00 9.41  ? 180  VAL A C   1 
ATOM   504  O O   . VAL A 1 61  ? 11.169  12.233  6.826   1.00 9.86  ? 180  VAL A O   1 
ATOM   505  C CB  . VAL A 1 61  ? 9.735   9.230   7.334   1.00 9.97  ? 180  VAL A CB  1 
ATOM   506  C CG1 . VAL A 1 61  ? 8.609   10.273  7.210   1.00 12.17 ? 180  VAL A CG1 1 
ATOM   507  C CG2 . VAL A 1 61  ? 9.477   8.022   6.443   1.00 10.34 ? 180  VAL A CG2 1 
ATOM   508  N N   . SER A 1 62  ? 11.769  11.275  8.764   1.00 9.13  ? 181  SER A N   1 
ATOM   509  C CA  . SER A 1 62  ? 12.063  12.546  9.426   1.00 10.60 ? 181  SER A CA  1 
ATOM   510  C C   . SER A 1 62  ? 13.130  13.347  8.672   1.00 9.18  ? 181  SER A C   1 
ATOM   511  O O   . SER A 1 62  ? 13.015  14.563  8.514   1.00 10.66 ? 181  SER A O   1 
ATOM   512  C CB  . SER A 1 62  ? 12.521  12.265  10.849  1.00 11.55 ? 181  SER A CB  1 
ATOM   513  O OG  . SER A 1 62  ? 12.855  13.489  11.483  1.00 15.24 ? 181  SER A OG  1 
ATOM   514  N N   . GLN A 1 63  ? 14.182  12.666  8.244   1.00 9.70  ? 182  GLN A N   1 
ATOM   515  C CA  . GLN A 1 63  ? 15.245  13.358  7.515   1.00 9.49  ? 182  GLN A CA  1 
ATOM   516  C C   . GLN A 1 63  ? 14.741  13.954  6.235   1.00 8.86  ? 182  GLN A C   1 
ATOM   517  O O   . GLN A 1 63  ? 15.075  15.094  5.915   1.00 9.45  ? 182  GLN A O   1 
ATOM   518  C CB  . GLN A 1 63  ? 16.458  12.465  7.255   1.00 10.41 ? 182  GLN A CB  1 
ATOM   519  C CG  . GLN A 1 63  ? 17.265  12.113  8.467   1.00 11.26 ? 182  GLN A CG  1 
ATOM   520  C CD  . GLN A 1 63  ? 17.846  13.325  9.142   1.00 14.76 ? 182  GLN A CD  1 
ATOM   521  O OE1 . GLN A 1 63  ? 18.173  14.320  8.490   1.00 15.09 ? 182  GLN A OE1 1 
ATOM   522  N NE2 . GLN A 1 63  ? 17.950  13.272  10.458  1.00 19.84 ? 182  GLN A NE2 1 
ATOM   523  N N   . TRP A 1 64  ? 13.916  13.227  5.491   1.00 9.02  ? 183  TRP A N   1 
ATOM   524  C CA  . TRP A 1 64  ? 13.268  13.807  4.327   1.00 9.66  ? 183  TRP A CA  1 
ATOM   525  C C   . TRP A 1 64  ? 12.324  14.974  4.673   1.00 10.06 ? 183  TRP A C   1 
ATOM   526  O O   . TRP A 1 64  ? 12.288  16.011  3.962   1.00 10.59 ? 183  TRP A O   1 
ATOM   527  C CB  . TRP A 1 64  ? 12.575  12.712  3.470   1.00 10.39 ? 183  TRP A CB  1 
ATOM   528  C CG  . TRP A 1 64  ? 13.568  12.122  2.544   1.00 9.35  ? 183  TRP A CG  1 
ATOM   529  C CD1 . TRP A 1 64  ? 14.166  10.932  2.652   1.00 10.82 ? 183  TRP A CD1 1 
ATOM   530  C CD2 . TRP A 1 64  ? 14.124  12.763  1.390   1.00 10.10 ? 183  TRP A CD2 1 
ATOM   531  N NE1 . TRP A 1 64  ? 15.115  10.758  1.633   1.00 12.11 ? 183  TRP A NE1 1 
ATOM   532  C CE2 . TRP A 1 64  ? 15.092  11.879  0.844   1.00 9.80  ? 183  TRP A CE2 1 
ATOM   533  C CE3 . TRP A 1 64  ? 13.914  14.004  0.783   1.00 10.06 ? 183  TRP A CE3 1 
ATOM   534  C CZ2 . TRP A 1 64  ? 15.814  12.182  -0.304  1.00 11.74 ? 183  TRP A CZ2 1 
ATOM   535  C CZ3 . TRP A 1 64  ? 14.614  14.301  -0.362  1.00 12.03 ? 183  TRP A CZ3 1 
ATOM   536  C CH2 . TRP A 1 64  ? 15.560  13.405  -0.892  1.00 11.36 ? 183  TRP A CH2 1 
ATOM   537  N N   . LEU A 1 65  ? 11.574  14.877  5.781   1.00 10.73 ? 184  LEU A N   1 
ATOM   538  C CA  . LEU A 1 65  ? 10.742  16.037  6.152   1.00 11.79 ? 184  LEU A CA  1 
ATOM   539  C C   . LEU A 1 65  ? 11.560  17.299  6.445   1.00 11.61 ? 184  LEU A C   1 
ATOM   540  O O   . LEU A 1 65  ? 11.211  18.411  6.056   1.00 12.12 ? 184  LEU A O   1 
ATOM   541  C CB  . LEU A 1 65  ? 9.886   15.725  7.370   1.00 13.02 ? 184  LEU A CB  1 
ATOM   542  C CG  . LEU A 1 65  ? 8.638   14.945  7.026   1.00 13.84 ? 184  LEU A CG  1 
ATOM   543  C CD1 . LEU A 1 65  ? 8.045   14.459  8.326   1.00 14.55 ? 184  LEU A CD1 1 
ATOM   544  C CD2 . LEU A 1 65  ? 7.593   15.744  6.279   1.00 12.13 ? 184  LEU A CD2 1 
ATOM   545  N N   . GLN A 1 66  ? 12.707  17.099  7.097   1.00 11.98 ? 185  GLN A N   1 
ATOM   546  C CA  . GLN A 1 66  ? 13.612  18.189  7.397   1.00 13.69 ? 185  GLN A CA  1 
ATOM   547  C C   . GLN A 1 66  ? 14.177  18.774  6.113   1.00 13.65 ? 185  GLN A C   1 
ATOM   548  O O   . GLN A 1 66  ? 14.290  20.010  5.946   1.00 13.89 ? 185  GLN A O   1 
ATOM   549  C CB  . GLN A 1 66  ? 14.710  17.648  8.300   1.00 13.73 ? 185  GLN A CB  1 
ATOM   550  C CG  . GLN A 1 66  ? 14.169  17.440  9.716   1.00 15.09 ? 185  GLN A CG  1 
ATOM   551  C CD  . GLN A 1 66  ? 15.241  16.927  10.682  1.00 19.14 ? 185  GLN A CD  1 
ATOM   552  O OE1 . GLN A 1 66  ? 16.162  17.660  11.040  1.00 21.10 ? 185  GLN A OE1 1 
ATOM   553  N NE2 . GLN A 1 66  ? 15.111  15.686  11.118  1.00 18.45 ? 185  GLN A NE2 1 
ATOM   554  N N   . LYS A 1 67  ? 14.536  17.901  5.181   1.00 13.75 ? 186  LYS A N   1 
ATOM   555  C CA  . LYS A 1 67  ? 15.057  18.407  3.922   1.00 14.42 ? 186  LYS A CA  1 
ATOM   556  C C   . LYS A 1 67  ? 13.979  19.205  3.190   1.00 14.41 ? 186  LYS A C   1 
ATOM   557  O O   . LYS A 1 67  ? 14.227  20.311  2.688   1.00 15.17 ? 186  LYS A O   1 
ATOM   558  C CB  . LYS A 1 67  ? 15.544  17.236  3.083   1.00 15.26 ? 186  LYS A CB  1 
ATOM   559  C CG  . LYS A 1 67  ? 15.823  17.576  1.648   1.00 16.97 ? 186  LYS A CG  1 
ATOM   560  C CD  . LYS A 1 67  ? 17.142  18.306  1.564   1.00 15.89 ? 186  LYS A CD  1 
ATOM   561  C CE  . LYS A 1 67  ? 17.372  18.796  0.142   1.00 17.75 ? 186  LYS A CE  1 
ATOM   562  N NZ  . LYS A 1 67  ? 18.748  19.376  -0.039  1.00 19.79 ? 186  LYS A NZ  1 
ATOM   563  N N   . LEU A 1 68  ? 12.770  18.671  3.131   1.00 13.45 ? 187  LEU A N   1 
ATOM   564  C CA  . LEU A 1 68  ? 11.691  19.359  2.437   1.00 14.57 ? 187  LEU A CA  1 
ATOM   565  C C   . LEU A 1 68  ? 11.343  20.688  3.119   1.00 16.03 ? 187  LEU A C   1 
ATOM   566  O O   . LEU A 1 68  ? 10.839  21.600  2.458   1.00 14.68 ? 187  LEU A O   1 
ATOM   567  C CB  . LEU A 1 68  ? 10.461  18.445  2.378   1.00 13.77 ? 187  LEU A CB  1 
ATOM   568  C CG  . LEU A 1 68  ? 10.530  17.263  1.430   1.00 16.13 ? 187  LEU A CG  1 
ATOM   569  C CD1 . LEU A 1 68  ? 9.403   16.278  1.671   1.00 18.81 ? 187  LEU A CD1 1 
ATOM   570  C CD2 . LEU A 1 68  ? 10.496  17.725  -0.003  1.00 18.74 ? 187  LEU A CD2 1 
ATOM   571  N N   . SER A 1 69  ? 11.628  20.807  4.421   1.00 15.96 ? 188  SER A N   1 
ATOM   572  C CA  . SER A 1 69  ? 11.274  22.034  5.167   1.00 17.66 ? 188  SER A CA  1 
ATOM   573  C C   . SER A 1 69  ? 12.090  23.238  4.712   1.00 18.33 ? 188  SER A C   1 
ATOM   574  O O   . SER A 1 69  ? 11.706  24.394  4.935   1.00 19.72 ? 188  SER A O   1 
ATOM   575  C CB  . SER A 1 69  ? 11.439  21.840  6.681   1.00 18.01 ? 188  SER A CB  1 
ATOM   576  O OG  . SER A 1 69  ? 12.831  21.890  7.024   1.00 17.86 ? 188  SER A OG  1 
ATOM   577  N N   . SER A 1 70  ? 13.205  22.971  4.053   1.00 18.36 ? 189  SER A N   1 
ATOM   578  C CA  . SER A 1 70  ? 14.094  24.023  3.584   1.00 19.39 ? 189  SER A CA  1 
ATOM   579  C C   . SER A 1 70  ? 13.698  24.529  2.207   1.00 18.84 ? 189  SER A C   1 
ATOM   580  O O   . SER A 1 70  ? 14.285  25.499  1.711   1.00 20.32 ? 189  SER A O   1 
ATOM   581  C CB  . SER A 1 70  ? 15.559  23.558  3.593   1.00 19.62 ? 189  SER A CB  1 
ATOM   582  O OG  . SER A 1 70  ? 15.819  22.601  2.574   1.00 21.14 ? 189  SER A OG  1 
ATOM   583  N N   . MET A 1 71  ? 12.732  23.861  1.576   1.00 17.49 ? 190  MET A N   1 
ATOM   584  C CA  . MET A 1 71  ? 12.262  24.222  0.242   1.00 17.10 ? 190  MET A CA  1 
ATOM   585  C C   . MET A 1 71  ? 11.023  25.097  0.306   1.00 17.13 ? 190  MET A C   1 
ATOM   586  O O   . MET A 1 71  ? 10.274  25.058  1.267   1.00 17.46 ? 190  MET A O   1 
ATOM   587  C CB  . MET A 1 71  ? 11.945  22.956  -0.539  1.00 15.60 ? 190  MET A CB  1 
ATOM   588  C CG  . MET A 1 71  ? 13.190  22.073  -0.758  1.00 16.27 ? 190  MET A CG  1 
ATOM   589  S SD  . MET A 1 71  ? 12.849  20.424  -1.369  1.00 19.59 ? 190  MET A SD  1 
ATOM   590  C CE  . MET A 1 71  ? 12.185  20.725  -3.008  1.00 20.45 ? 190  MET A CE  1 
ATOM   591  N N   . SER A 1 72  ? 10.839  25.898  -0.738  1.00 16.23 ? 191  SER A N   1 
ATOM   592  C CA  . SER A 1 72  ? 9.578   26.566  -1.029  1.00 16.61 ? 191  SER A CA  1 
ATOM   593  C C   . SER A 1 72  ? 8.512   25.580  -1.491  1.00 16.35 ? 191  SER A C   1 
ATOM   594  O O   . SER A 1 72  ? 8.831   24.497  -2.015  1.00 14.60 ? 191  SER A O   1 
ATOM   595  C CB  . SER A 1 72  ? 9.779   27.677  -2.089  1.00 17.39 ? 191  SER A CB  1 
ATOM   596  O OG  . SER A 1 72  ? 10.640  28.700  -1.596  1.00 21.27 ? 191  SER A OG  1 
ATOM   597  N N   . ALA A 1 73  ? 7.245   25.948  -1.316  1.00 16.29 ? 192  ALA A N   1 
ATOM   598  C CA  . ALA A 1 73  ? 6.121   25.095  -1.714  1.00 16.10 ? 192  ALA A CA  1 
ATOM   599  C C   . ALA A 1 73  ? 6.229   24.644  -3.169  1.00 15.63 ? 192  ALA A C   1 
ATOM   600  O O   . ALA A 1 73  ? 5.921   23.490  -3.497  1.00 15.32 ? 192  ALA A O   1 
ATOM   601  C CB  . ALA A 1 73  ? 4.770   25.776  -1.453  1.00 16.04 ? 192  ALA A CB  1 
ATOM   602  N N   . SER A 1 74  ? 6.700   25.559  -4.017  1.00 15.60 ? 193  SER A N   1 
ATOM   603  C CA  . SER A 1 74  ? 6.776   25.329  -5.457  1.00 15.07 ? 193  SER A CA  1 
ATOM   604  C C   . SER A 1 74  ? 8.068   24.638  -5.906  1.00 15.62 ? 193  SER A C   1 
ATOM   605  O O   . SER A 1 74  ? 8.172   24.240  -7.061  1.00 15.48 ? 193  SER A O   1 
ATOM   606  C CB  . SER A 1 74  ? 6.574   26.650  -6.220  1.00 16.78 ? 193  SER A CB  1 
ATOM   607  O OG  . SER A 1 74  ? 7.582   27.573  -5.850  1.00 20.80 ? 193  SER A OG  1 
ATOM   608  N N   . ASP A 1 75  ? 9.024   24.506  -4.995  1.00 14.69 ? 194  ASP A N   1 
ATOM   609  C CA  . ASP A 1 75  ? 10.290  23.868  -5.374  1.00 14.55 ? 194  ASP A CA  1 
ATOM   610  C C   . ASP A 1 75  ? 10.062  22.396  -5.704  1.00 14.63 ? 194  ASP A C   1 
ATOM   611  O O   . ASP A 1 75  ? 9.202   21.733  -5.120  1.00 13.88 ? 194  ASP A O   1 
ATOM   612  C CB  . ASP A 1 75  ? 11.355  23.963  -4.273  1.00 15.15 ? 194  ASP A CB  1 
ATOM   613  C CG  . ASP A 1 75  ? 11.924  25.378  -4.075  1.00 14.84 ? 194  ASP A CG  1 
ATOM   614  O OD1 . ASP A 1 75  ? 11.837  26.195  -5.017  1.00 17.01 ? 194  ASP A OD1 1 
ATOM   615  O OD2 . ASP A 1 75  ? 12.480  25.629  -2.987  1.00 16.43 ? 194  ASP A OD2 1 
ATOM   616  N N   . GLU A 1 76  ? 10.845  21.896  -6.646  1.00 14.71 ? 195  GLU A N   1 
ATOM   617  C CA  . GLU A 1 76  ? 10.692  20.531  -7.105  1.00 14.19 ? 195  GLU A CA  1 
ATOM   618  C C   . GLU A 1 76  ? 11.921  19.719  -6.798  1.00 14.65 ? 195  GLU A C   1 
ATOM   619  O O   . GLU A 1 76  ? 13.063  20.201  -6.907  1.00 15.14 ? 195  GLU A O   1 
ATOM   620  C CB  . GLU A 1 76  ? 10.465  20.528  -8.598  1.00 15.04 ? 195  GLU A CB  1 
ATOM   621  C CG  . GLU A 1 76  ? 9.192   21.159  -9.015  1.00 15.75 ? 195  GLU A CG  1 
ATOM   622  C CD  . GLU A 1 76  ? 9.170   21.455  -10.503 1.00 20.73 ? 195  GLU A CD  1 
ATOM   623  O OE1 . GLU A 1 76  ? 10.228  21.807  -11.088 1.00 22.38 ? 195  GLU A OE1 1 
ATOM   624  O OE2 . GLU A 1 76  ? 8.086   21.330  -11.091 1.00 26.72 ? 195  GLU A OE2 1 
ATOM   625  N N   . LEU A 1 77  ? 11.691  18.459  -6.449  1.00 12.79 ? 196  LEU A N   1 
ATOM   626  C CA  . LEU A 1 77  ? 12.795  17.529  -6.290  1.00 11.73 ? 196  LEU A CA  1 
ATOM   627  C C   . LEU A 1 77  ? 13.385  17.191  -7.668  1.00 11.02 ? 196  LEU A C   1 
ATOM   628  O O   . LEU A 1 77  ? 12.637  17.034  -8.638  1.00 12.33 ? 196  LEU A O   1 
ATOM   629  C CB  . LEU A 1 77  ? 12.347  16.230  -5.620  1.00 11.01 ? 196  LEU A CB  1 
ATOM   630  C CG  . LEU A 1 77  ? 11.738  16.368  -4.224  1.00 14.81 ? 196  LEU A CG  1 
ATOM   631  C CD1 . LEU A 1 77  ? 10.974  15.084  -3.835  1.00 15.53 ? 196  LEU A CD1 1 
ATOM   632  C CD2 . LEU A 1 77  ? 12.812  16.706  -3.203  1.00 15.04 ? 196  LEU A CD2 1 
ATOM   633  N N   . ASP A 1 78  ? 14.723  17.130  -7.763  1.00 11.01 ? 197  ASP A N   1 
ATOM   634  C CA  . ASP A 1 78  ? 15.329  16.755  -9.030  1.00 11.92 ? 197  ASP A CA  1 
ATOM   635  C C   . ASP A 1 78  ? 15.480  15.228  -9.172  1.00 11.49 ? 197  ASP A C   1 
ATOM   636  O O   . ASP A 1 78  ? 15.156  14.468  -8.265  1.00 10.68 ? 197  ASP A O   1 
ATOM   637  C CB  . ASP A 1 78  ? 16.681  17.472  -9.280  1.00 13.45 ? 197  ASP A CB  1 
ATOM   638  C CG  . ASP A 1 78  ? 17.763  17.115  -8.273  1.00 14.33 ? 197  ASP A CG  1 
ATOM   639  O OD1 . ASP A 1 78  ? 17.797  15.981  -7.730  1.00 15.03 ? 197  ASP A OD1 1 
ATOM   640  O OD2 . ASP A 1 78  ? 18.596  18.024  -8.028  1.00 17.07 ? 197  ASP A OD2 1 
ATOM   641  N N   . ASP A 1 79  ? 15.996  14.764  -10.304 1.00 12.46 ? 198  ASP A N   1 
ATOM   642  C CA  . ASP A 1 79  ? 16.069  13.330  -10.546 1.00 13.71 ? 198  ASP A CA  1 
ATOM   643  C C   . ASP A 1 79  ? 16.895  12.608  -9.504  1.00 12.79 ? 198  ASP A C   1 
ATOM   644  O O   . ASP A 1 79  ? 16.542  11.510  -9.088  1.00 12.87 ? 198  ASP A O   1 
ATOM   645  C CB  . ASP A 1 79  ? 16.694  13.075  -11.916 1.00 14.50 ? 198  ASP A CB  1 
ATOM   646  C CG  . ASP A 1 79  ? 15.736  13.336  -13.066 1.00 20.35 ? 198  ASP A CG  1 
ATOM   647  O OD1 . ASP A 1 79  ? 14.532  13.595  -12.851 1.00 24.02 ? 198  ASP A OD1 1 
ATOM   648  O OD2 . ASP A 1 79  ? 16.223  13.254  -14.215 1.00 25.03 ? 198  ASP A OD2 1 
ATOM   649  N N   . SER A 1 80  ? 17.999  13.215  -9.072  1.00 12.88 ? 199  SER A N   1 
ATOM   650  C CA  . SER A 1 80  ? 18.877  12.544  -8.094  1.00 12.96 ? 199  SER A CA  1 
ATOM   651  C C   . SER A 1 80  ? 18.134  12.406  -6.768  1.00 11.42 ? 199  SER A C   1 
ATOM   652  O O   . SER A 1 80  ? 18.246  11.381  -6.097  1.00 11.79 ? 199  SER A O   1 
ATOM   653  C CB  . SER A 1 80  ? 20.176  13.360  -7.862  1.00 13.69 ? 199  SER A CB  1 
ATOM   654  O OG  . SER A 1 80  ? 21.040  12.691  -6.944  1.00 19.73 ? 199  SER A OG  1 
ATOM   655  N N   . GLN A 1 81  ? 17.429  13.462  -6.367  1.00 10.39 ? 200  GLN A N   1 
ATOM   656  C CA  . GLN A 1 81  ? 16.731  13.508  -5.066  1.00 8.54  ? 200  GLN A CA  1 
ATOM   657  C C   . GLN A 1 81  ? 15.569  12.520  -5.119  1.00 10.02 ? 200  GLN A C   1 
ATOM   658  O O   . GLN A 1 81  ? 15.360  11.802  -4.187  1.00 8.59  ? 200  GLN A O   1 
ATOM   659  C CB  . GLN A 1 81  ? 16.222  14.921  -4.822  1.00 9.49  ? 200  GLN A CB  1 
ATOM   660  C CG  . GLN A 1 81  ? 17.320  15.913  -4.471  1.00 10.56 ? 200  GLN A CG  1 
ATOM   661  C CD  . GLN A 1 81  ? 16.876  17.362  -4.476  1.00 11.35 ? 200  GLN A CD  1 
ATOM   662  O OE1 . GLN A 1 81  ? 15.980  17.754  -5.208  1.00 11.08 ? 200  GLN A OE1 1 
ATOM   663  N NE2 . GLN A 1 81  ? 17.558  18.172  -3.697  1.00 13.13 ? 200  GLN A NE2 1 
ATOM   664  N N   . VAL A 1 82  ? 14.887  12.422  -6.233  1.00 8.36  ? 201  VAL A N   1 
ATOM   665  C CA  . VAL A 1 82  ? 13.802  11.415  -6.351  1.00 8.65  ? 201  VAL A CA  1 
ATOM   666  C C   . VAL A 1 82  ? 14.299  9.981   -6.218  1.00 10.01 ? 201  VAL A C   1 
ATOM   667  O O   . VAL A 1 82  ? 13.739  9.186   -5.479  1.00 9.70  ? 201  VAL A O   1 
ATOM   668  C CB  . VAL A 1 82  ? 13.022  11.611  -7.642  1.00 8.77  ? 201  VAL A CB  1 
ATOM   669  C CG1 . VAL A 1 82  ? 12.056  10.426  -7.877  1.00 11.12 ? 201  VAL A CG1 1 
ATOM   670  C CG2 . VAL A 1 82  ? 12.275  12.923  -7.579  1.00 11.65 ? 201  VAL A CG2 1 
ATOM   671  N N   . ARG A 1 83  ? 15.390  9.674   -6.886  1.00 9.40  ? 202  ARG A N   1 
ATOM   672  C CA  . ARG A 1 83  ? 15.953  8.331   -6.793  1.00 10.06 ? 202  ARG A CA  1 
ATOM   673  C C   . ARG A 1 83  ? 16.401  8.022   -5.359  1.00 9.47  ? 202  ARG A C   1 
ATOM   674  O O   . ARG A 1 83  ? 16.151  6.910   -4.847  1.00 9.59  ? 202  ARG A O   1 
ATOM   675  C CB  . ARG A 1 83  ? 17.121  8.169   -7.775  1.00 12.13 ? 202  ARG A CB  1 
ATOM   676  C CG  . ARG A 1 83  ? 17.658  6.765   -7.757  1.00 13.47 ? 202  ARG A CG  1 
ATOM   677  C CD  . ARG A 1 83  ? 18.234  6.395   -9.052  1.00 17.48 ? 202  ARG A CD  1 
ATOM   678  N NE  . ARG A 1 83  ? 18.660  4.996   -9.001  1.00 16.27 ? 202  ARG A NE  1 
ATOM   679  C CZ  . ARG A 1 83  ? 19.211  4.391   -10.043 1.00 17.97 ? 202  ARG A CZ  1 
ATOM   680  N NH1 . ARG A 1 83  ? 19.359  5.064   -11.187 1.00 19.82 ? 202  ARG A NH1 1 
ATOM   681  N NH2 . ARG A 1 83  ? 19.581  3.118   -9.963  1.00 16.91 ? 202  ARG A NH2 1 
ATOM   682  N N   . GLN A 1 84  ? 17.047  8.973   -4.697  1.00 8.64  ? 203  GLN A N   1 
ATOM   683  C CA  . GLN A 1 84  ? 17.464  8.786   -3.307  1.00 9.19  ? 203  GLN A CA  1 
ATOM   684  C C   . GLN A 1 84  ? 16.243  8.659   -2.383  1.00 9.61  ? 203  GLN A C   1 
ATOM   685  O O   . GLN A 1 84  ? 16.244  7.802   -1.504  1.00 9.11  ? 203  GLN A O   1 
ATOM   686  C CB  . GLN A 1 84  ? 18.294  9.980   -2.835  1.00 10.68 ? 203  GLN A CB  1 
ATOM   687  C CG  . GLN A 1 84  ? 18.847  9.845   -1.437  1.00 10.37 ? 203  GLN A CG  1 
ATOM   688  C CD  . GLN A 1 84  ? 19.867  8.771   -1.339  1.00 15.19 ? 203  GLN A CD  1 
ATOM   689  O OE1 . GLN A 1 84  ? 19.728  7.811   -0.543  1.00 15.00 ? 203  GLN A OE1 1 
ATOM   690  N NE2 . GLN A 1 84  ? 20.916  8.910   -2.119  1.00 15.39 ? 203  GLN A NE2 1 
ATOM   691  N N   . MET A 1 85  ? 15.216  9.476   -2.593  1.00 8.61  ? 204  MET A N   1 
ATOM   692  C CA  . MET A 1 85  ? 14.023  9.382   -1.744  1.00 9.15  ? 204  MET A CA  1 
ATOM   693  C C   . MET A 1 85  ? 13.334  8.040   -1.922  1.00 9.78  ? 204  MET A C   1 
ATOM   694  O O   . MET A 1 85  ? 12.870  7.471   -0.941  1.00 9.46  ? 204  MET A O   1 
ATOM   695  C CB  . MET A 1 85  ? 13.083  10.571  -1.989  1.00 8.11  ? 204  MET A CB  1 
ATOM   696  C CG  . MET A 1 85  ? 12.033  10.688  -0.912  1.00 9.39  ? 204  MET A CG  1 
ATOM   697  S SD  . MET A 1 85  ? 11.001  12.098  -1.231  1.00 14.90 ? 204  MET A SD  1 
ATOM   698  C CE  . MET A 1 85  ? 9.957   12.085  0.248   1.00 14.30 ? 204  MET A CE  1 
ATOM   699  N N   . LEU A 1 86  ? 13.265  7.529   -3.145  1.00 8.93  ? 205  LEU A N   1 
ATOM   700  C CA  . LEU A 1 86  ? 12.670  6.238   -3.364  1.00 8.73  ? 205  LEU A CA  1 
ATOM   701  C C   . LEU A 1 86  ? 13.461  5.142   -2.678  1.00 8.76  ? 205  LEU A C   1 
ATOM   702  O O   . LEU A 1 86  ? 12.861  4.245   -2.133  1.00 9.42  ? 205  LEU A O   1 
ATOM   703  C CB  . LEU A 1 86  ? 12.552  5.956   -4.871  1.00 9.69  ? 205  LEU A CB  1 
ATOM   704  C CG  . LEU A 1 86  ? 11.334  6.611   -5.513  1.00 9.98  ? 205  LEU A CG  1 
ATOM   705  C CD1 . LEU A 1 86  ? 11.487  6.528   -6.960  1.00 10.67 ? 205  LEU A CD1 1 
ATOM   706  C CD2 . LEU A 1 86  ? 10.037  5.901   -5.097  1.00 13.54 ? 205  LEU A CD2 1 
ATOM   707  N N   . PHE A 1 87  ? 14.796  5.215   -2.711  1.00 7.87  ? 206  PHE A N   1 
ATOM   708  C CA  . PHE A 1 87  ? 15.640  4.223   -2.023  1.00 8.20  ? 206  PHE A CA  1 
ATOM   709  C C   . PHE A 1 87  ? 15.414  4.301   -0.511  1.00 8.10  ? 206  PHE A C   1 
ATOM   710  O O   . PHE A 1 87  ? 15.274  3.259   0.176   1.00 8.30  ? 206  PHE A O   1 
ATOM   711  C CB  . PHE A 1 87  ? 17.103  4.461   -2.426  1.00 10.10 ? 206  PHE A CB  1 
ATOM   712  C CG  . PHE A 1 87  ? 18.111  3.586   -1.699  1.00 11.72 ? 206  PHE A CG  1 
ATOM   713  C CD1 . PHE A 1 87  ? 19.111  4.164   -0.957  1.00 18.99 ? 206  PHE A CD1 1 
ATOM   714  C CD2 . PHE A 1 87  ? 18.025  2.209   -1.754  1.00 14.68 ? 206  PHE A CD2 1 
ATOM   715  C CE1 . PHE A 1 87  ? 20.060  3.372   -0.278  1.00 20.12 ? 206  PHE A CE1 1 
ATOM   716  C CE2 . PHE A 1 87  ? 18.959  1.382   -1.077  1.00 16.24 ? 206  PHE A CE2 1 
ATOM   717  C CZ  . PHE A 1 87  ? 19.964  1.964   -0.338  1.00 19.78 ? 206  PHE A CZ  1 
ATOM   718  N N   . ASP A 1 88  ? 15.385  5.517   0.026   1.00 9.17  ? 207  ASP A N   1 
ATOM   719  C CA  . ASP A 1 88  ? 15.178  5.700   1.474   1.00 8.84  ? 207  ASP A CA  1 
ATOM   720  C C   . ASP A 1 88  ? 13.783  5.232   1.869   1.00 8.84  ? 207  ASP A C   1 
ATOM   721  O O   . ASP A 1 88  ? 13.648  4.618   2.924   1.00 8.89  ? 207  ASP A O   1 
ATOM   722  C CB  . ASP A 1 88  ? 15.365  7.192   1.823   1.00 9.74  ? 207  ASP A CB  1 
ATOM   723  C CG  . ASP A 1 88  ? 16.829  7.652   1.715   1.00 14.18 ? 207  ASP A CG  1 
ATOM   724  O OD1 . ASP A 1 88  ? 17.725  6.799   1.695   1.00 16.91 ? 207  ASP A OD1 1 
ATOM   725  O OD2 . ASP A 1 88  ? 17.063  8.895   1.693   1.00 12.94 ? 207  ASP A OD2 1 
ATOM   726  N N   . LEU A 1 89  ? 12.766  5.503   1.048   1.00 8.74  ? 208  LEU A N   1 
ATOM   727  C CA  . LEU A 1 89  ? 11.401  5.083   1.439   1.00 8.46  ? 208  LEU A CA  1 
ATOM   728  C C   . LEU A 1 89  ? 11.296  3.574   1.340   1.00 9.41  ? 208  LEU A C   1 
ATOM   729  O O   . LEU A 1 89  ? 10.629  2.963   2.170   1.00 9.12  ? 208  LEU A O   1 
ATOM   730  C CB  . LEU A 1 89  ? 10.389  5.758   0.544   1.00 8.88  ? 208  LEU A CB  1 
ATOM   731  C CG  . LEU A 1 89  ? 10.208  7.238   0.897   1.00 11.98 ? 208  LEU A CG  1 
ATOM   732  C CD1 . LEU A 1 89  ? 9.276   7.848   -0.193  1.00 14.79 ? 208  LEU A CD1 1 
ATOM   733  C CD2 . LEU A 1 89  ? 9.532   7.379   2.236   1.00 14.50 ? 208  LEU A CD2 1 
ATOM   734  N N   . GLU A 1 90  ? 11.903  2.969   0.326   1.00 9.02  ? 209  GLU A N   1 
ATOM   735  C CA  . GLU A 1 90  ? 11.862  1.499   0.219   1.00 10.77 ? 209  GLU A CA  1 
ATOM   736  C C   . GLU A 1 90  ? 12.547  0.906   1.426   1.00 10.50 ? 209  GLU A C   1 
ATOM   737  O O   . GLU A 1 90  ? 12.048  -0.051  2.037   1.00 9.97  ? 209  GLU A O   1 
ATOM   738  C CB  . GLU A 1 90  ? 12.564  1.017   -1.047  1.00 12.16 ? 209  GLU A CB  1 
ATOM   739  C CG  . GLU A 1 90  ? 12.516  -0.510  -1.153  1.00 15.06 ? 209  GLU A CG  1 
ATOM   740  C CD  . GLU A 1 90  ? 13.154  -1.075  -2.417  1.00 18.01 ? 209  GLU A CD  1 
ATOM   741  O OE1 . GLU A 1 90  ? 13.290  -2.320  -2.507  1.00 28.13 ? 209  GLU A OE1 1 
ATOM   742  O OE2 . GLU A 1 90  ? 13.493  -0.293  -3.318  1.00 23.93 ? 209  GLU A OE2 1 
ATOM   743  N N   . SER A 1 91  ? 13.687  1.468   1.802   1.00 10.05 ? 210  SER A N   1 
ATOM   744  C CA  . SER A 1 91  ? 14.405  0.961   2.973   1.00 9.42  ? 210  SER A CA  1 
ATOM   745  C C   . SER A 1 91  ? 13.552  1.123   4.253   1.00 8.86  ? 210  SER A C   1 
ATOM   746  O O   . SER A 1 91  ? 13.490  0.192   5.098   1.00 9.48  ? 210  SER A O   1 
ATOM   747  C CB  . SER A 1 91  ? 15.737  1.710   3.144   1.00 10.89 ? 210  SER A CB  1 
ATOM   748  O OG  . SER A 1 91  ? 16.357  1.379   4.378   1.00 17.98 ? 210  SER A OG  1 
ATOM   749  N N   . ALA A 1 92  ? 12.933  2.289   4.439   1.00 9.12  ? 211  ALA A N   1 
ATOM   750  C CA  . ALA A 1 92  ? 12.078  2.540   5.634   1.00 8.03  ? 211  ALA A CA  1 
ATOM   751  C C   . ALA A 1 92  ? 10.865  1.604   5.639   1.00 7.84  ? 211  ALA A C   1 
ATOM   752  O O   . ALA A 1 92  ? 10.525  1.047   6.681   1.00 7.65  ? 211  ALA A O   1 
ATOM   753  C CB  . ALA A 1 92  ? 11.653  4.015   5.654   1.00 9.25  ? 211  ALA A CB  1 
ATOM   754  N N   . TYR A 1 93  ? 10.222  1.414   4.486   1.00 8.25  ? 212  TYR A N   1 
ATOM   755  C CA  . TYR A 1 93  ? 9.116   0.441   4.348   1.00 8.62  ? 212  TYR A CA  1 
ATOM   756  C C   . TYR A 1 93  ? 9.549   -0.988  4.695   1.00 9.18  ? 212  TYR A C   1 
ATOM   757  O O   . TYR A 1 93  ? 8.893   -1.715  5.478   1.00 9.22  ? 212  TYR A O   1 
ATOM   758  C CB  . TYR A 1 93  ? 8.539   0.520   2.929   1.00 9.86  ? 212  TYR A CB  1 
ATOM   759  C CG  . TYR A 1 93  ? 7.452   -0.479  2.609   1.00 10.24 ? 212  TYR A CG  1 
ATOM   760  C CD1 . TYR A 1 93  ? 6.179   -0.313  3.140   1.00 16.28 ? 212  TYR A CD1 1 
ATOM   761  C CD2 . TYR A 1 93  ? 7.681   -1.552  1.764   1.00 13.96 ? 212  TYR A CD2 1 
ATOM   762  C CE1 . TYR A 1 93  ? 5.171   -1.184  2.846   1.00 16.25 ? 212  TYR A CE1 1 
ATOM   763  C CE2 . TYR A 1 93  ? 6.646   -2.465  1.479   1.00 16.10 ? 212  TYR A CE2 1 
ATOM   764  C CZ  . TYR A 1 93  ? 5.397   -2.255  2.039   1.00 14.83 ? 212  TYR A CZ  1 
ATOM   765  O OH  . TYR A 1 93  ? 4.376   -3.147  1.775   1.00 18.16 ? 212  TYR A OH  1 
ATOM   766  N N   . ASN A 1 94  ? 10.689  -1.387  4.151   1.00 8.90  ? 213  ASN A N   1 
ATOM   767  C CA  . ASN A 1 94  ? 11.183  -2.725  4.495   1.00 8.88  ? 213  ASN A CA  1 
ATOM   768  C C   . ASN A 1 94  ? 11.455  -2.815  5.981   1.00 9.26  ? 213  ASN A C   1 
ATOM   769  O O   . ASN A 1 94  ? 11.162  -3.853  6.600   1.00 10.40 ? 213  ASN A O   1 
ATOM   770  C CB  . ASN A 1 94  ? 12.448  -3.076  3.684   1.00 8.92  ? 213  ASN A CB  1 
ATOM   771  C CG  . ASN A 1 94  ? 12.159  -3.283  2.229   1.00 9.85  ? 213  ASN A CG  1 
ATOM   772  O OD1 . ASN A 1 94  ? 11.004  -3.412  1.797   1.00 12.25 ? 213  ASN A OD1 1 
ATOM   773  N ND2 . ASN A 1 94  ? 13.228  -3.307  1.433   1.00 12.26 ? 213  ASN A ND2 1 
ATOM   774  N N   . ALA A 1 95  ? 12.029  -1.770  6.576   1.00 9.30  ? 214  ALA A N   1 
ATOM   775  C CA  . ALA A 1 95  ? 12.293  -1.810  8.021   1.00 9.11  ? 214  ALA A CA  1 
ATOM   776  C C   . ALA A 1 95  ? 10.982  -1.953  8.777   1.00 8.90  ? 214  ALA A C   1 
ATOM   777  O O   . ALA A 1 95  ? 10.901  -2.653  9.804   1.00 9.69  ? 214  ALA A O   1 
ATOM   778  C CB  . ALA A 1 95  ? 12.994  -0.535  8.481   1.00 10.34 ? 214  ALA A CB  1 
ATOM   779  N N   . PHE A 1 96  ? 9.923   -1.273  8.326   1.00 8.86  ? 215  PHE A N   1 
ATOM   780  C CA  . PHE A 1 96  ? 8.607   -1.387  8.981   1.00 10.11 ? 215  PHE A CA  1 
ATOM   781  C C   . PHE A 1 96  ? 8.065   -2.809  8.879   1.00 10.35 ? 215  PHE A C   1 
ATOM   782  O O   . PHE A 1 96  ? 7.616   -3.406  9.882   1.00 10.17 ? 215  PHE A O   1 
ATOM   783  C CB  . PHE A 1 96  ? 7.615   -0.376  8.392   1.00 9.84  ? 215  PHE A CB  1 
ATOM   784  C CG  . PHE A 1 96  ? 6.350   -0.317  9.138   1.00 9.28  ? 215  PHE A CG  1 
ATOM   785  C CD1 . PHE A 1 96  ? 6.310   0.273   10.385  1.00 10.01 ? 215  PHE A CD1 1 
ATOM   786  C CD2 . PHE A 1 96  ? 5.180   -0.842  8.600   1.00 10.67 ? 215  PHE A CD2 1 
ATOM   787  C CE1 . PHE A 1 96  ? 5.129   0.329   11.105  1.00 10.58 ? 215  PHE A CE1 1 
ATOM   788  C CE2 . PHE A 1 96  ? 4.011   -0.780  9.336   1.00 9.36  ? 215  PHE A CE2 1 
ATOM   789  C CZ  . PHE A 1 96  ? 4.004   -0.196  10.581  1.00 10.34 ? 215  PHE A CZ  1 
ATOM   790  N N   . ASN A 1 97  ? 8.180   -3.379  7.692   1.00 10.96 ? 216  ASN A N   1 
ATOM   791  C CA  . ASN A 1 97  ? 7.752   -4.758  7.541   1.00 11.49 ? 216  ASN A CA  1 
ATOM   792  C C   . ASN A 1 97  ? 8.553   -5.739  8.392   1.00 13.35 ? 216  ASN A C   1 
ATOM   793  O O   . ASN A 1 97  ? 7.994   -6.688  8.944   1.00 14.10 ? 216  ASN A O   1 
ATOM   794  C CB  . ASN A 1 97  ? 7.707   -5.156  6.065   1.00 13.14 ? 216  ASN A CB  1 
ATOM   795  C CG  . ASN A 1 97  ? 6.424   -4.721  5.385   1.00 18.50 ? 216  ASN A CG  1 
ATOM   796  O OD1 . ASN A 1 97  ? 5.339   -4.835  5.938   1.00 22.87 ? 216  ASN A OD1 1 
ATOM   797  N ND2 . ASN A 1 97  ? 6.544   -4.290  4.138   1.00 23.69 ? 216  ASN A ND2 1 
ATOM   798  N N   . ARG A 1 98  ? 9.854   -5.521  8.486   1.00 12.13 ? 217  ARG A N   1 
ATOM   799  C CA  . ARG A 1 98  ? 10.710  -6.379  9.338   1.00 14.68 ? 217  ARG A CA  1 
ATOM   800  C C   . ARG A 1 98  ? 10.253  -6.271  10.777  1.00 14.30 ? 217  ARG A C   1 
ATOM   801  O O   . ARG A 1 98  ? 10.181  -7.285  11.468  1.00 15.08 ? 217  ARG A O   1 
ATOM   802  C CB  . ARG A 1 98  ? 12.212  -6.017  9.245   1.00 15.61 ? 217  ARG A CB  1 
ATOM   803  C CG  . ARG A 1 98  ? 12.905  -6.381  7.944   1.00 17.78 ? 217  ARG A CG  1 
ATOM   804  C CD  . ARG A 1 98  ? 14.462  -6.193  8.039   1.00 17.17 ? 217  ARG A CD  1 
ATOM   805  N NE  . ARG A 1 98  ? 14.922  -4.868  8.453   1.00 18.81 ? 217  ARG A NE  1 
ATOM   806  C CZ  . ARG A 1 98  ? 15.300  -3.926  7.588   1.00 16.34 ? 217  ARG A CZ  1 
ATOM   807  N NH1 . ARG A 1 98  ? 15.247  -4.179  6.304   1.00 19.79 ? 217  ARG A NH1 1 
ATOM   808  N NH2 . ARG A 1 98  ? 15.709  -2.749  8.027   1.00 22.48 ? 217  ARG A NH2 1 
ATOM   809  N N   . PHE A 1 99  ? 9.963   -5.057  11.239  1.00 12.71 ? 218  PHE A N   1 
ATOM   810  C CA  . PHE A 1 99  ? 9.431   -4.835  12.582  1.00 13.28 ? 218  PHE A CA  1 
ATOM   811  C C   . PHE A 1 99  ? 8.174   -5.657  12.840  1.00 14.35 ? 218  PHE A C   1 
ATOM   812  O O   . PHE A 1 99  ? 8.024   -6.253  13.924  1.00 16.14 ? 218  PHE A O   1 
ATOM   813  C CB  . PHE A 1 99  ? 9.155   -3.374  12.821  1.00 14.29 ? 218  PHE A CB  1 
ATOM   814  C CG  . PHE A 1 99  ? 8.451   -3.096  14.123  1.00 16.84 ? 218  PHE A CG  1 
ATOM   815  C CD1 . PHE A 1 99  ? 9.150   -3.056  15.315  1.00 19.97 ? 218  PHE A CD1 1 
ATOM   816  C CD2 . PHE A 1 99  ? 7.090   -2.864  14.145  1.00 19.24 ? 218  PHE A CD2 1 
ATOM   817  C CE1 . PHE A 1 99  ? 8.494   -2.798  16.530  1.00 21.08 ? 218  PHE A CE1 1 
ATOM   818  C CE2 . PHE A 1 99  ? 6.436   -2.609  15.353  1.00 19.95 ? 218  PHE A CE2 1 
ATOM   819  C CZ  . PHE A 1 99  ? 7.151   -2.570  16.531  1.00 20.12 ? 218  PHE A CZ  1 
ATOM   820  N N   . LEU A 1 100 ? 7.295   -5.717  11.844  1.00 14.14 ? 219  LEU A N   1 
ATOM   821  C CA  . LEU A 1 100 ? 6.042   -6.484  11.971  1.00 15.67 ? 219  LEU A CA  1 
ATOM   822  C C   . LEU A 1 100 ? 6.298   -7.999  12.074  1.00 18.22 ? 219  LEU A C   1 
ATOM   823  O O   . LEU A 1 100 ? 5.400   -8.743  12.494  1.00 18.36 ? 219  LEU A O   1 
ATOM   824  C CB  . LEU A 1 100 ? 5.034   -6.144  10.848  1.00 16.12 ? 219  LEU A CB  1 
ATOM   825  C CG  . LEU A 1 100 ? 4.571   -4.673  10.825  1.00 13.14 ? 219  LEU A CG  1 
ATOM   826  C CD1 . LEU A 1 100 ? 3.643   -4.450  9.663   1.00 17.17 ? 219  LEU A CD1 1 
ATOM   827  C CD2 . LEU A 1 100 ? 3.982   -4.163  12.142  1.00 15.88 ? 219  LEU A CD2 1 
ATOM   828  N N   . HIS A 1 101 ? 7.502   -8.442  11.706  1.00 20.90 ? 220  HIS A N   1 
ATOM   829  C CA  . HIS A 1 101 ? 7.922   -9.855  11.851  1.00 22.75 ? 220  HIS A CA  1 
ATOM   830  C C   . HIS A 1 101 ? 8.956   -9.978  12.939  1.00 23.30 ? 220  HIS A C   1 
ATOM   831  O O   . HIS A 1 101 ? 9.563   -11.030 13.107  1.00 24.78 ? 220  HIS A O   1 
ATOM   832  C CB  . HIS A 1 101 ? 8.509   -10.364 10.535  1.00 23.81 ? 220  HIS A CB  1 
ATOM   833  C CG  . HIS A 1 101 ? 7.530   -10.347 9.409   1.00 26.52 ? 220  HIS A CG  1 
ATOM   834  N ND1 . HIS A 1 101 ? 7.017   -9.176  8.900   1.00 29.50 ? 220  HIS A ND1 1 
ATOM   835  C CD2 . HIS A 1 101 ? 6.943   -11.349 8.711   1.00 29.00 ? 220  HIS A CD2 1 
ATOM   836  C CE1 . HIS A 1 101 ? 6.156   -9.452  7.940   1.00 30.24 ? 220  HIS A CE1 1 
ATOM   837  N NE2 . HIS A 1 101 ? 6.092   -10.763 7.803   1.00 32.41 ? 220  HIS A NE2 1 
ATOM   838  N N   . MET B 1 3   ? 4.826   -8.137  17.540  1.00 21.02 ? 122  MET B N   1 
ATOM   839  C CA  . MET B 1 3   ? 3.626   -7.985  16.657  1.00 20.00 ? 122  MET B CA  1 
ATOM   840  C C   . MET B 1 3   ? 3.128   -9.363  16.328  1.00 19.46 ? 122  MET B C   1 
ATOM   841  O O   . MET B 1 3   ? 3.912   -10.311 16.297  1.00 21.00 ? 122  MET B O   1 
ATOM   842  C CB  . MET B 1 3   ? 4.021   -7.244  15.372  1.00 20.25 ? 122  MET B CB  1 
ATOM   843  C CG  . MET B 1 3   ? 4.434   -5.810  15.594  1.00 21.52 ? 122  MET B CG  1 
ATOM   844  S SD  . MET B 1 3   ? 3.046   -4.725  15.996  1.00 25.81 ? 122  MET B SD  1 
ATOM   845  C CE  . MET B 1 3   ? 3.352   -4.463  17.725  1.00 26.38 ? 122  MET B CE  1 
ATOM   846  N N   . GLY B 1 4   ? 1.836   -9.487  16.055  1.00 19.03 ? 123  GLY B N   1 
ATOM   847  C CA  . GLY B 1 4   ? 1.247   -10.792 15.866  1.00 18.94 ? 123  GLY B CA  1 
ATOM   848  C C   . GLY B 1 4   ? 0.649   -11.069 14.514  1.00 18.88 ? 123  GLY B C   1 
ATOM   849  O O   . GLY B 1 4   ? 0.900   -10.351 13.531  1.00 17.33 ? 123  GLY B O   1 
ATOM   850  N N   . ASN B 1 5   ? -0.171  -12.104 14.449  1.00 18.46 ? 124  ASN B N   1 
ATOM   851  C CA  . ASN B 1 5   ? -0.686  -12.541 13.177  1.00 18.59 ? 124  ASN B CA  1 
ATOM   852  C C   . ASN B 1 5   ? -1.675  -11.560 12.598  1.00 17.02 ? 124  ASN B C   1 
ATOM   853  O O   . ASN B 1 5   ? -1.599  -11.247 11.399  1.00 16.02 ? 124  ASN B O   1 
ATOM   854  C CB  . ASN B 1 5   ? -1.263  -13.954 13.274  1.00 18.98 ? 124  ASN B CB  1 
ATOM   855  C CG  . ASN B 1 5   ? -0.188  -14.995 13.489  1.00 22.97 ? 124  ASN B CG  1 
ATOM   856  O OD1 . ASN B 1 5   ? 0.912   -14.913 12.911  1.00 26.40 ? 124  ASN B OD1 1 
ATOM   857  N ND2 . ASN B 1 5   ? -0.489  -15.988 14.323  1.00 26.95 ? 124  ASN B ND2 1 
ATOM   858  N N   . LEU B 1 6   ? -2.606  -11.061 13.402  1.00 15.83 ? 125  LEU B N   1 
ATOM   859  C CA  . LEU B 1 6   ? -3.563  -10.074 12.914  1.00 15.30 ? 125  LEU B CA  1 
ATOM   860  C C   . LEU B 1 6   ? -2.862  -8.815  12.406  1.00 14.43 ? 125  LEU B C   1 
ATOM   861  O O   . LEU B 1 6   ? -3.195  -8.342  11.328  1.00 13.56 ? 125  LEU B O   1 
ATOM   862  C CB  . LEU B 1 6   ? -4.646  -9.756  13.965  1.00 15.68 ? 125  LEU B CB  1 
ATOM   863  C CG  . LEU B 1 6   ? -5.687  -8.704  13.555  1.00 14.87 ? 125  LEU B CG  1 
ATOM   864  C CD1 . LEU B 1 6   ? -6.535  -9.160  12.387  1.00 19.06 ? 125  LEU B CD1 1 
ATOM   865  C CD2 . LEU B 1 6   ? -6.610  -8.294  14.725  1.00 18.36 ? 125  LEU B CD2 1 
ATOM   866  N N   . ASN B 1 7   ? -1.880  -8.298  13.140  1.00 13.70 ? 126  ASN B N   1 
ATOM   867  C CA  . ASN B 1 7   ? -1.089  -7.138  12.694  1.00 13.12 ? 126  ASN B CA  1 
ATOM   868  C C   . ASN B 1 7   ? -0.449  -7.391  11.310  1.00 12.98 ? 126  ASN B C   1 
ATOM   869  O O   . ASN B 1 7   ? -0.480  -6.497  10.435  1.00 11.41 ? 126  ASN B O   1 
ATOM   870  C CB  . ASN B 1 7   ? 0.051   -6.839  13.681  1.00 14.03 ? 126  ASN B CB  1 
ATOM   871  C CG  . ASN B 1 7   ? -0.417  -6.611  15.083  1.00 15.10 ? 126  ASN B CG  1 
ATOM   872  O OD1 . ASN B 1 7   ? -1.393  -5.906  15.333  1.00 17.06 ? 126  ASN B OD1 1 
ATOM   873  N ND2 . ASN B 1 7   ? 0.326   -7.140  16.019  1.00 15.14 ? 126  ASN B ND2 1 
ATOM   874  N N   . ARG B 1 8   ? 0.099   -8.590  11.081  1.00 12.75 ? 127  ARG B N   1 
ATOM   875  C CA  . ARG B 1 8   ? 0.745   -8.903  9.803   1.00 13.85 ? 127  ARG B CA  1 
ATOM   876  C C   . ARG B 1 8   ? -0.273  -9.095  8.713   1.00 14.22 ? 127  ARG B C   1 
ATOM   877  O O   . ARG B 1 8   ? -0.038  -8.667  7.556   1.00 12.94 ? 127  ARG B O   1 
ATOM   878  C CB  . ARG B 1 8   ? 1.643   -10.142 9.932   1.00 14.65 ? 127  ARG B CB  1 
ATOM   879  C CG  . ARG B 1 8   ? 2.936   -9.870  10.672  1.00 15.85 ? 127  ARG B CG  1 
ATOM   880  C CD  . ARG B 1 8   ? 3.836   -11.105 10.663  1.00 17.77 ? 127  ARG B CD  1 
ATOM   881  N NE  . ARG B 1 8   ? 3.338   -12.113 11.587  1.00 20.29 ? 127  ARG B NE  1 
ATOM   882  C CZ  . ARG B 1 8   ? 3.591   -12.136 12.890  1.00 20.78 ? 127  ARG B CZ  1 
ATOM   883  N NH1 . ARG B 1 8   ? 4.347   -11.204 13.454  1.00 22.15 ? 127  ARG B NH1 1 
ATOM   884  N NH2 . ARG B 1 8   ? 3.065   -13.102 13.639  1.00 22.22 ? 127  ARG B NH2 1 
ATOM   885  N N   . CYS B 1 9   ? -1.418  -9.698  9.043   1.00 13.35 ? 128  CYS B N   1 
ATOM   886  C CA  . CYS B 1 9   ? -2.475  -9.848  8.047   1.00 13.90 ? 128  CYS B CA  1 
ATOM   887  C C   . CYS B 1 9   ? -2.882  -8.513  7.479   1.00 13.69 ? 128  CYS B C   1 
ATOM   888  O O   . CYS B 1 9   ? -3.054  -8.364  6.259   1.00 11.17 ? 128  CYS B O   1 
ATOM   889  C CB  . CYS B 1 9   ? -3.741  -10.529 8.616   1.00 15.29 ? 128  CYS B CB  1 
ATOM   890  S SG  . CYS B 1 9   ? -3.612  -12.334 8.648   1.00 22.88 ? 128  CYS B SG  1 
ATOM   891  N N   . ILE B 1 10  ? -3.096  -7.559  8.379   1.00 10.89 ? 129  ILE B N   1 
ATOM   892  C CA  . ILE B 1 10  ? -3.599  -6.254  7.977   1.00 11.29 ? 129  ILE B CA  1 
ATOM   893  C C   . ILE B 1 10  ? -2.564  -5.550  7.074   1.00 10.51 ? 129  ILE B C   1 
ATOM   894  O O   . ILE B 1 10  ? -2.913  -5.074  5.994   1.00 9.43  ? 129  ILE B O   1 
ATOM   895  C CB  . ILE B 1 10  ? -4.026  -5.434  9.210   1.00 10.75 ? 129  ILE B CB  1 
ATOM   896  C CG1 . ILE B 1 10  ? -5.405  -5.987  9.708   1.00 13.55 ? 129  ILE B CG1 1 
ATOM   897  C CG2 . ILE B 1 10  ? -4.075  -3.913  8.864   1.00 12.04 ? 129  ILE B CG2 1 
ATOM   898  C CD1 . ILE B 1 10  ? -5.800  -5.587  11.159  1.00 15.76 ? 129  ILE B CD1 1 
ATOM   899  N N   . ALA B 1 11  ? -1.306  -5.550  7.476   1.00 9.84  ? 130  ALA B N   1 
ATOM   900  C CA  . ALA B 1 11  ? -0.260  -4.966  6.647   1.00 10.15 ? 130  ALA B CA  1 
ATOM   901  C C   . ALA B 1 11  ? -0.212  -5.634  5.290   1.00 9.82  ? 130  ALA B C   1 
ATOM   902  O O   . ALA B 1 11  ? -0.117  -4.963  4.263   1.00 10.24 ? 130  ALA B O   1 
ATOM   903  C CB  . ALA B 1 11  ? 1.095   -5.113  7.333   1.00 10.74 ? 130  ALA B CB  1 
ATOM   904  N N   . ASP B 1 12  ? -0.236  -6.964  5.272   1.00 8.53  ? 131  ASP B N   1 
ATOM   905  C CA  . ASP B 1 12  ? -0.124  -7.704  3.993   1.00 10.05 ? 131  ASP B CA  1 
ATOM   906  C C   . ASP B 1 12  ? -1.329  -7.445  3.110   1.00 9.89  ? 131  ASP B C   1 
ATOM   907  O O   . ASP B 1 12  ? -1.186  -7.330  1.880   1.00 10.70 ? 131  ASP B O   1 
ATOM   908  C CB  . ASP B 1 12  ? 0.034   -9.206  4.212   1.00 11.95 ? 131  ASP B CB  1 
ATOM   909  C CG  . ASP B 1 12  ? 1.355   -9.578  4.802   1.00 15.58 ? 131  ASP B CG  1 
ATOM   910  O OD1 . ASP B 1 12  ? 2.230   -8.707  4.898   1.00 19.98 ? 131  ASP B OD1 1 
ATOM   911  O OD2 . ASP B 1 12  ? 1.495   -10.778 5.144   1.00 22.71 ? 131  ASP B OD2 1 
ATOM   912  N N   . ILE B 1 13  ? -2.536  -7.415  3.676   1.00 10.06 ? 132  ILE B N   1 
ATOM   913  C CA  . ILE B 1 13  ? -3.711  -7.173  2.844   1.00 9.10  ? 132  ILE B CA  1 
ATOM   914  C C   . ILE B 1 13  ? -3.674  -5.800  2.225   1.00 8.63  ? 132  ILE B C   1 
ATOM   915  O O   . ILE B 1 13  ? -3.908  -5.652  1.030   1.00 8.96  ? 132  ILE B O   1 
ATOM   916  C CB  . ILE B 1 13  ? -4.978  -7.367  3.668   1.00 8.52  ? 132  ILE B CB  1 
ATOM   917  C CG1 . ILE B 1 13  ? -5.123  -8.854  4.007   1.00 11.04 ? 132  ILE B CG1 1 
ATOM   918  C CG2 . ILE B 1 13  ? -6.239  -6.877  2.931   1.00 11.42 ? 132  ILE B CG2 1 
ATOM   919  C CD1 . ILE B 1 13  ? -6.165  -9.155  5.101   1.00 10.58 ? 132  ILE B CD1 1 
ATOM   920  N N   . VAL B 1 14  ? -3.317  -4.777  2.989   1.00 8.70  ? 133  VAL B N   1 
ATOM   921  C CA  . VAL B 1 14  ? -3.252  -3.396  2.454   1.00 8.14  ? 133  VAL B CA  1 
ATOM   922  C C   . VAL B 1 14  ? -2.181  -3.381  1.375   1.00 8.43  ? 133  VAL B C   1 
ATOM   923  O O   . VAL B 1 14  ? -2.409  -2.863  0.270   1.00 8.47  ? 133  VAL B O   1 
ATOM   924  C CB  . VAL B 1 14  ? -2.938  -2.388  3.573   1.00 8.37  ? 133  VAL B CB  1 
ATOM   925  C CG1 . VAL B 1 14  ? -2.515  -1.015  3.024   1.00 8.54  ? 133  VAL B CG1 1 
ATOM   926  C CG2 . VAL B 1 14  ? -4.190  -2.318  4.509   1.00 8.84  ? 133  VAL B CG2 1 
ATOM   927  N N   . SER B 1 15  ? -0.981  -3.907  1.651   1.00 8.60  ? 134  SER B N   1 
ATOM   928  C CA  . SER B 1 15  ? 0.062   -3.869  0.620   1.00 9.26  ? 134  SER B CA  1 
ATOM   929  C C   . SER B 1 15  ? -0.323  -4.653  -0.612  1.00 8.62  ? 134  SER B C   1 
ATOM   930  O O   . SER B 1 15  ? -0.015  -4.198  -1.714  1.00 9.08  ? 134  SER B O   1 
ATOM   931  C CB  . SER B 1 15  ? 1.376   -4.400  1.168   1.00 10.70 ? 134  SER B CB  1 
ATOM   932  O OG  . SER B 1 15  ? 1.312   -5.720  1.560   1.00 16.70 ? 134  SER B OG  1 
ATOM   933  N N   . LEU B 1 16  ? -0.993  -5.791  -0.455  1.00 7.66  ? 135  LEU B N   1 
ATOM   934  C CA  . LEU B 1 16  ? -1.381  -6.609  -1.632  1.00 8.86  ? 135  LEU B CA  1 
ATOM   935  C C   . LEU B 1 16  ? -2.460  -5.937  -2.456  1.00 8.57  ? 135  LEU B C   1 
ATOM   936  O O   . LEU B 1 16  ? -2.398  -5.930  -3.705  1.00 8.41  ? 135  LEU B O   1 
ATOM   937  C CB  . LEU B 1 16  ? -1.827  -8.014  -1.213  1.00 9.57  ? 135  LEU B CB  1 
ATOM   938  C CG  . LEU B 1 16  ? -0.654  -8.896  -0.809  1.00 10.40 ? 135  LEU B CG  1 
ATOM   939  C CD1 . LEU B 1 16  ? -1.079  -10.112 0.005   1.00 12.36 ? 135  LEU B CD1 1 
ATOM   940  C CD2 . LEU B 1 16  ? 0.183   -9.325  -2.028  1.00 13.51 ? 135  LEU B CD2 1 
ATOM   941  N N   . PHE B 1 17  ? -3.449  -5.326  -1.807  1.00 8.95  ? 136  PHE B N   1 
ATOM   942  C CA  . PHE B 1 17  ? -4.445  -4.555  -2.538  1.00 8.34  ? 136  PHE B CA  1 
ATOM   943  C C   . PHE B 1 17  ? -3.758  -3.517  -3.404  1.00 9.56  ? 136  PHE B C   1 
ATOM   944  O O   . PHE B 1 17  ? -4.043  -3.409  -4.606  1.00 9.34  ? 136  PHE B O   1 
ATOM   945  C CB  . PHE B 1 17  ? -5.443  -3.823  -1.603  1.00 9.82  ? 136  PHE B CB  1 
ATOM   946  C CG  . PHE B 1 17  ? -6.740  -4.561  -1.339  1.00 9.10  ? 136  PHE B CG  1 
ATOM   947  C CD1 . PHE B 1 17  ? -7.047  -4.970  -0.070  1.00 10.20 ? 136  PHE B CD1 1 
ATOM   948  C CD2 . PHE B 1 17  ? -7.626  -4.844  -2.356  1.00 11.48 ? 136  PHE B CD2 1 
ATOM   949  C CE1 . PHE B 1 17  ? -8.257  -5.598  0.222   1.00 11.30 ? 136  PHE B CE1 1 
ATOM   950  C CE2 . PHE B 1 17  ? -8.841  -5.520  -2.040  1.00 11.24 ? 136  PHE B CE2 1 
ATOM   951  C CZ  . PHE B 1 17  ? -9.105  -5.888  -0.759  1.00 11.41 ? 136  PHE B CZ  1 
ATOM   952  N N   . ILE B 1 18  ? -2.833  -2.771  -2.829  1.00 8.63  ? 137  ILE B N   1 
ATOM   953  C CA  . ILE B 1 18  ? -2.250  -1.660  -3.555  1.00 9.35  ? 137  ILE B CA  1 
ATOM   954  C C   . ILE B 1 18  ? -1.295  -2.191  -4.614  1.00 9.45  ? 137  ILE B C   1 
ATOM   955  O O   . ILE B 1 18  ? -1.230  -1.607  -5.720  1.00 10.47 ? 137  ILE B O   1 
ATOM   956  C CB  . ILE B 1 18  ? -1.600  -0.632  -2.586  1.00 10.54 ? 137  ILE B CB  1 
ATOM   957  C CG1 . ILE B 1 18  ? -2.653  -0.060  -1.623  1.00 10.60 ? 137  ILE B CG1 1 
ATOM   958  C CG2 . ILE B 1 18  ? -0.910  0.514   -3.405  1.00 13.23 ? 137  ILE B CG2 1 
ATOM   959  C CD1 . ILE B 1 18  ? -2.069  0.732   -0.470  1.00 11.26 ? 137  ILE B CD1 1 
ATOM   960  N N   . THR B 1 19  ? -0.595  -3.306  -4.364  1.00 10.22 ? 138  THR B N   1 
ATOM   961  C CA  A THR B 1 19  ? 0.308   -3.826  -5.415  0.50 11.76 ? 138  THR B CA  1 
ATOM   962  C CA  B THR B 1 19  ? 0.290   -3.900  -5.357  0.50 10.16 ? 138  THR B CA  1 
ATOM   963  C C   . THR B 1 19  ? -0.507  -4.321  -6.591  1.00 11.62 ? 138  THR B C   1 
ATOM   964  O O   . THR B 1 19  ? -0.096  -4.078  -7.735  1.00 11.23 ? 138  THR B O   1 
ATOM   965  C CB  A THR B 1 19  ? 1.463   -4.901  -5.054  0.50 14.17 ? 138  THR B CB  1 
ATOM   966  C CB  B THR B 1 19  ? 1.049   -5.086  -4.745  0.50 10.43 ? 138  THR B CB  1 
ATOM   967  O OG1 A THR B 1 19  ? 1.354   -6.108  -5.840  0.50 16.74 ? 138  THR B OG1 1 
ATOM   968  O OG1 B THR B 1 19  ? 1.893   -4.537  -3.727  0.50 9.00  ? 138  THR B OG1 1 
ATOM   969  C CG2 A THR B 1 19  ? 1.641   -5.207  -3.589  0.50 12.60 ? 138  THR B CG2 1 
ATOM   970  C CG2 B THR B 1 19  ? 1.960   -5.777  -5.798  0.50 10.34 ? 138  THR B CG2 1 
ATOM   971  N N   . VAL B 1 20  ? -1.634  -4.986  -6.374  1.00 10.68 ? 139  VAL B N   1 
ATOM   972  C CA  . VAL B 1 20  ? -2.418  -5.439  -7.525  1.00 11.76 ? 139  VAL B CA  1 
ATOM   973  C C   . VAL B 1 20  ? -2.969  -4.250  -8.305  1.00 12.30 ? 139  VAL B C   1 
ATOM   974  O O   . VAL B 1 20  ? -2.930  -4.216  -9.536  1.00 10.41 ? 139  VAL B O   1 
ATOM   975  C CB  . VAL B 1 20  ? -3.552  -6.415  -7.132  1.00 12.43 ? 139  VAL B CB  1 
ATOM   976  C CG1 . VAL B 1 20  ? -4.248  -6.880  -8.386  1.00 13.66 ? 139  VAL B CG1 1 
ATOM   977  C CG2 . VAL B 1 20  ? -2.978  -7.671  -6.485  1.00 13.63 ? 139  VAL B CG2 1 
ATOM   978  N N   . MET B 1 21  ? -3.506  -3.269  -7.600  1.00 10.52 ? 140  MET B N   1 
ATOM   979  C CA  . MET B 1 21  ? -4.012  -2.078  -8.260  1.00 12.91 ? 140  MET B CA  1 
ATOM   980  C C   . MET B 1 21  ? -2.939  -1.373  -9.043  1.00 12.15 ? 140  MET B C   1 
ATOM   981  O O   . MET B 1 21  ? -3.155  -0.999  -10.185 1.00 12.26 ? 140  MET B O   1 
ATOM   982  C CB  . MET B 1 21  ? -4.666  -1.129  -7.270  1.00 13.20 ? 140  MET B CB  1 
ATOM   983  C CG  . MET B 1 21  ? -5.977  -1.696  -6.723  1.00 13.91 ? 140  MET B CG  1 
ATOM   984  S SD  . MET B 1 21  ? -6.850  -0.523  -5.711  1.00 20.41 ? 140  MET B SD  1 
ATOM   985  C CE  . MET B 1 21  ? -5.922  -0.650  -4.238  1.00 16.73 ? 140  MET B CE  1 
ATOM   986  N N   . ASP B 1 22  ? -1.761  -1.232  -8.449  1.00 11.19 ? 141  ASP B N   1 
ATOM   987  C CA  . ASP B 1 22  ? -0.661  -0.590  -9.130  1.00 11.20 ? 141  ASP B CA  1 
ATOM   988  C C   . ASP B 1 22  ? -0.227  -1.365  -10.360 1.00 10.57 ? 141  ASP B C   1 
ATOM   989  O O   . ASP B 1 22  ? 0.117   -0.742  -11.395 1.00 11.61 ? 141  ASP B O   1 
ATOM   990  C CB  . ASP B 1 22  ? 0.535   -0.416  -8.183  1.00 11.60 ? 141  ASP B CB  1 
ATOM   991  C CG  . ASP B 1 22  ? 0.384   0.797   -7.289  1.00 13.09 ? 141  ASP B CG  1 
ATOM   992  O OD1 . ASP B 1 22  ? -0.522  1.651   -7.490  1.00 14.38 ? 141  ASP B OD1 1 
ATOM   993  O OD2 . ASP B 1 22  ? 1.209   0.843   -6.337  1.00 14.00 ? 141  ASP B OD2 1 
ATOM   994  N N   . LYS B 1 23  ? -0.189  -2.690  -10.316 1.00 11.11 ? 142  LYS B N   1 
ATOM   995  C CA  . LYS B 1 23  ? 0.086   -3.472  -11.553 1.00 12.51 ? 142  LYS B CA  1 
ATOM   996  C C   . LYS B 1 23  ? -0.945  -3.196  -12.639 1.00 13.13 ? 142  LYS B C   1 
ATOM   997  O O   . LYS B 1 23  ? -0.568  -2.980  -13.807 1.00 14.64 ? 142  LYS B O   1 
ATOM   998  C CB  . LYS B 1 23  ? 0.202   -4.962  -11.257 1.00 13.30 ? 142  LYS B CB  1 
ATOM   999  C CG  . LYS B 1 23  ? 1.437   -5.313  -10.468 1.00 15.29 ? 142  LYS B CG  1 
ATOM   1000 C CD  . LYS B 1 23  ? 1.496   -6.788  -10.167 1.00 20.65 ? 142  LYS B CD  1 
ATOM   1001 C CE  . LYS B 1 23  ? 2.850   -7.199  -9.610  1.00 24.12 ? 142  LYS B CE  1 
ATOM   1002 N NZ  . LYS B 1 23  ? 2.933   -8.695  -9.707  1.00 28.69 ? 142  LYS B NZ  1 
ATOM   1003 N N   . LEU B 1 24  ? -2.215  -3.123  -12.276 1.00 13.93 ? 143  LEU B N   1 
ATOM   1004 C CA  . LEU B 1 24  ? -3.270  -2.783  -13.238 1.00 13.88 ? 143  LEU B CA  1 
ATOM   1005 C C   . LEU B 1 24  ? -3.181  -1.332  -13.759 1.00 15.27 ? 143  LEU B C   1 
ATOM   1006 O O   . LEU B 1 24  ? -3.500  -1.038  -14.944 1.00 16.30 ? 143  LEU B O   1 
ATOM   1007 C CB  . LEU B 1 24  ? -4.636  -3.001  -12.607 1.00 13.57 ? 143  LEU B CB  1 
ATOM   1008 C CG  . LEU B 1 24  ? -4.945  -4.475  -12.290 1.00 12.65 ? 143  LEU B CG  1 
ATOM   1009 C CD1 . LEU B 1 24  ? -6.168  -4.575  -11.479 1.00 13.10 ? 143  LEU B CD1 1 
ATOM   1010 C CD2 . LEU B 1 24  ? -5.028  -5.387  -13.570 1.00 13.79 ? 143  LEU B CD2 1 
ATOM   1011 N N   . ARG B 1 25  ? -2.746  -0.416  -12.908 1.00 14.61 ? 144  ARG B N   1 
ATOM   1012 C CA  . ARG B 1 25  ? -2.493  0.955   -13.345 1.00 16.65 ? 144  ARG B CA  1 
ATOM   1013 C C   . ARG B 1 25  ? -1.337  1.004   -14.337 1.00 15.40 ? 144  ARG B C   1 
ATOM   1014 O O   . ARG B 1 25  ? -1.320  1.855   -15.234 1.00 18.08 ? 144  ARG B O   1 
ATOM   1015 C CB  . ARG B 1 25  ? -2.225  1.841   -12.134 1.00 16.36 ? 144  ARG B CB  1 
ATOM   1016 C CG  . ARG B 1 25  ? -3.448  2.073   -11.284 1.00 18.71 ? 144  ARG B CG  1 
ATOM   1017 C CD  . ARG B 1 25  ? -3.073  2.580   -9.900  1.00 20.66 ? 144  ARG B CD  1 
ATOM   1018 N NE  . ARG B 1 25  ? -4.263  2.856   -9.115  1.00 24.49 ? 144  ARG B NE  1 
ATOM   1019 C CZ  . ARG B 1 25  ? -4.317  2.775   -7.793  1.00 25.78 ? 144  ARG B CZ  1 
ATOM   1020 N NH1 . ARG B 1 25  ? -3.234  2.423   -7.100  1.00 25.24 ? 144  ARG B NH1 1 
ATOM   1021 N NH2 . ARG B 1 25  ? -5.460  3.040   -7.174  1.00 28.44 ? 144  ARG B NH2 1 
ATOM   1022 N N   . LEU B 1 26  ? -0.395  0.086   -14.226 1.00 16.67 ? 145  LEU B N   1 
ATOM   1023 C CA  . LEU B 1 26  ? 0.670   -0.079  -15.219 1.00 18.60 ? 145  LEU B CA  1 
ATOM   1024 C C   . LEU B 1 26  ? 0.174   -0.864  -16.450 1.00 18.43 ? 145  LEU B C   1 
ATOM   1025 O O   . LEU B 1 26  ? 0.950   -1.109  -17.370 1.00 20.51 ? 145  LEU B O   1 
ATOM   1026 C CB  . LEU B 1 26  ? 1.913   -0.740  -14.602 1.00 18.93 ? 145  LEU B CB  1 
ATOM   1027 C CG  . LEU B 1 26  ? 2.722   0.059   -13.576 1.00 20.77 ? 145  LEU B CG  1 
ATOM   1028 C CD1 . LEU B 1 26  ? 3.741   -0.845  -12.909 1.00 23.56 ? 145  LEU B CD1 1 
ATOM   1029 C CD2 . LEU B 1 26  ? 3.421   1.247   -14.242 1.00 22.90 ? 145  LEU B CD2 1 
ATOM   1030 N N   . GLU B 1 27  ? -1.109  -1.209  -16.488 1.00 19.59 ? 146  GLU B N   1 
ATOM   1031 C CA  . GLU B 1 27  ? -1.665  -2.001  -17.608 1.00 19.99 ? 146  GLU B CA  1 
ATOM   1032 C C   . GLU B 1 27  ? -1.063  -3.410  -17.755 1.00 20.38 ? 146  GLU B C   1 
ATOM   1033 O O   . GLU B 1 27  ? -1.168  -4.023  -18.830 1.00 21.96 ? 146  GLU B O   1 
ATOM   1034 C CB  . GLU B 1 27  ? -1.624  -1.207  -18.933 1.00 20.58 ? 146  GLU B CB  1 
ATOM   1035 C CG  . GLU B 1 27  ? -2.197  0.219   -18.796 1.00 22.27 ? 146  GLU B CG  1 
ATOM   1036 C CD  . GLU B 1 27  ? -2.650  0.809   -20.110 1.00 24.68 ? 146  GLU B CD  1 
ATOM   1037 O OE1 . GLU B 1 27  ? -3.258  0.063   -20.903 1.00 23.46 ? 146  GLU B OE1 1 
ATOM   1038 O OE2 . GLU B 1 27  ? -2.408  2.013   -20.341 1.00 24.70 ? 146  GLU B OE2 1 
ATOM   1039 N N   . ILE B 1 28  ? -0.406  -3.917  -16.699 1.00 19.19 ? 147  ILE B N   1 
ATOM   1040 C CA  . ILE B 1 28  ? 0.058   -5.307  -16.651 1.00 19.18 ? 147  ILE B CA  1 
ATOM   1041 C C   . ILE B 1 28  ? -1.204  -6.147  -16.748 1.00 18.45 ? 147  ILE B C   1 
ATOM   1042 O O   . ILE B 1 28  ? -2.194  -5.845  -16.094 1.00 18.94 ? 147  ILE B O   1 
ATOM   1043 C CB  . ILE B 1 28  ? 0.820   -5.574  -15.355 1.00 18.41 ? 147  ILE B CB  1 
ATOM   1044 C CG1 . ILE B 1 28  ? 2.176   -4.859  -15.422 1.00 18.07 ? 147  ILE B CG1 1 
ATOM   1045 C CG2 . ILE B 1 28  ? 1.007   -7.065  -15.128 1.00 20.41 ? 147  ILE B CG2 1 
ATOM   1046 C CD1 . ILE B 1 28  ? 2.928   -4.855  -14.133 1.00 20.28 ? 147  ILE B CD1 1 
ATOM   1047 N N   . ARG B 1 29  ? -1.181  -7.155  -17.630 1.00 17.78 ? 148  ARG B N   1 
ATOM   1048 C CA  . ARG B 1 29  ? -2.433  -7.848  -18.001 1.00 16.66 ? 148  ARG B CA  1 
ATOM   1049 C C   . ARG B 1 29  ? -2.341  -9.375  -18.175 1.00 15.70 ? 148  ARG B C   1 
ATOM   1050 O O   . ARG B 1 29  ? -3.371  -10.014 -18.352 1.00 16.79 ? 148  ARG B O   1 
ATOM   1051 C CB  . ARG B 1 29  ? -3.038  -7.218  -19.257 1.00 16.91 ? 148  ARG B CB  1 
ATOM   1052 C CG  . ARG B 1 29  ? -2.149  -7.411  -20.406 1.00 16.04 ? 148  ARG B CG  1 
ATOM   1053 C CD  . ARG B 1 29  ? -2.772  -6.914  -21.714 1.00 17.44 ? 148  ARG B CD  1 
ATOM   1054 N NE  . ARG B 1 29  ? -2.579  -5.469  -21.891 1.00 18.76 ? 148  ARG B NE  1 
ATOM   1055 C CZ  . ARG B 1 29  ? -3.554  -4.565  -21.929 1.00 17.98 ? 148  ARG B CZ  1 
ATOM   1056 N NH1 . ARG B 1 29  ? -4.818  -4.925  -21.791 1.00 15.46 ? 148  ARG B NH1 1 
ATOM   1057 N NH2 . ARG B 1 29  ? -3.258  -3.276  -22.099 1.00 18.77 ? 148  ARG B NH2 1 
ATOM   1058 N N   . ALA B 1 30  ? -1.142  -9.947  -18.140 1.00 15.73 ? 149  ALA B N   1 
ATOM   1059 C CA  . ALA B 1 30  ? -1.008  -11.398 -18.358 1.00 14.11 ? 149  ALA B CA  1 
ATOM   1060 C C   . ALA B 1 30  ? -1.434  -12.111 -17.095 1.00 13.63 ? 149  ALA B C   1 
ATOM   1061 O O   . ALA B 1 30  ? -1.119  -11.649 -15.980 1.00 14.08 ? 149  ALA B O   1 
ATOM   1062 C CB  . ALA B 1 30  ? 0.412   -11.788 -18.694 1.00 14.94 ? 149  ALA B CB  1 
ATOM   1063 N N   . MET B 1 31  ? -2.138  -13.218 -17.263 1.00 12.50 ? 150  MET B N   1 
ATOM   1064 C CA  . MET B 1 31  ? -2.687  -13.946 -16.117 1.00 12.54 ? 150  MET B CA  1 
ATOM   1065 C C   . MET B 1 31  ? -1.578  -14.261 -15.134 1.00 11.67 ? 150  MET B C   1 
ATOM   1066 O O   . MET B 1 31  ? -1.760  -14.070 -13.931 1.00 11.29 ? 150  MET B O   1 
ATOM   1067 C CB  . MET B 1 31  ? -3.360  -15.221 -16.582 1.00 12.59 ? 150  MET B CB  1 
ATOM   1068 C CG  . MET B 1 31  ? -4.006  -15.961 -15.416 1.00 15.50 ? 150  MET B CG  1 
ATOM   1069 S SD  . MET B 1 31  ? -2.858  -17.027 -14.555 1.00 15.06 ? 150  MET B SD  1 
ATOM   1070 C CE  . MET B 1 31  ? -3.375  -18.648 -15.113 1.00 18.43 ? 150  MET B CE  1 
ATOM   1071 N N   . ASP B 1 32  ? -0.419  -14.747 -15.604 1.00 11.85 ? 151  ASP B N   1 
ATOM   1072 C CA  . ASP B 1 32  ? 0.640   -15.208 -14.688 1.00 12.15 ? 151  ASP B CA  1 
ATOM   1073 C C   . ASP B 1 32  ? 1.389   -14.082 -13.968 1.00 12.68 ? 151  ASP B C   1 
ATOM   1074 O O   . ASP B 1 32  ? 2.204   -14.352 -13.074 1.00 13.57 ? 151  ASP B O   1 
ATOM   1075 C CB  . ASP B 1 32  ? 1.578   -16.286 -15.299 1.00 13.45 ? 151  ASP B CB  1 
ATOM   1076 C CG  . ASP B 1 32  ? 2.383   -15.802 -16.477 1.00 15.95 ? 151  ASP B CG  1 
ATOM   1077 O OD1 . ASP B 1 32  ? 3.102   -16.663 -17.049 1.00 18.05 ? 151  ASP B OD1 1 
ATOM   1078 O OD2 . ASP B 1 32  ? 2.332   -14.612 -16.861 1.00 15.64 ? 151  ASP B OD2 1 
ATOM   1079 N N   . GLU B 1 33  ? 1.097   -12.841 -14.360 1.00 12.80 ? 152  GLU B N   1 
ATOM   1080 C CA  . GLU B 1 33  ? 1.634   -11.651 -13.699 1.00 14.96 ? 152  GLU B CA  1 
ATOM   1081 C C   . GLU B 1 33  ? 0.652   -11.009 -12.703 1.00 14.55 ? 152  GLU B C   1 
ATOM   1082 O O   . GLU B 1 33  ? 1.064   -10.242 -11.827 1.00 15.51 ? 152  GLU B O   1 
ATOM   1083 C CB  . GLU B 1 33  ? 2.117   -10.615 -14.743 1.00 15.69 ? 152  GLU B CB  1 
ATOM   1084 C CG  . GLU B 1 33  ? 3.187   -11.125 -15.703 1.00 19.62 ? 152  GLU B CG  1 
ATOM   1085 C CD  . GLU B 1 33  ? 3.494   -10.167 -16.877 1.00 20.74 ? 152  GLU B CD  1 
ATOM   1086 O OE1 . GLU B 1 33  ? 3.300   -8.940  -16.748 1.00 28.71 ? 152  GLU B OE1 1 
ATOM   1087 O OE2 . GLU B 1 33  ? 3.975   -10.652 -17.927 1.00 27.46 ? 152  GLU B OE2 1 
ATOM   1088 N N   . ILE B 1 34  ? -0.642  -11.288 -12.826 1.00 13.24 ? 153  ILE B N   1 
ATOM   1089 C CA  . ILE B 1 34  ? -1.660  -10.692 -11.942 1.00 14.28 ? 153  ILE B CA  1 
ATOM   1090 C C   . ILE B 1 34  ? -2.211  -11.674 -10.929 1.00 13.33 ? 153  ILE B C   1 
ATOM   1091 O O   . ILE B 1 34  ? -2.438  -11.352 -9.760  1.00 12.29 ? 153  ILE B O   1 
ATOM   1092 C CB  . ILE B 1 34  ? -2.848  -10.158 -12.798 1.00 14.83 ? 153  ILE B CB  1 
ATOM   1093 C CG1 . ILE B 1 34  ? -2.368  -9.011  -13.685 1.00 15.70 ? 153  ILE B CG1 1 
ATOM   1094 C CG2 . ILE B 1 34  ? -4.047  -9.735  -11.921 1.00 14.44 ? 153  ILE B CG2 1 
ATOM   1095 C CD1 . ILE B 1 34  ? -1.989  -7.748  -12.957 1.00 17.86 ? 153  ILE B CD1 1 
ATOM   1096 N N   . GLN B 1 35  ? -2.488  -12.883 -11.398 1.00 12.05 ? 154  GLN B N   1 
ATOM   1097 C CA  . GLN B 1 35  ? -3.144  -13.849 -10.547 1.00 12.42 ? 154  GLN B CA  1 
ATOM   1098 C C   . GLN B 1 35  ? -2.371  -14.180 -9.266  1.00 12.03 ? 154  GLN B C   1 
ATOM   1099 O O   . GLN B 1 35  ? -3.024  -14.301 -8.223  1.00 13.04 ? 154  GLN B O   1 
ATOM   1100 C CB  . GLN B 1 35  ? -3.501  -15.087 -11.358 1.00 12.70 ? 154  GLN B CB  1 
ATOM   1101 C CG  . GLN B 1 35  ? -4.523  -15.976 -10.670 1.00 13.76 ? 154  GLN B CG  1 
ATOM   1102 C CD  . GLN B 1 35  ? -3.882  -17.113 -9.999  1.00 16.99 ? 154  GLN B CD  1 
ATOM   1103 O OE1 . GLN B 1 35  ? -4.575  -18.064 -9.565  1.00 22.48 ? 154  GLN B OE1 1 
ATOM   1104 N NE2 . GLN B 1 35  ? -2.543  -17.062 -9.894  1.00 15.08 ? 154  GLN B NE2 1 
ATOM   1105 N N   . PRO B 1 36  ? -1.032  -14.380 -9.310  1.00 12.15 ? 155  PRO B N   1 
ATOM   1106 C CA  . PRO B 1 36  ? -0.412  -14.790 -8.034  1.00 12.66 ? 155  PRO B CA  1 
ATOM   1107 C C   . PRO B 1 36  ? -0.590  -13.785 -6.903  1.00 12.32 ? 155  PRO B C   1 
ATOM   1108 O O   . PRO B 1 36  ? -0.890  -14.174 -5.765  1.00 12.11 ? 155  PRO B O   1 
ATOM   1109 C CB  . PRO B 1 36  ? 1.065   -14.955 -8.395  1.00 13.01 ? 155  PRO B CB  1 
ATOM   1110 C CG  . PRO B 1 36  ? 1.029   -15.291 -9.869  1.00 12.65 ? 155  PRO B CG  1 
ATOM   1111 C CD  . PRO B 1 36  ? -0.077  -14.447 -10.440 1.00 12.58 ? 155  PRO B CD  1 
ATOM   1112 N N   . ASP B 1 37  ? -0.447  -12.488 -7.169  1.00 13.13 ? 156  ASP B N   1 
ATOM   1113 C CA  . ASP B 1 37  ? -0.683  -11.490 -6.089  1.00 12.86 ? 156  ASP B CA  1 
ATOM   1114 C C   . ASP B 1 37  ? -2.149  -11.463 -5.634  1.00 11.56 ? 156  ASP B C   1 
ATOM   1115 O O   . ASP B 1 37  ? -2.451  -11.300 -4.442  1.00 11.33 ? 156  ASP B O   1 
ATOM   1116 C CB  . ASP B 1 37  ? -0.290  -10.067 -6.521  1.00 14.74 ? 156  ASP B CB  1 
ATOM   1117 C CG  . ASP B 1 37  ? 1.209   -9.876  -6.655  1.00 19.79 ? 156  ASP B CG  1 
ATOM   1118 O OD1 . ASP B 1 37  ? 2.000   -10.539 -5.960  1.00 22.75 ? 156  ASP B OD1 1 
ATOM   1119 O OD2 . ASP B 1 37  ? 1.580   -8.994  -7.455  1.00 24.46 ? 156  ASP B OD2 1 
ATOM   1120 N N   . LEU B 1 38  ? -3.058  -11.601 -6.584  1.00 10.20 ? 157  LEU B N   1 
ATOM   1121 C CA  . LEU B 1 38  ? -4.477  -11.653 -6.270  1.00 10.62 ? 157  LEU B CA  1 
ATOM   1122 C C   . LEU B 1 38  ? -4.801  -12.864 -5.378  1.00 10.51 ? 157  LEU B C   1 
ATOM   1123 O O   . LEU B 1 38  ? -5.599  -12.742 -4.419  1.00 9.94  ? 157  LEU B O   1 
ATOM   1124 C CB  . LEU B 1 38  ? -5.271  -11.745 -7.572  1.00 11.95 ? 157  LEU B CB  1 
ATOM   1125 C CG  . LEU B 1 38  ? -6.768  -11.482 -7.361  1.00 12.19 ? 157  LEU B CG  1 
ATOM   1126 C CD1 . LEU B 1 38  ? -7.041  -10.048 -6.850  1.00 16.10 ? 157  LEU B CD1 1 
ATOM   1127 C CD2 . LEU B 1 38  ? -7.546  -11.721 -8.660  1.00 12.68 ? 157  LEU B CD2 1 
ATOM   1128 N N   . ARG B 1 39  ? -4.233  -14.020 -5.694  1.00 9.70  ? 158  ARG B N   1 
ATOM   1129 C CA  . ARG B 1 39  ? -4.404  -15.197 -4.885  1.00 9.97  ? 158  ARG B CA  1 
ATOM   1130 C C   . ARG B 1 39  ? -3.844  -15.016 -3.497  1.00 9.56  ? 158  ARG B C   1 
ATOM   1131 O O   . ARG B 1 39  ? -4.484  -15.412 -2.524  1.00 11.26 ? 158  ARG B O   1 
ATOM   1132 C CB  . ARG B 1 39  ? -3.756  -16.374 -5.583  1.00 10.42 ? 158  ARG B CB  1 
ATOM   1133 C CG  . ARG B 1 39  ? -3.826  -17.672 -4.784  1.00 12.57 ? 158  ARG B CG  1 
ATOM   1134 C CD  . ARG B 1 39  ? -3.929  -18.903 -5.640  1.00 18.46 ? 158  ARG B CD  1 
ATOM   1135 N NE  . ARG B 1 39  ? -4.971  -18.874 -6.682  1.00 23.55 ? 158  ARG B NE  1 
ATOM   1136 C CZ  . ARG B 1 39  ? -6.228  -19.303 -6.543  1.00 26.07 ? 158  ARG B CZ  1 
ATOM   1137 N NH1 . ARG B 1 39  ? -6.676  -19.758 -5.376  1.00 28.11 ? 158  ARG B NH1 1 
ATOM   1138 N NH2 . ARG B 1 39  ? -7.056  -19.250 -7.586  1.00 25.61 ? 158  ARG B NH2 1 
ATOM   1139 N N   . GLU B 1 40  ? -2.681  -14.390 -3.398  1.00 8.94  ? 159  GLU B N   1 
ATOM   1140 C CA  . GLU B 1 40  ? -2.094  -14.135 -2.095  1.00 9.03  ? 159  GLU B CA  1 
ATOM   1141 C C   . GLU B 1 40  ? -3.009  -13.228 -1.283  1.00 9.93  ? 159  GLU B C   1 
ATOM   1142 O O   . GLU B 1 40  ? -3.159  -13.381 -0.064  1.00 9.84  ? 159  GLU B O   1 
ATOM   1143 C CB  . GLU B 1 40  ? -0.694  -13.533 -2.259  1.00 11.01 ? 159  GLU B CB  1 
ATOM   1144 C CG  . GLU B 1 40  ? 0.099   -13.347 -0.961  1.00 14.12 ? 159  GLU B CG  1 
ATOM   1145 C CD  . GLU B 1 40  ? 0.822   -14.594 -0.471  1.00 23.18 ? 159  GLU B CD  1 
ATOM   1146 O OE1 . GLU B 1 40  ? 1.050   -15.539 -1.257  1.00 24.47 ? 159  GLU B OE1 1 
ATOM   1147 O OE2 . GLU B 1 40  ? 1.195   -14.587 0.737   1.00 27.85 ? 159  GLU B OE2 1 
ATOM   1148 N N   . LEU B 1 41  ? -3.582  -12.242 -1.963  1.00 8.57  ? 160  LEU B N   1 
ATOM   1149 C CA  . LEU B 1 41  ? -4.496  -11.325 -1.284  1.00 8.77  ? 160  LEU B CA  1 
ATOM   1150 C C   . LEU B 1 41  ? -5.706  -12.092 -0.723  1.00 9.21  ? 160  LEU B C   1 
ATOM   1151 O O   . LEU B 1 41  ? -6.067  -11.949 0.439   1.00 10.30 ? 160  LEU B O   1 
ATOM   1152 C CB  . LEU B 1 41  ? -4.936  -10.241 -2.275  1.00 8.10  ? 160  LEU B CB  1 
ATOM   1153 C CG  . LEU B 1 41  ? -6.079  -9.311  -1.827  1.00 8.28  ? 160  LEU B CG  1 
ATOM   1154 C CD1 . LEU B 1 41  ? -5.682  -8.524  -0.594  1.00 11.04 ? 160  LEU B CD1 1 
ATOM   1155 C CD2 . LEU B 1 41  ? -6.475  -8.375  -2.934  1.00 11.47 ? 160  LEU B CD2 1 
ATOM   1156 N N   . MET B 1 42  ? -6.319  -12.936 -1.551  1.00 9.27  ? 161  MET B N   1 
ATOM   1157 C CA  . MET B 1 42  ? -7.519  -13.657 -1.127  1.00 10.05 ? 161  MET B CA  1 
ATOM   1158 C C   . MET B 1 42  ? -7.164  -14.591 0.040   1.00 10.99 ? 161  MET B C   1 
ATOM   1159 O O   . MET B 1 42  ? -7.925  -14.701 1.024   1.00 10.26 ? 161  MET B O   1 
ATOM   1160 C CB  . MET B 1 42  ? -8.037  -14.492 -2.313  1.00 11.01 ? 161  MET B CB  1 
ATOM   1161 C CG  . MET B 1 42  ? -9.344  -15.184 -2.013  1.00 12.44 ? 161  MET B CG  1 
ATOM   1162 S SD  . MET B 1 42  ? -10.714 -13.992 -2.052  1.00 20.12 ? 161  MET B SD  1 
ATOM   1163 C CE  . MET B 1 42  ? -11.826 -14.775 -0.866  1.00 18.17 ? 161  MET B CE  1 
ATOM   1164 N N   . GLU B 1 43  ? -6.003  -15.258 -0.043  1.00 10.96 ? 162  GLU B N   1 
ATOM   1165 C CA  . GLU B 1 43  ? -5.591  -16.219 0.997   1.00 10.68 ? 162  GLU B CA  1 
ATOM   1166 C C   . GLU B 1 43  ? -5.283  -15.488 2.299   1.00 10.75 ? 162  GLU B C   1 
ATOM   1167 O O   . GLU B 1 43  ? -5.594  -15.962 3.393   1.00 11.27 ? 162  GLU B O   1 
ATOM   1168 C CB  . GLU B 1 43  ? -4.406  -17.075 0.528   1.00 11.39 ? 162  GLU B CB  1 
ATOM   1169 C CG  . GLU B 1 43  ? -4.811  -18.103 -0.546  1.00 12.50 ? 162  GLU B CG  1 
ATOM   1170 C CD  . GLU B 1 43  ? -5.780  -19.161 -0.050  1.00 17.67 ? 162  GLU B CD  1 
ATOM   1171 O OE1 . GLU B 1 43  ? -6.323  -19.848 -0.921  1.00 21.41 ? 162  GLU B OE1 1 
ATOM   1172 O OE2 . GLU B 1 43  ? -6.015  -19.297 1.180   1.00 19.93 ? 162  GLU B OE2 1 
ATOM   1173 N N   . THR B 1 44  ? -4.720  -14.308 2.211   1.00 9.58  ? 163  THR B N   1 
ATOM   1174 C CA  . THR B 1 44  ? -4.473  -13.547 3.430   1.00 11.19 ? 163  THR B CA  1 
ATOM   1175 C C   . THR B 1 44  ? -5.794  -13.096 4.072   1.00 12.09 ? 163  THR B C   1 
ATOM   1176 O O   . THR B 1 44  ? -5.946  -13.098 5.302   1.00 13.16 ? 163  THR B O   1 
ATOM   1177 C CB  . THR B 1 44  ? -3.579  -12.315 3.162   1.00 10.89 ? 163  THR B CB  1 
ATOM   1178 O OG1 . THR B 1 44  ? -2.400  -12.754 2.484   1.00 13.89 ? 163  THR B OG1 1 
ATOM   1179 C CG2 . THR B 1 44  ? -3.141  -11.643 4.483   1.00 13.17 ? 163  THR B CG2 1 
ATOM   1180 N N   . MET B 1 45  ? -6.742  -12.652 3.260   1.00 12.14 ? 164  MET B N   1 
ATOM   1181 C CA  . MET B 1 45  ? -8.077  -12.314 3.774   1.00 14.55 ? 164  MET B CA  1 
ATOM   1182 C C   . MET B 1 45  ? -8.740  -13.528 4.429   1.00 15.51 ? 164  MET B C   1 
ATOM   1183 O O   . MET B 1 45  ? -9.466  -13.375 5.446   1.00 17.00 ? 164  MET B O   1 
ATOM   1184 C CB  . MET B 1 45  ? -8.950  -11.729 2.659   1.00 14.35 ? 164  MET B CB  1 
ATOM   1185 C CG  . MET B 1 45  ? -8.441  -10.360 2.245   1.00 12.73 ? 164  MET B CG  1 
ATOM   1186 S SD  . MET B 1 45  ? -9.498  -9.450  1.069   1.00 18.81 ? 164  MET B SD  1 
ATOM   1187 C CE  . MET B 1 45  ? -10.607 -8.556  2.059   1.00 21.93 ? 164  MET B CE  1 
ATOM   1188 N N   . ASN B 1 46  ? -8.519  -14.721 3.862   1.00 16.44 ? 165  ASN B N   1 
ATOM   1189 C CA  . ASN B 1 46  ? -9.062  -15.991 4.435   1.00 18.60 ? 165  ASN B CA  1 
ATOM   1190 C C   . ASN B 1 46  ? -8.546  -16.208 5.857   1.00 19.45 ? 165  ASN B C   1 
ATOM   1191 O O   . ASN B 1 46  ? -9.258  -16.763 6.708   1.00 19.80 ? 165  ASN B O   1 
ATOM   1192 C CB  . ASN B 1 46  ? -8.677  -17.231 3.593   1.00 19.27 ? 165  ASN B CB  1 
ATOM   1193 C CG  . ASN B 1 46  ? -9.489  -17.424 2.285   1.00 20.33 ? 165  ASN B CG  1 
ATOM   1194 O OD1 . ASN B 1 46  ? -10.571 -16.871 2.065   1.00 22.31 ? 165  ASN B OD1 1 
ATOM   1195 N ND2 . ASN B 1 46  ? -8.936  -18.246 1.410   1.00 24.82 ? 165  ASN B ND2 1 
ATOM   1196 N N   . ARG B 1 47  ? -7.330  -15.759 6.127   1.00 19.59 ? 166  ARG B N   1 
ATOM   1197 C CA  . ARG B 1 47  ? -6.659  -15.979 7.396   1.00 20.36 ? 166  ARG B CA  1 
ATOM   1198 C C   . ARG B 1 47  ? -7.051  -14.985 8.484   1.00 20.02 ? 166  ARG B C   1 
ATOM   1199 O O   . ARG B 1 47  ? -6.790  -15.219 9.664   1.00 20.60 ? 166  ARG B O   1 
ATOM   1200 C CB  . ARG B 1 47  ? -5.139  -16.026 7.203   1.00 20.99 ? 166  ARG B CB  1 
ATOM   1201 C CG  . ARG B 1 47  ? -4.695  -17.240 6.457   1.00 24.56 ? 166  ARG B CG  1 
ATOM   1202 C CD  . ARG B 1 47  ? -3.195  -17.464 6.608   1.00 29.24 ? 166  ARG B CD  1 
ATOM   1203 N NE  . ARG B 1 47  ? -2.376  -16.461 5.912   1.00 32.49 ? 166  ARG B NE  1 
ATOM   1204 C CZ  . ARG B 1 47  ? -2.005  -16.544 4.631   1.00 33.80 ? 166  ARG B CZ  1 
ATOM   1205 N NH1 . ARG B 1 47  ? -2.393  -17.570 3.883   1.00 34.35 ? 166  ARG B NH1 1 
ATOM   1206 N NH2 . ARG B 1 47  ? -1.249  -15.594 4.091   1.00 35.71 ? 166  ARG B NH2 1 
ATOM   1207 N N   . MET B 1 48  ? -7.702  -13.878 8.110   1.00 19.59 ? 167  MET B N   1 
ATOM   1208 C CA  . MET B 1 48  ? -8.161  -12.912 9.073   1.00 18.88 ? 167  MET B CA  1 
ATOM   1209 C C   . MET B 1 48  ? -9.459  -13.421 9.753   1.00 18.59 ? 167  MET B C   1 
ATOM   1210 O O   . MET B 1 48  ? -10.497 -13.526 9.127   1.00 17.63 ? 167  MET B O   1 
ATOM   1211 C CB  . MET B 1 48  ? -8.372  -11.601 8.326   1.00 20.56 ? 167  MET B CB  1 
ATOM   1212 C CG  . MET B 1 48  ? -8.220  -10.396 9.163   1.00 19.90 ? 167  MET B CG  1 
ATOM   1213 S SD  . MET B 1 48  ? -8.190  -8.935  8.115   1.00 17.10 ? 167  MET B SD  1 
ATOM   1214 C CE  . MET B 1 48  ? -8.839  -7.798  9.312   1.00 18.75 ? 167  MET B CE  1 
ATOM   1215 N N   . SER B 1 49  ? -9.397  -13.762 11.045  1.00 17.83 ? 168  SER B N   1 
ATOM   1216 C CA  . SER B 1 49  ? -10.484 -14.578 11.659  1.00 17.99 ? 168  SER B CA  1 
ATOM   1217 C C   . SER B 1 49  ? -11.914 -14.034 11.619  1.00 16.75 ? 168  SER B C   1 
ATOM   1218 O O   . SER B 1 49  ? -12.885 -14.777 11.396  1.00 16.07 ? 168  SER B O   1 
ATOM   1219 C CB  . SER B 1 49  ? -10.119 -14.980 13.105  1.00 20.30 ? 168  SER B CB  1 
ATOM   1220 O OG  . SER B 1 49  ? -8.746  -15.313 13.164  1.00 25.51 ? 168  SER B OG  1 
ATOM   1221 N N   . HIS B 1 50  ? -12.069 -12.754 11.894  1.00 14.45 ? 169  HIS B N   1 
ATOM   1222 C CA  . HIS B 1 50  ? -13.376 -12.224 11.956  1.00 14.20 ? 169  HIS B CA  1 
ATOM   1223 C C   . HIS B 1 50  ? -13.572 -11.216 10.858  1.00 13.93 ? 169  HIS B C   1 
ATOM   1224 O O   . HIS B 1 50  ? -14.396 -10.352 10.992  1.00 14.54 ? 169  HIS B O   1 
ATOM   1225 C CB  . HIS B 1 50  ? -13.654 -11.594 13.336  1.00 14.10 ? 169  HIS B CB  1 
ATOM   1226 C CG  . HIS B 1 50  ? -13.516 -12.557 14.484  1.00 14.90 ? 169  HIS B CG  1 
ATOM   1227 N ND1 . HIS B 1 50  ? -13.629 -13.934 14.378  1.00 18.22 ? 169  HIS B ND1 1 
ATOM   1228 C CD2 . HIS B 1 50  ? -13.259 -12.303 15.786  1.00 11.90 ? 169  HIS B CD2 1 
ATOM   1229 C CE1 . HIS B 1 50  ? -13.438 -14.475 15.573  1.00 15.60 ? 169  HIS B CE1 1 
ATOM   1230 N NE2 . HIS B 1 50  ? -13.199 -13.507 16.438  1.00 18.70 ? 169  HIS B NE2 1 
ATOM   1231 N N   . LEU B 1 51  ? -12.851 -11.365 9.745   1.00 13.06 ? 170  LEU B N   1 
ATOM   1232 C CA  . LEU B 1 51  ? -13.249 -10.648 8.540   1.00 13.38 ? 170  LEU B CA  1 
ATOM   1233 C C   . LEU B 1 51  ? -14.308 -11.562 7.896   1.00 13.41 ? 170  LEU B C   1 
ATOM   1234 O O   . LEU B 1 51  ? -13.977 -12.671 7.442   1.00 13.40 ? 170  LEU B O   1 
ATOM   1235 C CB  . LEU B 1 51  ? -12.063 -10.502 7.591   1.00 13.27 ? 170  LEU B CB  1 
ATOM   1236 C CG  . LEU B 1 51  ? -12.363 -9.765  6.288   1.00 13.15 ? 170  LEU B CG  1 
ATOM   1237 C CD1 . LEU B 1 51  ? -12.589 -8.269  6.554   1.00 13.65 ? 170  LEU B CD1 1 
ATOM   1238 C CD2 . LEU B 1 51  ? -11.222 -9.954  5.310   1.00 13.67 ? 170  LEU B CD2 1 
ATOM   1239 N N   . PRO B 1 52  ? -15.567 -11.112 7.856   1.00 13.41 ? 171  PRO B N   1 
ATOM   1240 C CA  . PRO B 1 52  ? -16.650 -12.025 7.392   1.00 12.90 ? 171  PRO B CA  1 
ATOM   1241 C C   . PRO B 1 52  ? -16.377 -12.452 5.968   1.00 13.23 ? 171  PRO B C   1 
ATOM   1242 O O   . PRO B 1 52  ? -15.949 -11.646 5.172   1.00 12.59 ? 171  PRO B O   1 
ATOM   1243 C CB  . PRO B 1 52  ? -17.893 -11.134 7.414   1.00 13.79 ? 171  PRO B CB  1 
ATOM   1244 C CG  . PRO B 1 52  ? -17.584 -10.092 8.458   1.00 14.05 ? 171  PRO B CG  1 
ATOM   1245 C CD  . PRO B 1 52  ? -16.116 -9.800  8.246   1.00 13.85 ? 171  PRO B CD  1 
ATOM   1246 N N   . PRO B 1 53  ? -16.569 -13.742 5.651   1.00 11.78 ? 172  PRO B N   1 
ATOM   1247 C CA  . PRO B 1 53  ? -16.298 -14.239 4.327   1.00 12.70 ? 172  PRO B CA  1 
ATOM   1248 C C   . PRO B 1 53  ? -17.031 -13.560 3.171   1.00 12.32 ? 172  PRO B C   1 
ATOM   1249 O O   . PRO B 1 53  ? -16.468 -13.446 2.077   1.00 13.41 ? 172  PRO B O   1 
ATOM   1250 C CB  . PRO B 1 53  ? -16.653 -15.731 4.432   1.00 13.58 ? 172  PRO B CB  1 
ATOM   1251 C CG  . PRO B 1 53  ? -16.374 -16.066 5.830   1.00 13.74 ? 172  PRO B CG  1 
ATOM   1252 C CD  . PRO B 1 53  ? -16.856 -14.847 6.594   1.00 13.39 ? 172  PRO B CD  1 
ATOM   1253 N N   . ASP B 1 54  ? -18.247 -13.091 3.412   1.00 13.66 ? 173  ASP B N   1 
ATOM   1254 C CA  . ASP B 1 54  ? -18.962 -12.389 2.380   1.00 15.60 ? 173  ASP B CA  1 
ATOM   1255 C C   . ASP B 1 54  ? -18.820 -10.874 2.527   1.00 15.28 ? 173  ASP B C   1 
ATOM   1256 O O   . ASP B 1 54  ? -19.615 -10.123 1.970   1.00 14.81 ? 173  ASP B O   1 
ATOM   1257 C CB  . ASP B 1 54  ? -20.441 -12.770 2.379   1.00 17.23 ? 173  ASP B CB  1 
ATOM   1258 C CG  . ASP B 1 54  ? -21.087 -12.487 1.064   1.00 20.15 ? 173  ASP B CG  1 
ATOM   1259 O OD1 . ASP B 1 54  ? -20.404 -12.710 0.031   1.00 22.24 ? 173  ASP B OD1 1 
ATOM   1260 O OD2 . ASP B 1 54  ? -22.227 -11.981 1.049   1.00 20.80 ? 173  ASP B OD2 1 
ATOM   1261 N N   . PHE B 1 55  ? -17.824 -10.417 3.288   1.00 15.31 ? 174  PHE B N   1 
ATOM   1262 C CA  . PHE B 1 55  ? -17.604 -8.993  3.408   1.00 17.12 ? 174  PHE B CA  1 
ATOM   1263 C C   . PHE B 1 55  ? -17.537 -8.342  2.030   1.00 17.94 ? 174  PHE B C   1 
ATOM   1264 O O   . PHE B 1 55  ? -16.995 -8.916  1.100   1.00 17.65 ? 174  PHE B O   1 
ATOM   1265 C CB  . PHE B 1 55  ? -16.347 -8.709  4.211   1.00 17.81 ? 174  PHE B CB  1 
ATOM   1266 C CG  . PHE B 1 55  ? -16.159 -7.261  4.519   1.00 20.11 ? 174  PHE B CG  1 
ATOM   1267 C CD1 . PHE B 1 55  ? -15.245 -6.504  3.783   1.00 16.56 ? 174  PHE B CD1 1 
ATOM   1268 C CD2 . PHE B 1 55  ? -16.929 -6.638  5.512   1.00 21.50 ? 174  PHE B CD2 1 
ATOM   1269 C CE1 . PHE B 1 55  ? -15.055 -5.130  4.073   1.00 19.97 ? 174  PHE B CE1 1 
ATOM   1270 C CE2 . PHE B 1 55  ? -16.776 -5.269  5.789   1.00 24.06 ? 174  PHE B CE2 1 
ATOM   1271 C CZ  . PHE B 1 55  ? -15.840 -4.519  5.064   1.00 21.98 ? 174  PHE B CZ  1 
ATOM   1272 N N   . GLU B 1 56  ? -18.137 -7.151  1.952   1.00 18.40 ? 175  GLU B N   1 
ATOM   1273 C CA  . GLU B 1 56  ? -18.205 -6.296  0.764   1.00 20.31 ? 175  GLU B CA  1 
ATOM   1274 C C   . GLU B 1 56  ? -16.864 -6.306  0.044   1.00 20.29 ? 175  GLU B C   1 
ATOM   1275 O O   . GLU B 1 56  ? -15.822 -5.976  0.622   1.00 20.56 ? 175  GLU B O   1 
ATOM   1276 C CB  . GLU B 1 56  ? -18.609 -4.877  1.193   1.00 19.86 ? 175  GLU B CB  1 
ATOM   1277 C CG  . GLU B 1 56  ? -18.571 -3.775  0.117   1.00 24.39 ? 175  GLU B CG  1 
ATOM   1278 C CD  . GLU B 1 56  ? -18.941 -2.416  0.702   1.00 24.04 ? 175  GLU B CD  1 
ATOM   1279 O OE1 . GLU B 1 56  ? -19.296 -1.503  -0.085  1.00 31.16 ? 175  GLU B OE1 1 
ATOM   1280 O OE2 . GLU B 1 56  ? -18.881 -2.242  1.950   1.00 31.04 ? 175  GLU B OE2 1 
ATOM   1281 N N   . GLY B 1 57  ? -16.880 -6.726  -1.213  1.00 20.39 ? 176  GLY B N   1 
ATOM   1282 C CA  . GLY B 1 57  ? -15.690 -6.703  -2.023  1.00 20.57 ? 176  GLY B CA  1 
ATOM   1283 C C   . GLY B 1 57  ? -15.032 -8.066  -2.150  1.00 20.47 ? 176  GLY B C   1 
ATOM   1284 O O   . GLY B 1 57  ? -14.361 -8.324  -3.163  1.00 20.80 ? 176  GLY B O   1 
ATOM   1285 N N   . ARG B 1 58  ? -15.211 -8.959  -1.157  1.00 19.95 ? 177  ARG B N   1 
ATOM   1286 C CA  . ARG B 1 58  ? -14.486 -10.266 -1.143  1.00 20.23 ? 177  ARG B CA  1 
ATOM   1287 C C   . ARG B 1 58  ? -15.016 -11.087 -2.310  1.00 18.63 ? 177  ARG B C   1 
ATOM   1288 O O   . ARG B 1 58  ? -14.279 -11.861 -2.943  1.00 15.94 ? 177  ARG B O   1 
ATOM   1289 C CB  . ARG B 1 58  ? -14.637 -11.039 0.196   1.00 20.47 ? 177  ARG B CB  1 
ATOM   1290 C CG  . ARG B 1 58  ? -13.333 -11.685 0.736   1.00 23.99 ? 177  ARG B CG  1 
ATOM   1291 C CD  . ARG B 1 58  ? -13.269 -11.743 2.265   1.00 21.58 ? 177  ARG B CD  1 
ATOM   1292 N NE  . ARG B 1 58  ? -12.324 -12.738 2.785   1.00 29.72 ? 177  ARG B NE  1 
ATOM   1293 C CZ  . ARG B 1 58  ? -12.485 -14.059 2.691   1.00 32.50 ? 177  ARG B CZ  1 
ATOM   1294 N NH1 . ARG B 1 58  ? -13.561 -14.569 2.110   1.00 31.58 ? 177  ARG B NH1 1 
ATOM   1295 N NH2 . ARG B 1 58  ? -11.581 -14.875 3.194   1.00 31.37 ? 177  ARG B NH2 1 
ATOM   1296 N N   . GLU B 1 59  ? -16.287 -10.897 -2.634  1.00 19.78 ? 178  GLU B N   1 
ATOM   1297 C CA  . GLU B 1 59  ? -16.873 -11.542 -3.792  1.00 20.97 ? 178  GLU B CA  1 
ATOM   1298 C C   . GLU B 1 59  ? -16.191 -11.112 -5.085  1.00 20.17 ? 178  GLU B C   1 
ATOM   1299 O O   . GLU B 1 59  ? -16.077 -11.922 -6.000  1.00 20.75 ? 178  GLU B O   1 
ATOM   1300 C CB  . GLU B 1 59  ? -18.402 -11.321 -3.875  1.00 21.67 ? 178  GLU B CB  1 
ATOM   1301 C CG  . GLU B 1 59  ? -18.868 -10.113 -4.737  1.00 26.35 ? 178  GLU B CG  1 
ATOM   1302 C CD  . GLU B 1 59  ? -18.662 -8.736  -4.088  1.00 31.42 ? 178  GLU B CD  1 
ATOM   1303 O OE1 . GLU B 1 59  ? -17.929 -8.643  -3.077  1.00 32.64 ? 178  GLU B OE1 1 
ATOM   1304 O OE2 . GLU B 1 59  ? -19.237 -7.742  -4.596  1.00 33.37 ? 178  GLU B OE2 1 
ATOM   1305 N N   . LYS B 1 60  ? -15.776 -9.845  -5.159  1.00 20.87 ? 179  LYS B N   1 
ATOM   1306 C CA  . LYS B 1 60  ? -15.151 -9.352  -6.402  1.00 20.30 ? 179  LYS B CA  1 
ATOM   1307 C C   . LYS B 1 60  ? -13.720 -9.857  -6.548  1.00 18.84 ? 179  LYS B C   1 
ATOM   1308 O O   . LYS B 1 60  ? -13.309 -10.258 -7.628  1.00 18.00 ? 179  LYS B O   1 
ATOM   1309 C CB  . LYS B 1 60  ? -15.186 -7.825  -6.503  1.00 21.15 ? 179  LYS B CB  1 
ATOM   1310 C CG  . LYS B 1 60  ? -16.529 -7.203  -6.921  1.00 23.30 ? 179  LYS B CG  1 
ATOM   1311 C CD  . LYS B 1 60  ? -16.424 -5.674  -6.822  1.00 24.22 ? 179  LYS B CD  1 
ATOM   1312 C CE  . LYS B 1 60  ? -17.675 -4.903  -7.266  1.00 26.56 ? 179  LYS B CE  1 
ATOM   1313 N NZ  . LYS B 1 60  ? -17.330 -3.436  -7.339  1.00 27.51 ? 179  LYS B NZ  1 
ATOM   1314 N N   . VAL B 1 61  ? -12.971 -9.879  -5.462  1.00 16.11 ? 180  VAL B N   1 
ATOM   1315 C CA  . VAL B 1 61  ? -11.663 -10.496 -5.464  1.00 15.51 ? 180  VAL B CA  1 
ATOM   1316 C C   . VAL B 1 61  ? -11.811 -11.950 -5.923  1.00 14.72 ? 180  VAL B C   1 
ATOM   1317 O O   . VAL B 1 61  ? -11.109 -12.384 -6.820  1.00 14.04 ? 180  VAL B O   1 
ATOM   1318 C CB  . VAL B 1 61  ? -10.952 -10.343 -4.101  1.00 15.70 ? 180  VAL B CB  1 
ATOM   1319 C CG1 . VAL B 1 61  ? -9.703  -11.168 -4.081  1.00 15.53 ? 180  VAL B CG1 1 
ATOM   1320 C CG2 . VAL B 1 61  ? -10.557 -8.898  -3.863  1.00 17.63 ? 180  VAL B CG2 1 
ATOM   1321 N N   . SER B 1 62  ? -12.772 -12.676 -5.372  1.00 13.70 ? 181  SER B N   1 
ATOM   1322 C CA  . SER B 1 62  ? -12.973 -14.079 -5.689  1.00 14.05 ? 181  SER B CA  1 
ATOM   1323 C C   . SER B 1 62  ? -13.447 -14.264 -7.127  1.00 14.17 ? 181  SER B C   1 
ATOM   1324 O O   . SER B 1 62  ? -13.023 -15.186 -7.806  1.00 14.69 ? 181  SER B O   1 
ATOM   1325 C CB  . SER B 1 62  ? -13.973 -14.695 -4.705  1.00 15.58 ? 181  SER B CB  1 
ATOM   1326 O OG  . SER B 1 62  ? -14.325 -15.968 -5.131  1.00 19.79 ? 181  SER B OG  1 
ATOM   1327 N N   . GLN B 1 63  ? -14.322 -13.381 -7.592  1.00 14.48 ? 182  GLN B N   1 
ATOM   1328 C CA  . GLN B 1 63  ? -14.812 -13.515 -8.959  1.00 14.95 ? 182  GLN B CA  1 
ATOM   1329 C C   . GLN B 1 63  ? -13.689 -13.276 -9.964  1.00 12.59 ? 182  GLN B C   1 
ATOM   1330 O O   . GLN B 1 63  ? -13.557 -14.027 -10.933 1.00 13.25 ? 182  GLN B O   1 
ATOM   1331 C CB  . GLN B 1 63  ? -15.936 -12.529 -9.225  1.00 16.24 ? 182  GLN B CB  1 
ATOM   1332 C CG  . GLN B 1 63  ? -17.294 -12.939 -8.659  1.00 21.24 ? 182  GLN B CG  1 
ATOM   1333 C CD  . GLN B 1 63  ? -18.375 -11.952 -9.087  1.00 23.66 ? 182  GLN B CD  1 
ATOM   1334 O OE1 . GLN B 1 63  ? -19.272 -12.295 -9.863  1.00 31.15 ? 182  GLN B OE1 1 
ATOM   1335 N NE2 . GLN B 1 63  ? -18.264 -10.712 -8.624  1.00 27.43 ? 182  GLN B NE2 1 
ATOM   1336 N N   . TRP B 1 64  ? -12.855 -12.253 -9.743  1.00 11.85 ? 183  TRP B N   1 
ATOM   1337 C CA  . TRP B 1 64  ? -11.696 -12.078 -10.625 1.00 12.40 ? 183  TRP B CA  1 
ATOM   1338 C C   . TRP B 1 64  ? -10.695 -13.211 -10.519 1.00 12.79 ? 183  TRP B C   1 
ATOM   1339 O O   . TRP B 1 64  ? -10.092 -13.600 -11.525 1.00 12.26 ? 183  TRP B O   1 
ATOM   1340 C CB  . TRP B 1 64  ? -11.004 -10.725 -10.376 1.00 11.80 ? 183  TRP B CB  1 
ATOM   1341 C CG  . TRP B 1 64  ? -11.775 -9.612  -10.993 1.00 11.29 ? 183  TRP B CG  1 
ATOM   1342 C CD1 . TRP B 1 64  ? -12.560 -8.712  -10.351 1.00 10.38 ? 183  TRP B CD1 1 
ATOM   1343 C CD2 . TRP B 1 64  ? -11.877 -9.310  -12.389 1.00 9.43  ? 183  TRP B CD2 1 
ATOM   1344 N NE1 . TRP B 1 64  ? -13.155 -7.842  -11.257 1.00 10.56 ? 183  TRP B NE1 1 
ATOM   1345 C CE2 . TRP B 1 64  ? -12.759 -8.215  -12.516 1.00 11.59 ? 183  TRP B CE2 1 
ATOM   1346 C CE3 . TRP B 1 64  ? -11.329 -9.891  -13.549 1.00 12.72 ? 183  TRP B CE3 1 
ATOM   1347 C CZ2 . TRP B 1 64  ? -13.082 -7.659  -13.760 1.00 12.57 ? 183  TRP B CZ2 1 
ATOM   1348 C CZ3 . TRP B 1 64  ? -11.637 -9.331  -14.781 1.00 12.55 ? 183  TRP B CZ3 1 
ATOM   1349 C CH2 . TRP B 1 64  ? -12.509 -8.235  -14.876 1.00 13.48 ? 183  TRP B CH2 1 
ATOM   1350 N N   . LEU B 1 65  ? -10.513 -13.739 -9.314  1.00 12.32 ? 184  LEU B N   1 
ATOM   1351 C CA  . LEU B 1 65  ? -9.608  -14.856 -9.161  1.00 13.97 ? 184  LEU B CA  1 
ATOM   1352 C C   . LEU B 1 65  ? -10.111 -16.073 -9.937  1.00 14.95 ? 184  LEU B C   1 
ATOM   1353 O O   . LEU B 1 65  ? -9.338  -16.825 -10.536 1.00 15.98 ? 184  LEU B O   1 
ATOM   1354 C CB  . LEU B 1 65  ? -9.450  -15.237 -7.694  1.00 15.33 ? 184  LEU B CB  1 
ATOM   1355 C CG  . LEU B 1 65  ? -8.139  -15.103 -6.985  1.00 18.12 ? 184  LEU B CG  1 
ATOM   1356 C CD1 . LEU B 1 65  ? -8.341  -15.807 -5.646  1.00 16.62 ? 184  LEU B CD1 1 
ATOM   1357 C CD2 . LEU B 1 65  ? -6.979  -15.746 -7.774  1.00 14.61 ? 184  LEU B CD2 1 
ATOM   1358 N N   . GLN B 1 66  ? -11.419 -16.292 -9.903  1.00 15.85 ? 185  GLN B N   1 
ATOM   1359 C CA  . GLN B 1 66  ? -11.996 -17.407 -10.631 1.00 17.31 ? 185  GLN B CA  1 
ATOM   1360 C C   . GLN B 1 66  ? -11.780 -17.240 -12.124 1.00 16.80 ? 185  GLN B C   1 
ATOM   1361 O O   . GLN B 1 66  ? -11.379 -18.182 -12.799 1.00 17.90 ? 185  GLN B O   1 
ATOM   1362 C CB  . GLN B 1 66  ? -13.490 -17.562 -10.312 1.00 17.73 ? 185  GLN B CB  1 
ATOM   1363 C CG  . GLN B 1 66  ? -13.822 -17.612 -8.811  1.00 23.44 ? 185  GLN B CG  1 
ATOM   1364 C CD  . GLN B 1 66  ? -12.816 -18.401 -7.934  1.00 30.09 ? 185  GLN B CD  1 
ATOM   1365 O OE1 . GLN B 1 66  ? -12.304 -17.886 -6.912  1.00 29.30 ? 185  GLN B OE1 1 
ATOM   1366 N NE2 . GLN B 1 66  ? -12.555 -19.655 -8.313  1.00 32.51 ? 185  GLN B NE2 1 
ATOM   1367 N N   . LYS B 1 67  ? -12.019 -16.029 -12.638 1.00 16.57 ? 186  LYS B N   1 
ATOM   1368 C CA  . LYS B 1 67  ? -11.791 -15.745 -14.061 1.00 16.99 ? 186  LYS B CA  1 
ATOM   1369 C C   . LYS B 1 67  ? -10.330 -16.013 -14.433 1.00 15.79 ? 186  LYS B C   1 
ATOM   1370 O O   . LYS B 1 67  ? -10.038 -16.770 -15.356 1.00 16.72 ? 186  LYS B O   1 
ATOM   1371 C CB  . LYS B 1 67  ? -12.155 -14.296 -14.332 1.00 17.70 ? 186  LYS B CB  1 
ATOM   1372 C CG  . LYS B 1 67  ? -12.135 -13.882 -15.781 1.00 22.29 ? 186  LYS B CG  1 
ATOM   1373 C CD  . LYS B 1 67  ? -12.843 -12.528 -15.950 1.00 27.93 ? 186  LYS B CD  1 
ATOM   1374 C CE  . LYS B 1 67  ? -14.366 -12.636 -15.740 1.00 33.10 ? 186  LYS B CE  1 
ATOM   1375 N NZ  . LYS B 1 67  ? -15.053 -11.315 -15.603 1.00 35.11 ? 186  LYS B NZ  1 
ATOM   1376 N N   . LEU B 1 68  ? -9.404  -15.435 -13.674 1.00 15.18 ? 187  LEU B N   1 
ATOM   1377 C CA  . LEU B 1 68  ? -7.990  -15.577 -14.001 1.00 14.86 ? 187  LEU B CA  1 
ATOM   1378 C C   . LEU B 1 68  ? -7.513  -17.030 -13.897 1.00 15.76 ? 187  LEU B C   1 
ATOM   1379 O O   . LEU B 1 68  ? -6.729  -17.542 -14.745 1.00 15.84 ? 187  LEU B O   1 
ATOM   1380 C CB  . LEU B 1 68  ? -7.168  -14.694 -13.068 1.00 14.73 ? 187  LEU B CB  1 
ATOM   1381 C CG  . LEU B 1 68  ? -7.264  -13.207 -13.290 1.00 16.25 ? 187  LEU B CG  1 
ATOM   1382 C CD1 . LEU B 1 68  ? -6.698  -12.595 -12.030 1.00 19.14 ? 187  LEU B CD1 1 
ATOM   1383 C CD2 . LEU B 1 68  ? -6.441  -12.838 -14.506 1.00 18.67 ? 187  LEU B CD2 1 
ATOM   1384 N N   . SER B 1 69  ? -7.959  -17.717 -12.847 1.00 17.45 ? 188  SER B N   1 
ATOM   1385 C CA  . SER B 1 69  ? -7.534  -19.089 -12.630 1.00 18.75 ? 188  SER B CA  1 
ATOM   1386 C C   . SER B 1 69  ? -8.029  -20.054 -13.725 1.00 19.37 ? 188  SER B C   1 
ATOM   1387 O O   . SER B 1 69  ? -7.483  -21.166 -13.881 1.00 20.32 ? 188  SER B O   1 
ATOM   1388 C CB  . SER B 1 69  ? -7.920  -19.508 -11.203 1.00 18.68 ? 188  SER B CB  1 
ATOM   1389 O OG  . SER B 1 69  ? -7.358  -18.549 -10.275 1.00 20.07 ? 188  SER B OG  1 
ATOM   1390 N N   . SER B 1 70  ? -9.019  -19.619 -14.516 1.00 19.58 ? 189  SER B N   1 
ATOM   1391 C CA  . SER B 1 70  ? -9.478  -20.364 -15.707 1.00 20.30 ? 189  SER B CA  1 
ATOM   1392 C C   . SER B 1 70  ? -8.777  -20.006 -17.038 1.00 20.50 ? 189  SER B C   1 
ATOM   1393 O O   . SER B 1 70  ? -9.129  -20.515 -18.098 1.00 21.60 ? 189  SER B O   1 
ATOM   1394 C CB  . SER B 1 70  ? -10.987 -20.189 -15.889 1.00 21.38 ? 189  SER B CB  1 
ATOM   1395 O OG  . SER B 1 70  ? -11.248 -19.058 -16.711 1.00 24.55 ? 189  SER B OG  1 
ATOM   1396 N N   . MET B 1 71  ? -7.811  -19.092 -16.994 1.00 18.99 ? 190  MET B N   1 
ATOM   1397 C CA  . MET B 1 71  ? -7.095  -18.661 -18.193 1.00 17.50 ? 190  MET B CA  1 
ATOM   1398 C C   . MET B 1 71  ? -5.755  -19.388 -18.328 1.00 16.90 ? 190  MET B C   1 
ATOM   1399 O O   . MET B 1 71  ? -5.266  -19.911 -17.344 1.00 18.29 ? 190  MET B O   1 
ATOM   1400 C CB  . MET B 1 71  ? -6.851  -17.140 -18.130 1.00 16.78 ? 190  MET B CB  1 
ATOM   1401 C CG  . MET B 1 71  ? -8.108  -16.282 -18.316 1.00 16.36 ? 190  MET B CG  1 
ATOM   1402 S SD  . MET B 1 71  ? -7.921  -14.583 -17.768 1.00 18.55 ? 190  MET B SD  1 
ATOM   1403 C CE  . MET B 1 71  ? -6.731  -13.895 -18.908 1.00 22.55 ? 190  MET B CE  1 
ATOM   1404 N N   . SER B 1 72  ? -5.178  -19.448 -19.533 1.00 17.40 ? 191  SER B N   1 
ATOM   1405 C CA  . SER B 1 72  ? -3.789  -19.863 -19.699 1.00 17.30 ? 191  SER B CA  1 
ATOM   1406 C C   . SER B 1 72  ? -2.848  -18.844 -19.062 1.00 16.33 ? 191  SER B C   1 
ATOM   1407 O O   . SER B 1 72  ? -3.189  -17.673 -18.953 1.00 16.19 ? 191  SER B O   1 
ATOM   1408 C CB  . SER B 1 72  ? -3.415  -19.965 -21.194 1.00 18.14 ? 191  SER B CB  1 
ATOM   1409 O OG  . SER B 1 72  ? -4.313  -20.795 -21.924 1.00 23.04 ? 191  SER B OG  1 
ATOM   1410 N N   . ALA B 1 73  ? -1.657  -19.299 -18.687 1.00 15.85 ? 192  ALA B N   1 
ATOM   1411 C CA  . ALA B 1 73  ? -0.654  -18.421 -18.063 1.00 15.94 ? 192  ALA B CA  1 
ATOM   1412 C C   . ALA B 1 73  ? -0.330  -17.200 -18.914 1.00 16.30 ? 192  ALA B C   1 
ATOM   1413 O O   . ALA B 1 73  ? -0.057  -16.128 -18.378 1.00 15.68 ? 192  ALA B O   1 
ATOM   1414 C CB  . ALA B 1 73  ? 0.606   -19.194 -17.735 1.00 16.30 ? 192  ALA B CB  1 
ATOM   1415 N N   . SER B 1 74  ? -0.340  -17.375 -20.235 1.00 17.56 ? 193  SER B N   1 
ATOM   1416 C CA  . SER B 1 74  ? 0.007   -16.281 -21.161 1.00 18.49 ? 193  SER B CA  1 
ATOM   1417 C C   . SER B 1 74  ? -1.186  -15.457 -21.628 1.00 18.16 ? 193  SER B C   1 
ATOM   1418 O O   . SER B 1 74  ? -1.003  -14.469 -22.348 1.00 18.59 ? 193  SER B O   1 
ATOM   1419 C CB  . SER B 1 74  ? 0.783   -16.801 -22.377 1.00 18.89 ? 193  SER B CB  1 
ATOM   1420 O OG  . SER B 1 74  ? 0.066   -17.859 -22.959 1.00 22.27 ? 193  SER B OG  1 
ATOM   1421 N N   . ASP B 1 75  ? -2.406  -15.846 -21.246 1.00 16.97 ? 194  ASP B N   1 
ATOM   1422 C CA  . ASP B 1 75  ? -3.595  -15.074 -21.648 1.00 16.48 ? 194  ASP B CA  1 
ATOM   1423 C C   . ASP B 1 75  ? -3.576  -13.681 -21.022 1.00 15.77 ? 194  ASP B C   1 
ATOM   1424 O O   . ASP B 1 75  ? -3.004  -13.495 -19.933 1.00 15.58 ? 194  ASP B O   1 
ATOM   1425 C CB  . ASP B 1 75  ? -4.905  -15.779 -21.279 1.00 17.02 ? 194  ASP B CB  1 
ATOM   1426 C CG  . ASP B 1 75  ? -5.197  -16.993 -22.161 1.00 19.55 ? 194  ASP B CG  1 
ATOM   1427 O OD1 . ASP B 1 75  ? -4.553  -17.143 -23.241 1.00 22.52 ? 194  ASP B OD1 1 
ATOM   1428 O OD2 . ASP B 1 75  ? -6.070  -17.800 -21.756 1.00 20.57 ? 194  ASP B OD2 1 
ATOM   1429 N N   . GLU B 1 76  ? -4.226  -12.718 -21.675 1.00 15.07 ? 195  GLU B N   1 
ATOM   1430 C CA  . GLU B 1 76  ? -4.194  -11.344 -21.202 1.00 15.66 ? 195  GLU B CA  1 
ATOM   1431 C C   . GLU B 1 76  ? -5.584  -10.801 -21.054 1.00 15.81 ? 195  GLU B C   1 
ATOM   1432 O O   . GLU B 1 76  ? -6.461  -11.057 -21.888 1.00 17.47 ? 195  GLU B O   1 
ATOM   1433 C CB  . GLU B 1 76  ? -3.402  -10.451 -22.179 1.00 15.33 ? 195  GLU B CB  1 
ATOM   1434 C CG  . GLU B 1 76  ? -1.922  -10.726 -22.231 1.00 15.82 ? 195  GLU B CG  1 
ATOM   1435 C CD  . GLU B 1 76  ? -1.188  -9.912  -23.280 1.00 18.13 ? 195  GLU B CD  1 
ATOM   1436 O OE1 . GLU B 1 76  ? -1.826  -9.170  -24.066 1.00 20.89 ? 195  GLU B OE1 1 
ATOM   1437 O OE2 . GLU B 1 76  ? 0.038   -10.058 -23.319 1.00 20.13 ? 195  GLU B OE2 1 
ATOM   1438 N N   . LEU B 1 77  ? -5.786  -10.010 -20.000 1.00 15.08 ? 196  LEU B N   1 
ATOM   1439 C CA  . LEU B 1 77  ? -6.974  -9.193  -19.864 1.00 15.02 ? 196  LEU B CA  1 
ATOM   1440 C C   . LEU B 1 77  ? -6.994  -8.047  -20.882 1.00 15.02 ? 196  LEU B C   1 
ATOM   1441 O O   . LEU B 1 77  ? -5.925  -7.492  -21.214 1.00 15.58 ? 196  LEU B O   1 
ATOM   1442 C CB  . LEU B 1 77  ? -7.016  -8.592  -18.463 1.00 15.38 ? 196  LEU B CB  1 
ATOM   1443 C CG  . LEU B 1 77  ? -7.173  -9.544  -17.284 1.00 16.35 ? 196  LEU B CG  1 
ATOM   1444 C CD1 . LEU B 1 77  ? -7.127  -8.689  -16.040 1.00 18.93 ? 196  LEU B CD1 1 
ATOM   1445 C CD2 . LEU B 1 77  ? -8.495  -10.253 -17.366 1.00 18.53 ? 196  LEU B CD2 1 
ATOM   1446 N N   . ASP B 1 78  ? -8.178  -7.711  -21.394 1.00 13.84 ? 197  ASP B N   1 
ATOM   1447 C CA  . ASP B 1 78  ? -8.265  -6.548  -22.286 1.00 14.14 ? 197  ASP B CA  1 
ATOM   1448 C C   . ASP B 1 78  ? -8.407  -5.258  -21.496 1.00 14.72 ? 197  ASP B C   1 
ATOM   1449 O O   . ASP B 1 78  ? -8.513  -5.290  -20.258 1.00 12.50 ? 197  ASP B O   1 
ATOM   1450 C CB  . ASP B 1 78  ? -9.376  -6.720  -23.355 1.00 13.80 ? 197  ASP B CB  1 
ATOM   1451 C CG  . ASP B 1 78  ? -10.786 -6.573  -22.813 1.00 16.66 ? 197  ASP B CG  1 
ATOM   1452 O OD1 . ASP B 1 78  ? -11.033 -5.915  -21.773 1.00 15.62 ? 197  ASP B OD1 1 
ATOM   1453 O OD2 . ASP B 1 78  ? -11.710 -7.077  -23.510 1.00 18.09 ? 197  ASP B OD2 1 
ATOM   1454 N N   . ASP B 1 79  ? -8.363  -4.111  -22.161 1.00 12.96 ? 198  ASP B N   1 
ATOM   1455 C CA  . ASP B 1 79  ? -8.354  -2.833  -21.452 1.00 14.06 ? 198  ASP B CA  1 
ATOM   1456 C C   . ASP B 1 79  ? -9.610  -2.574  -20.634 1.00 14.08 ? 198  ASP B C   1 
ATOM   1457 O O   . ASP B 1 79  ? -9.552  -1.955  -19.559 1.00 12.97 ? 198  ASP B O   1 
ATOM   1458 C CB  . ASP B 1 79  ? -8.070  -1.661  -22.409 1.00 14.95 ? 198  ASP B CB  1 
ATOM   1459 C CG  . ASP B 1 79  ? -6.652  -1.659  -22.930 1.00 18.44 ? 198  ASP B CG  1 
ATOM   1460 O OD1 . ASP B 1 79  ? -5.826  -2.444  -22.441 1.00 21.04 ? 198  ASP B OD1 1 
ATOM   1461 O OD2 . ASP B 1 79  ? -6.377  -0.856  -23.859 1.00 18.29 ? 198  ASP B OD2 1 
ATOM   1462 N N   . SER B 1 80  ? -10.756 -3.030  -21.132 1.00 14.42 ? 199  SER B N   1 
ATOM   1463 C CA  . SER B 1 80  ? -12.001 -2.851  -20.406 1.00 15.29 ? 199  SER B CA  1 
ATOM   1464 C C   . SER B 1 80  ? -11.973 -3.690  -19.134 1.00 12.62 ? 199  SER B C   1 
ATOM   1465 O O   . SER B 1 80  ? -12.401 -3.209  -18.071 1.00 14.08 ? 199  SER B O   1 
ATOM   1466 C CB  . SER B 1 80  ? -13.205 -3.306  -21.228 1.00 14.77 ? 199  SER B CB  1 
ATOM   1467 O OG  . SER B 1 80  ? -14.400 -2.930  -20.566 1.00 24.06 ? 199  SER B OG  1 
ATOM   1468 N N   . GLN B 1 81  ? -11.453 -4.909  -19.254 1.00 11.88 ? 200  GLN B N   1 
ATOM   1469 C CA  . GLN B 1 81  ? -11.342 -5.796  -18.117 1.00 12.04 ? 200  GLN B CA  1 
ATOM   1470 C C   . GLN B 1 81  ? -10.358 -5.251  -17.082 1.00 12.93 ? 200  GLN B C   1 
ATOM   1471 O O   . GLN B 1 81  ? -10.656 -5.261  -15.880 1.00 12.60 ? 200  GLN B O   1 
ATOM   1472 C CB  . GLN B 1 81  ? -10.908 -7.183  -18.525 1.00 12.73 ? 200  GLN B CB  1 
ATOM   1473 C CG  . GLN B 1 81  ? -11.926 -7.935  -19.369 1.00 14.86 ? 200  GLN B CG  1 
ATOM   1474 C CD  . GLN B 1 81  ? -11.381 -9.273  -19.792 1.00 17.15 ? 200  GLN B CD  1 
ATOM   1475 O OE1 . GLN B 1 81  ? -10.413 -9.339  -20.512 1.00 16.24 ? 200  GLN B OE1 1 
ATOM   1476 N NE2 . GLN B 1 81  ? -12.000 -10.366 -19.327 1.00 19.57 ? 200  GLN B NE2 1 
ATOM   1477 N N   . VAL B 1 82  ? -9.216  -4.751  -17.542 1.00 12.67 ? 201  VAL B N   1 
ATOM   1478 C CA  . VAL B 1 82  ? -8.304  -4.061  -16.623 1.00 12.99 ? 201  VAL B CA  1 
ATOM   1479 C C   . VAL B 1 82  ? -9.000  -2.936  -15.895 1.00 13.33 ? 201  VAL B C   1 
ATOM   1480 O O   . VAL B 1 82  ? -8.863  -2.839  -14.677 1.00 13.08 ? 201  VAL B O   1 
ATOM   1481 C CB  . VAL B 1 82  ? -7.031  -3.595  -17.362 1.00 13.17 ? 201  VAL B CB  1 
ATOM   1482 C CG1 . VAL B 1 82  ? -6.114  -2.754  -16.427 1.00 13.50 ? 201  VAL B CG1 1 
ATOM   1483 C CG2 . VAL B 1 82  ? -6.269  -4.782  -17.897 1.00 14.43 ? 201  VAL B CG2 1 
ATOM   1484 N N   . ARG B 1 83  ? -9.690  -2.041  -16.595 1.00 12.62 ? 202  ARG B N   1 
ATOM   1485 C CA  . ARG B 1 83  ? -10.320 -0.906  -15.914 1.00 12.74 ? 202  ARG B CA  1 
ATOM   1486 C C   . ARG B 1 83  ? -11.406 -1.335  -14.916 1.00 12.69 ? 202  ARG B C   1 
ATOM   1487 O O   . ARG B 1 83  ? -11.491 -0.783  -13.806 1.00 11.58 ? 202  ARG B O   1 
ATOM   1488 C CB  . ARG B 1 83  ? -10.862 0.105   -16.943 1.00 13.15 ? 202  ARG B CB  1 
ATOM   1489 C CG  . ARG B 1 83  ? -11.511 1.325   -16.324 1.00 15.87 ? 202  ARG B CG  1 
ATOM   1490 C CD  . ARG B 1 83  ? -11.348 2.581   -17.178 1.00 18.02 ? 202  ARG B CD  1 
ATOM   1491 N NE  . ARG B 1 83  ? -12.046 3.693   -16.543 1.00 18.28 ? 202  ARG B NE  1 
ATOM   1492 C CZ  . ARG B 1 83  ? -12.172 4.893   -17.077 1.00 19.55 ? 202  ARG B CZ  1 
ATOM   1493 N NH1 . ARG B 1 83  ? -11.669 5.117   -18.295 1.00 21.92 ? 202  ARG B NH1 1 
ATOM   1494 N NH2 . ARG B 1 83  ? -12.841 5.845   -16.431 1.00 20.43 ? 202  ARG B NH2 1 
ATOM   1495 N N   . GLN B 1 84  ? -12.197 -2.338  -15.289 1.00 12.45 ? 203  GLN B N   1 
ATOM   1496 C CA  . GLN B 1 84  ? -13.248 -2.804  -14.381 1.00 12.60 ? 203  GLN B CA  1 
ATOM   1497 C C   . GLN B 1 84  ? -12.628 -3.528  -13.186 1.00 11.24 ? 203  GLN B C   1 
ATOM   1498 O O   . GLN B 1 84  ? -13.071 -3.326  -12.062 1.00 11.82 ? 203  GLN B O   1 
ATOM   1499 C CB  . GLN B 1 84  ? -14.189 -3.763  -15.112 1.00 12.62 ? 203  GLN B CB  1 
ATOM   1500 C CG  . GLN B 1 84  ? -15.476 -4.067  -14.271 1.00 15.60 ? 203  GLN B CG  1 
ATOM   1501 C CD  . GLN B 1 84  ? -16.366 -2.826  -14.079 1.00 18.87 ? 203  GLN B CD  1 
ATOM   1502 O OE1 . GLN B 1 84  ? -16.839 -2.560  -12.973 1.00 25.02 ? 203  GLN B OE1 1 
ATOM   1503 N NE2 . GLN B 1 84  ? -16.577 -2.064  -15.143 1.00 18.83 ? 203  GLN B NE2 1 
ATOM   1504 N N   . MET B 1 85  ? -11.592 -4.321  -13.419 1.00 12.04 ? 204  MET B N   1 
ATOM   1505 C CA  . MET B 1 85  ? -10.923 -4.975  -12.298 1.00 11.58 ? 204  MET B CA  1 
ATOM   1506 C C   . MET B 1 85  ? -10.341 -3.948  -11.339 1.00 11.84 ? 204  MET B C   1 
ATOM   1507 O O   . MET B 1 85  ? -10.417 -4.101  -10.124 1.00 10.51 ? 204  MET B O   1 
ATOM   1508 C CB  . MET B 1 85  ? -9.858  -5.950  -12.772 1.00 11.22 ? 204  MET B CB  1 
ATOM   1509 C CG  . MET B 1 85  ? -9.250  -6.753  -11.632 1.00 11.91 ? 204  MET B CG  1 
ATOM   1510 S SD  . MET B 1 85  ? -8.063  -7.983  -12.223 1.00 13.54 ? 204  MET B SD  1 
ATOM   1511 C CE  . MET B 1 85  ? -7.406  -8.523  -10.657 1.00 14.06 ? 204  MET B CE  1 
ATOM   1512 N N   . LEU B 1 86  ? -9.763  -2.881  -11.881 1.00 10.40 ? 205  LEU B N   1 
ATOM   1513 C CA  . LEU B 1 86  ? -9.181  -1.869  -11.046 1.00 11.35 ? 205  LEU B CA  1 
ATOM   1514 C C   . LEU B 1 86  ? -10.269 -1.218  -10.191 1.00 11.85 ? 205  LEU B C   1 
ATOM   1515 O O   . LEU B 1 86  ? -10.064 -0.980  -9.004  1.00 13.38 ? 205  LEU B O   1 
ATOM   1516 C CB  . LEU B 1 86  ? -8.433  -0.834  -11.917 1.00 11.84 ? 205  LEU B CB  1 
ATOM   1517 C CG  . LEU B 1 86  ? -7.822  0.354   -11.188 1.00 12.53 ? 205  LEU B CG  1 
ATOM   1518 C CD1 . LEU B 1 86  ? -6.832  -0.107  -10.111 1.00 14.14 ? 205  LEU B CD1 1 
ATOM   1519 C CD2 . LEU B 1 86  ? -7.143  1.247   -12.221 1.00 14.47 ? 205  LEU B CD2 1 
ATOM   1520 N N   . PHE B 1 87  ? -11.420 -0.904  -10.789 1.00 12.09 ? 206  PHE B N   1 
ATOM   1521 C CA  . PHE B 1 87  ? -12.534 -0.315  -10.032 1.00 11.38 ? 206  PHE B CA  1 
ATOM   1522 C C   . PHE B 1 87  ? -13.024 -1.297  -8.962  1.00 10.55 ? 206  PHE B C   1 
ATOM   1523 O O   . PHE B 1 87  ? -13.260 -0.898  -7.823  1.00 10.83 ? 206  PHE B O   1 
ATOM   1524 C CB  . PHE B 1 87  ? -13.711 0.069   -10.974 1.00 13.16 ? 206  PHE B CB  1 
ATOM   1525 C CG  . PHE B 1 87  ? -14.990 0.389   -10.235 1.00 12.86 ? 206  PHE B CG  1 
ATOM   1526 C CD1 . PHE B 1 87  ? -15.200 1.651   -9.635  1.00 13.30 ? 206  PHE B CD1 1 
ATOM   1527 C CD2 . PHE B 1 87  ? -15.935 -0.571  -10.095 1.00 14.77 ? 206  PHE B CD2 1 
ATOM   1528 C CE1 . PHE B 1 87  ? -16.387 1.920   -8.915  1.00 12.90 ? 206  PHE B CE1 1 
ATOM   1529 C CE2 . PHE B 1 87  ? -17.120 -0.313  -9.371  1.00 15.41 ? 206  PHE B CE2 1 
ATOM   1530 C CZ  . PHE B 1 87  ? -17.338 0.949   -8.791  1.00 15.06 ? 206  PHE B CZ  1 
ATOM   1531 N N   . ASP B 1 88  ? -13.149 -2.579  -9.322  1.00 10.79 ? 207  ASP B N   1 
ATOM   1532 C CA  . ASP B 1 88  ? -13.615 -3.597  -8.343  1.00 11.29 ? 207  ASP B CA  1 
ATOM   1533 C C   . ASP B 1 88  ? -12.628 -3.723  -7.202  1.00 11.49 ? 207  ASP B C   1 
ATOM   1534 O O   . ASP B 1 88  ? -13.025 -3.781  -6.049  1.00 10.98 ? 207  ASP B O   1 
ATOM   1535 C CB  . ASP B 1 88  ? -13.804 -4.955  -9.017  1.00 12.16 ? 207  ASP B CB  1 
ATOM   1536 C CG  . ASP B 1 88  ? -14.981 -4.977  -10.006 1.00 14.46 ? 207  ASP B CG  1 
ATOM   1537 O OD1 . ASP B 1 88  ? -15.866 -4.098  -9.896  1.00 16.60 ? 207  ASP B OD1 1 
ATOM   1538 O OD2 . ASP B 1 88  ? -15.043 -5.886  -10.860 1.00 15.28 ? 207  ASP B OD2 1 
ATOM   1539 N N   . LEU B 1 89  ? -11.345 -3.706  -7.524  1.00 11.66 ? 208  LEU B N   1 
ATOM   1540 C CA  . LEU B 1 89  ? -10.312 -3.826  -6.476  1.00 12.45 ? 208  LEU B CA  1 
ATOM   1541 C C   . LEU B 1 89  ? -10.259 -2.568  -5.622  1.00 12.78 ? 208  LEU B C   1 
ATOM   1542 O O   . LEU B 1 89  ? -10.123 -2.647  -4.414  1.00 12.56 ? 208  LEU B O   1 
ATOM   1543 C CB  . LEU B 1 89  ? -8.957  -4.092  -7.110  1.00 13.77 ? 208  LEU B CB  1 
ATOM   1544 C CG  . LEU B 1 89  ? -8.649  -5.553  -7.375  1.00 15.28 ? 208  LEU B CG  1 
ATOM   1545 C CD1 . LEU B 1 89  ? -7.482  -5.547  -8.293  1.00 19.02 ? 208  LEU B CD1 1 
ATOM   1546 C CD2 . LEU B 1 89  ? -8.324  -6.259  -6.049  1.00 18.60 ? 208  LEU B CD2 1 
ATOM   1547 N N   . GLU B 1 90  ? -10.392 -1.397  -6.229  1.00 12.60 ? 209  GLU B N   1 
ATOM   1548 C CA  . GLU B 1 90  ? -10.445 -0.152  -5.453  1.00 14.16 ? 209  GLU B CA  1 
ATOM   1549 C C   . GLU B 1 90  ? -11.644 -0.177  -4.501  1.00 12.70 ? 209  GLU B C   1 
ATOM   1550 O O   . GLU B 1 90  ? -11.521 0.215   -3.349  1.00 12.30 ? 209  GLU B O   1 
ATOM   1551 C CB  . GLU B 1 90  ? -10.498 1.068   -6.381  1.00 14.31 ? 209  GLU B CB  1 
ATOM   1552 C CG  . GLU B 1 90  ? -10.463 2.436   -5.649  1.00 19.23 ? 209  GLU B CG  1 
ATOM   1553 C CD  . GLU B 1 90  ? -10.628 3.595   -6.626  1.00 20.64 ? 209  GLU B CD  1 
ATOM   1554 O OE1 . GLU B 1 90  ? -11.181 4.657   -6.243  1.00 28.16 ? 209  GLU B OE1 1 
ATOM   1555 O OE2 . GLU B 1 90  ? -10.206 3.413   -7.801  1.00 29.79 ? 209  GLU B OE2 1 
ATOM   1556 N N   . SER B 1 91  ? -12.800 -0.629  -4.971  1.00 12.21 ? 210  SER B N   1 
ATOM   1557 C CA  . SER B 1 91  ? -13.980 -0.695  -4.156  1.00 12.75 ? 210  SER B CA  1 
ATOM   1558 C C   . SER B 1 91  ? -13.758 -1.664  -2.994  1.00 11.57 ? 210  SER B C   1 
ATOM   1559 O O   . SER B 1 91  ? -14.199 -1.389  -1.859  1.00 11.91 ? 210  SER B O   1 
ATOM   1560 C CB  . SER B 1 91  ? -15.156 -1.138  -5.012  1.00 13.61 ? 210  SER B CB  1 
ATOM   1561 O OG  . SER B 1 91  ? -16.381 -1.120  -4.293  1.00 21.06 ? 210  SER B OG  1 
ATOM   1562 N N   . ALA B 1 92  ? -13.095 -2.796  -3.275  1.00 11.35 ? 211  ALA B N   1 
ATOM   1563 C CA  . ALA B 1 92  ? -12.842 -3.784  -2.222  1.00 9.86  ? 211  ALA B CA  1 
ATOM   1564 C C   . ALA B 1 92  ? -11.867 -3.251  -1.221  1.00 10.78 ? 211  ALA B C   1 
ATOM   1565 O O   . ALA B 1 92  ? -12.041 -3.452  -0.022  1.00 9.25  ? 211  ALA B O   1 
ATOM   1566 C CB  . ALA B 1 92  ? -12.319 -5.118  -2.838  1.00 10.07 ? 211  ALA B CB  1 
ATOM   1567 N N   . TYR B 1 93  ? -10.840 -2.540  -1.692  1.00 9.79  ? 212  TYR B N   1 
ATOM   1568 C CA  . TYR B 1 93  ? -9.890  -1.909  -0.802  1.00 9.75  ? 212  TYR B CA  1 
ATOM   1569 C C   . TYR B 1 93  ? -10.572 -0.872  0.095   1.00 9.34  ? 212  TYR B C   1 
ATOM   1570 O O   . TYR B 1 93  ? -10.325 -0.786  1.303   1.00 9.83  ? 212  TYR B O   1 
ATOM   1571 C CB  . TYR B 1 93  ? -8.765  -1.258  -1.655  1.00 11.20 ? 212  TYR B CB  1 
ATOM   1572 C CG  . TYR B 1 93  ? -7.820  -0.398  -0.837  1.00 12.12 ? 212  TYR B CG  1 
ATOM   1573 C CD1 . TYR B 1 93  ? -6.956  -0.986  0.073   1.00 15.32 ? 212  TYR B CD1 1 
ATOM   1574 C CD2 . TYR B 1 93  ? -7.788  0.985   -0.983  1.00 13.15 ? 212  TYR B CD2 1 
ATOM   1575 C CE1 . TYR B 1 93  ? -6.107  -0.221  0.836   1.00 14.89 ? 212  TYR B CE1 1 
ATOM   1576 C CE2 . TYR B 1 93  ? -6.898  1.759   -0.243  1.00 15.51 ? 212  TYR B CE2 1 
ATOM   1577 C CZ  . TYR B 1 93  ? -6.072  1.140   0.669   1.00 15.27 ? 212  TYR B CZ  1 
ATOM   1578 O OH  . TYR B 1 93  ? -5.199  1.913   1.420   1.00 19.20 ? 212  TYR B OH  1 
ATOM   1579 N N   . ASN B 1 94  ? -11.407 -0.031  -0.512  1.00 10.14 ? 213  ASN B N   1 
ATOM   1580 C CA  . ASN B 1 94  ? -12.052 0.985   0.251   1.00 9.94  ? 213  ASN B CA  1 
ATOM   1581 C C   . ASN B 1 94  ? -12.988 0.358   1.269   1.00 9.25  ? 213  ASN B C   1 
ATOM   1582 O O   . ASN B 1 94  ? -13.074 0.858   2.395   1.00 10.70 ? 213  ASN B O   1 
ATOM   1583 C CB  . ASN B 1 94  ? -12.877 1.919   -0.634  1.00 10.24 ? 213  ASN B CB  1 
ATOM   1584 C CG  . ASN B 1 94  ? -12.023 2.804   -1.505  1.00 12.87 ? 213  ASN B CG  1 
ATOM   1585 O OD1 . ASN B 1 94  ? -10.882 3.074   -1.206  1.00 14.84 ? 213  ASN B OD1 1 
ATOM   1586 N ND2 . ASN B 1 94  ? -12.615 3.288   -2.589  1.00 16.59 ? 213  ASN B ND2 1 
ATOM   1587 N N   . ALA B 1 95  ? -13.644 -0.763  0.921   1.00 10.93 ? 214  ALA B N   1 
ATOM   1588 C CA  . ALA B 1 95  ? -14.481 -1.430  1.919   1.00 10.40 ? 214  ALA B CA  1 
ATOM   1589 C C   . ALA B 1 95  ? -13.614 -1.967  3.080   1.00 10.42 ? 214  ALA B C   1 
ATOM   1590 O O   . ALA B 1 95  ? -13.979 -1.880  4.274   1.00 10.59 ? 214  ALA B O   1 
ATOM   1591 C CB  . ALA B 1 95  ? -15.298 -2.565  1.267   1.00 11.05 ? 214  ALA B CB  1 
ATOM   1592 N N   . PHE B 1 96  ? -12.460 -2.555  2.734   1.00 11.25 ? 215  PHE B N   1 
ATOM   1593 C CA  . PHE B 1 96  ? -11.577 -3.075  3.768   1.00 11.25 ? 215  PHE B CA  1 
ATOM   1594 C C   . PHE B 1 96  ? -11.093 -1.948  4.683   1.00 11.77 ? 215  PHE B C   1 
ATOM   1595 O O   . PHE B 1 96  ? -11.018 -2.107  5.914   1.00 11.72 ? 215  PHE B O   1 
ATOM   1596 C CB  . PHE B 1 96  ? -10.404 -3.809  3.115   1.00 12.18 ? 215  PHE B CB  1 
ATOM   1597 C CG  . PHE B 1 96  ? -9.514  -4.481  4.102   1.00 11.52 ? 215  PHE B CG  1 
ATOM   1598 C CD1 . PHE B 1 96  ? -9.983  -5.557  4.828   1.00 12.39 ? 215  PHE B CD1 1 
ATOM   1599 C CD2 . PHE B 1 96  ? -8.225  -4.015  4.350   1.00 12.73 ? 215  PHE B CD2 1 
ATOM   1600 C CE1 . PHE B 1 96  ? -9.167  -6.167  5.768   1.00 13.42 ? 215  PHE B CE1 1 
ATOM   1601 C CE2 . PHE B 1 96  ? -7.407  -4.649  5.292   1.00 11.98 ? 215  PHE B CE2 1 
ATOM   1602 C CZ  . PHE B 1 96  ? -7.893  -5.706  5.998   1.00 13.27 ? 215  PHE B CZ  1 
ATOM   1603 N N   . ASN B 1 97  ? -10.782 -0.798  4.086   1.00 12.00 ? 216  ASN B N   1 
ATOM   1604 C CA  . ASN B 1 97  ? -10.357 0.326   4.876   1.00 13.72 ? 216  ASN B CA  1 
ATOM   1605 C C   . ASN B 1 97  ? -11.453 0.817   5.811   1.00 12.37 ? 216  ASN B C   1 
ATOM   1606 O O   . ASN B 1 97  ? -11.185 1.237   6.933   1.00 12.90 ? 216  ASN B O   1 
ATOM   1607 C CB  . ASN B 1 97  ? -9.920  1.442   3.946   1.00 14.23 ? 216  ASN B CB  1 
ATOM   1608 C CG  . ASN B 1 97  ? -8.464  1.759   4.059   1.00 20.85 ? 216  ASN B CG  1 
ATOM   1609 O OD1 . ASN B 1 97  ? -7.832  1.518   5.095   1.00 22.72 ? 216  ASN B OD1 1 
ATOM   1610 N ND2 . ASN B 1 97  ? -7.916  2.351   2.998   1.00 24.56 ? 216  ASN B ND2 1 
ATOM   1611 N N   . ARG B 1 98  ? -12.693 0.792   5.341   1.00 12.54 ? 217  ARG B N   1 
ATOM   1612 C CA  . ARG B 1 98  ? -13.818 1.095   6.209   1.00 13.28 ? 217  ARG B CA  1 
ATOM   1613 C C   . ARG B 1 98  ? -13.902 0.137   7.381   1.00 12.57 ? 217  ARG B C   1 
ATOM   1614 O O   . ARG B 1 98  ? -14.147 0.565   8.525   1.00 13.79 ? 217  ARG B O   1 
ATOM   1615 C CB  . ARG B 1 98  ? -15.146 1.198   5.433   1.00 13.97 ? 217  ARG B CB  1 
ATOM   1616 C CG  . ARG B 1 98  ? -15.206 2.444   4.532   1.00 15.38 ? 217  ARG B CG  1 
ATOM   1617 C CD  . ARG B 1 98  ? -16.602 2.712   3.913   1.00 14.98 ? 217  ARG B CD  1 
ATOM   1618 N NE  . ARG B 1 98  ? -17.033 1.629   3.046   1.00 15.81 ? 217  ARG B NE  1 
ATOM   1619 C CZ  . ARG B 1 98  ? -16.882 1.635   1.724   1.00 15.70 ? 217  ARG B CZ  1 
ATOM   1620 N NH1 . ARG B 1 98  ? -16.302 2.673   1.111   1.00 19.34 ? 217  ARG B NH1 1 
ATOM   1621 N NH2 . ARG B 1 98  ? -17.302 0.604   1.022   1.00 19.22 ? 217  ARG B NH2 1 
ATOM   1622 N N   . PHE B 1 99  ? -13.692 -1.155  7.128   1.00 12.62 ? 218  PHE B N   1 
ATOM   1623 C CA  . PHE B 1 99  ? -13.674 -2.202  8.175   1.00 12.92 ? 218  PHE B CA  1 
ATOM   1624 C C   . PHE B 1 99  ? -12.596 -1.866  9.234   1.00 12.82 ? 218  PHE B C   1 
ATOM   1625 O O   . PHE B 1 99  ? -12.799 -2.011  10.449  1.00 12.93 ? 218  PHE B O   1 
ATOM   1626 C CB  . PHE B 1 99  ? -13.404 -3.578  7.520   1.00 12.53 ? 218  PHE B CB  1 
ATOM   1627 C CG  . PHE B 1 99  ? -13.446 -4.760  8.465   1.00 12.53 ? 218  PHE B CG  1 
ATOM   1628 C CD1 . PHE B 1 99  ? -14.675 -5.337  8.794   1.00 13.77 ? 218  PHE B CD1 1 
ATOM   1629 C CD2 . PHE B 1 99  ? -12.267 -5.338  8.986   1.00 13.63 ? 218  PHE B CD2 1 
ATOM   1630 C CE1 . PHE B 1 99  ? -14.732 -6.429  9.655   1.00 14.70 ? 218  PHE B CE1 1 
ATOM   1631 C CE2 . PHE B 1 99  ? -12.355 -6.454  9.852   1.00 14.30 ? 218  PHE B CE2 1 
ATOM   1632 C CZ  . PHE B 1 99  ? -13.585 -6.985  10.160  1.00 13.47 ? 218  PHE B CZ  1 
ATOM   1633 N N   . LEU B 1 100 ? -11.455 -1.393  8.749   1.00 13.67 ? 219  LEU B N   1 
ATOM   1634 C CA  . LEU B 1 100 ? -10.326 -1.052  9.636   1.00 16.08 ? 219  LEU B CA  1 
ATOM   1635 C C   . LEU B 1 100 ? -10.521 0.241   10.414  1.00 17.20 ? 219  LEU B C   1 
ATOM   1636 O O   . LEU B 1 100 ? -9.992  0.396   11.523  1.00 19.57 ? 219  LEU B O   1 
ATOM   1637 C CB  . LEU B 1 100 ? -9.015  -0.949  8.839   1.00 16.57 ? 219  LEU B CB  1 
ATOM   1638 C CG  . LEU B 1 100 ? -8.504  -2.162  8.073   1.00 16.84 ? 219  LEU B CG  1 
ATOM   1639 C CD1 . LEU B 1 100 ? -7.233  -1.732  7.339   1.00 18.21 ? 219  LEU B CD1 1 
ATOM   1640 C CD2 . LEU B 1 100 ? -8.228  -3.361  8.969   1.00 19.33 ? 219  LEU B CD2 1 
ATOM   1641 N N   . HIS B 1 101 ? -11.252 1.185   9.835   1.00 16.04 ? 220  HIS B N   1 
ATOM   1642 C CA  . HIS B 1 101 ? -11.396 2.514   10.441  1.00 17.25 ? 220  HIS B CA  1 
ATOM   1643 C C   . HIS B 1 101 ? -12.825 2.629   10.934  1.00 18.56 ? 220  HIS B C   1 
ATOM   1644 O O   . HIS B 1 101 ? -13.385 3.711   10.966  1.00 21.33 ? 220  HIS B O   1 
ATOM   1645 C CB  . HIS B 1 101 ? -11.019 3.618   9.444   1.00 16.80 ? 220  HIS B CB  1 
ATOM   1646 C CG  . HIS B 1 101 ? -9.607  3.513   8.954   1.00 18.14 ? 220  HIS B CG  1 
ATOM   1647 N ND1 . HIS B 1 101 ? -8.541  4.124   9.581   1.00 20.95 ? 220  HIS B ND1 1 
ATOM   1648 C CD2 . HIS B 1 101 ? -9.086  2.823   7.916   1.00 16.87 ? 220  HIS B CD2 1 
ATOM   1649 C CE1 . HIS B 1 101 ? -7.427  3.835   8.927   1.00 21.31 ? 220  HIS B CE1 1 
ATOM   1650 N NE2 . HIS B 1 101 ? -7.730  3.044   7.913   1.00 21.68 ? 220  HIS B NE2 1 
HETATM 1651 O O   . HOH C 2 .   ? -17.293 -6.891  17.423  1.00 29.79 ? 2001 HOH A O   1 
HETATM 1652 O O   . HOH C 2 .   ? -20.043 -4.457  18.094  1.00 31.76 ? 2002 HOH A O   1 
HETATM 1653 O O   . HOH C 2 .   ? -12.983 -6.062  16.221  1.00 30.37 ? 2003 HOH A O   1 
HETATM 1654 O O   . HOH C 2 .   ? -15.037 1.236   17.250  1.00 44.62 ? 2004 HOH A O   1 
HETATM 1655 O O   . HOH C 2 .   ? -13.993 -0.042  13.411  1.00 35.81 ? 2005 HOH A O   1 
HETATM 1656 O O   . HOH C 2 .   ? -6.713  0.870   20.630  1.00 31.34 ? 2006 HOH A O   1 
HETATM 1657 O O   . HOH C 2 .   ? -3.830  6.255   12.172  1.00 33.38 ? 2007 HOH A O   1 
HETATM 1658 O O   . HOH C 2 .   ? -5.356  4.026   5.455   1.00 32.35 ? 2008 HOH A O   1 
HETATM 1659 O O   . HOH C 2 .   ? -0.203  7.590   -4.882  1.00 27.83 ? 2009 HOH A O   1 
HETATM 1660 O O   . HOH C 2 .   ? 3.601   1.839   -9.050  1.00 34.69 ? 2010 HOH A O   1 
HETATM 1661 O O   . HOH C 2 .   ? -0.833  4.862   -4.664  1.00 32.35 ? 2011 HOH A O   1 
HETATM 1662 O O   . HOH C 2 .   ? -1.130  15.411  -1.027  1.00 39.11 ? 2012 HOH A O   1 
HETATM 1663 O O   . HOH C 2 .   ? 8.985   12.171  -9.158  1.00 17.66 ? 2013 HOH A O   1 
HETATM 1664 O O   . HOH C 2 .   ? 10.326  8.812   -10.865 1.00 37.34 ? 2014 HOH A O   1 
HETATM 1665 O O   . HOH C 2 .   ? 10.270  2.779   -8.794  1.00 42.14 ? 2015 HOH A O   1 
HETATM 1666 O O   . HOH C 2 .   ? 10.701  2.377   -6.407  1.00 34.37 ? 2016 HOH A O   1 
HETATM 1667 O O   . HOH C 2 .   ? 5.140   17.911  -9.366  1.00 21.75 ? 2017 HOH A O   1 
HETATM 1668 O O   . HOH C 2 .   ? 13.174  11.011  -11.665 1.00 39.15 ? 2018 HOH A O   1 
HETATM 1669 O O   . HOH C 2 .   ? 0.773   21.939  -5.896  1.00 32.30 ? 2019 HOH A O   1 
HETATM 1670 O O   . HOH C 2 .   ? -0.039  24.782  -2.693  1.00 15.30 ? 2020 HOH A O   1 
HETATM 1671 O O   . HOH C 2 .   ? -0.011  14.998  -3.970  1.00 26.94 ? 2021 HOH A O   1 
HETATM 1672 O O   . HOH C 2 .   ? 1.886   19.461  5.505   1.00 22.96 ? 2022 HOH A O   1 
HETATM 1673 O O   . HOH C 2 .   ? -2.130  12.506  3.394   1.00 37.79 ? 2023 HOH A O   1 
HETATM 1674 O O   . HOH C 2 .   ? 1.271   14.776  -0.324  1.00 16.14 ? 2024 HOH A O   1 
HETATM 1675 O O   . HOH C 2 .   ? 3.807   19.722  7.811   1.00 21.47 ? 2025 HOH A O   1 
HETATM 1676 O O   . HOH C 2 .   ? -0.073  16.589  6.119   1.00 17.38 ? 2026 HOH A O   1 
HETATM 1677 O O   . HOH C 2 .   ? -4.945  13.979  8.287   1.00 19.95 ? 2027 HOH A O   1 
HETATM 1678 O O   . HOH C 2 .   ? -5.234  2.010   22.307  1.00 35.05 ? 2028 HOH A O   1 
HETATM 1679 O O   . HOH C 2 .   ? -2.886  8.202   9.358   1.00 25.05 ? 2029 HOH A O   1 
HETATM 1680 O O   . HOH C 2 .   ? -1.267  11.189  10.441  1.00 27.03 ? 2030 HOH A O   1 
HETATM 1681 O O   . HOH C 2 .   ? -0.958  12.849  15.197  1.00 27.85 ? 2031 HOH A O   1 
HETATM 1682 O O   . HOH C 2 .   ? 5.834   5.990   18.070  1.00 26.97 ? 2032 HOH A O   1 
HETATM 1683 O O   . HOH C 2 .   ? -1.612  25.440  -5.335  1.00 30.19 ? 2033 HOH A O   1 
HETATM 1684 O O   . HOH C 2 .   ? 12.736  7.082   15.167  1.00 25.29 ? 2034 HOH A O   1 
HETATM 1685 O O   . HOH C 2 .   ? 15.384  0.442   13.743  1.00 28.60 ? 2035 HOH A O   1 
HETATM 1686 O O   . HOH C 2 .   ? 15.433  2.059   6.953   1.00 24.30 ? 2036 HOH A O   1 
HETATM 1687 O O   . HOH C 2 .   ? 14.460  9.310   14.607  1.00 36.71 ? 2037 HOH A O   1 
HETATM 1688 O O   . HOH C 2 .   ? 16.290  9.644   4.597   1.00 28.36 ? 2038 HOH A O   1 
HETATM 1689 O O   . HOH C 2 .   ? 10.791  15.823  11.696  1.00 41.05 ? 2039 HOH A O   1 
HETATM 1690 O O   . HOH C 2 .   ? 8.602   19.330  6.010   1.00 15.27 ? 2040 HOH A O   1 
HETATM 1691 O O   . HOH C 2 .   ? 15.953  20.203  10.218  1.00 23.84 ? 2041 HOH A O   1 
HETATM 1692 O O   . HOH C 2 .   ? 13.756  7.483   -9.712  1.00 30.93 ? 2042 HOH A O   1 
HETATM 1693 O O   . HOH C 2 .   ? 21.691  8.112   2.550   1.00 27.54 ? 2043 HOH A O   1 
HETATM 1694 O O   . HOH C 2 .   ? 7.909   21.493  4.150   1.00 22.27 ? 2044 HOH A O   1 
HETATM 1695 O O   . HOH C 2 .   ? 9.349   30.317  0.621   1.00 27.24 ? 2045 HOH A O   1 
HETATM 1696 O O   . HOH C 2 .   ? 13.299  28.096  -2.662  1.00 20.96 ? 2046 HOH A O   1 
HETATM 1697 O O   . HOH C 2 .   ? 10.381  26.902  -7.270  1.00 26.69 ? 2047 HOH A O   1 
HETATM 1698 O O   . HOH C 2 .   ? 14.835  24.302  -2.668  1.00 31.61 ? 2048 HOH A O   1 
HETATM 1699 O O   . HOH C 2 .   ? 15.586  20.505  -5.895  1.00 34.50 ? 2049 HOH A O   1 
HETATM 1700 O O   . HOH C 2 .   ? 12.237  23.817  -8.375  1.00 26.38 ? 2050 HOH A O   1 
HETATM 1701 O O   . HOH C 2 .   ? 12.881  22.727  -10.714 1.00 28.34 ? 2051 HOH A O   1 
HETATM 1702 O O   . HOH C 2 .   ? 19.631  15.817  -10.623 1.00 20.55 ? 2052 HOH A O   1 
HETATM 1703 O O   . HOH C 2 .   ? 19.043  12.428  -14.502 1.00 35.50 ? 2053 HOH A O   1 
HETATM 1704 O O   . HOH C 2 .   ? 16.274  16.667  -12.509 1.00 26.09 ? 2054 HOH A O   1 
HETATM 1705 O O   . HOH C 2 .   ? 15.019  9.679   -10.641 1.00 17.66 ? 2055 HOH A O   1 
HETATM 1706 O O   . HOH C 2 .   ? 20.233  9.336   -6.575  1.00 24.02 ? 2056 HOH A O   1 
HETATM 1707 O O   . HOH C 2 .   ? 20.555  13.568  -4.116  1.00 24.95 ? 2057 HOH A O   1 
HETATM 1708 O O   . HOH C 2 .   ? 19.457  8.296   -11.649 1.00 37.95 ? 2058 HOH A O   1 
HETATM 1709 O O   . HOH C 2 .   ? 22.034  5.999   0.182   1.00 31.14 ? 2059 HOH A O   1 
HETATM 1710 O O   . HOH C 2 .   ? 23.083  7.600   -2.436  1.00 29.75 ? 2060 HOH A O   1 
HETATM 1711 O O   . HOH C 2 .   ? 11.855  2.338   -4.243  1.00 31.75 ? 2061 HOH A O   1 
HETATM 1712 O O   . HOH C 2 .   ? 19.458  9.914   2.300   1.00 17.69 ? 2062 HOH A O   1 
HETATM 1713 O O   . HOH C 2 .   ? 13.141  -4.439  -1.326  1.00 28.56 ? 2063 HOH A O   1 
HETATM 1714 O O   . HOH C 2 .   ? 15.627  0.703   -3.485  1.00 21.02 ? 2064 HOH A O   1 
HETATM 1715 O O   . HOH C 2 .   ? 14.205  2.375   -5.257  1.00 21.09 ? 2065 HOH A O   1 
HETATM 1716 O O   . HOH C 2 .   ? 9.152   -5.358  2.829   1.00 21.38 ? 2066 HOH A O   1 
HETATM 1717 O O   . HOH C 2 .   ? 10.046  -3.332  -0.890  1.00 25.80 ? 2067 HOH A O   1 
HETATM 1718 O O   . HOH C 2 .   ? 12.931  -3.030  11.814  1.00 26.43 ? 2068 HOH A O   1 
HETATM 1719 O O   . HOH C 2 .   ? 15.747  -1.383  5.610   1.00 18.61 ? 2069 HOH A O   1 
HETATM 1720 O O   . HOH C 2 .   ? 15.293  -2.990  10.575  1.00 35.80 ? 2070 HOH A O   1 
HETATM 1721 O O   . HOH C 2 .   ? 4.027   -9.487  7.088   1.00 29.59 ? 2071 HOH A O   1 
HETATM 1722 O O   . HOH C 2 .   ? 10.905  -9.293  14.499  1.00 36.83 ? 2072 HOH A O   1 
HETATM 1723 O O   . HOH D 2 .   ? -3.110  -16.290 15.383  1.00 28.58 ? 2001 HOH B O   1 
HETATM 1724 O O   . HOH D 2 .   ? -1.691  -9.318  15.971  1.00 20.41 ? 2002 HOH B O   1 
HETATM 1725 O O   . HOH D 2 .   ? -0.444  -8.914  18.514  1.00 24.97 ? 2003 HOH B O   1 
HETATM 1726 O O   . HOH D 2 .   ? 2.935   -8.453  0.552   1.00 34.67 ? 2004 HOH B O   1 
HETATM 1727 O O   . HOH D 2 .   ? 1.220   1.920   -10.942 1.00 27.47 ? 2005 HOH B O   1 
HETATM 1728 O O   . HOH D 2 .   ? 3.123   -0.981  -5.700  1.00 32.86 ? 2006 HOH B O   1 
HETATM 1729 O O   . HOH D 2 .   ? -4.945  0.636   -16.403 1.00 27.96 ? 2007 HOH B O   1 
HETATM 1730 O O   . HOH D 2 .   ? 0.397   3.034   -17.041 1.00 27.65 ? 2008 HOH B O   1 
HETATM 1731 O O   . HOH D 2 .   ? -6.483  3.411   -4.280  1.00 34.74 ? 2009 HOH B O   1 
HETATM 1732 O O   . HOH D 2 .   ? -5.181  -1.429  -19.601 1.00 28.92 ? 2010 HOH B O   1 
HETATM 1733 O O   . HOH D 2 .   ? 0.006   -3.755  -21.329 1.00 24.43 ? 2011 HOH B O   1 
HETATM 1734 O O   . HOH D 2 .   ? 1.674   -3.453  -19.003 1.00 36.96 ? 2012 HOH B O   1 
HETATM 1735 O O   . HOH D 2 .   ? -4.073  0.474   -23.216 1.00 16.94 ? 2013 HOH B O   1 
HETATM 1736 O O   . HOH D 2 .   ? 1.225   -8.191  -18.684 1.00 24.67 ? 2014 HOH B O   1 
HETATM 1737 O O   . HOH D 2 .   ? 4.781   -18.386 -16.072 1.00 18.46 ? 2015 HOH B O   1 
HETATM 1738 O O   . HOH D 2 .   ? 4.919   -13.274 -17.415 1.00 40.40 ? 2016 HOH B O   1 
HETATM 1739 O O   . HOH D 2 .   ? 1.133   -11.472 -9.410  1.00 18.35 ? 2017 HOH B O   1 
HETATM 1740 O O   . HOH D 2 .   ? -0.830  -18.370 -8.436  1.00 23.80 ? 2018 HOH B O   1 
HETATM 1741 O O   . HOH D 2 .   ? 0.030   -16.440 -4.699  1.00 17.71 ? 2019 HOH B O   1 
HETATM 1742 O O   . HOH D 2 .   ? 2.532   -11.991 -3.618  1.00 34.14 ? 2020 HOH B O   1 
HETATM 1743 O O   . HOH D 2 .   ? 4.545   -8.789  -6.457  1.00 37.86 ? 2021 HOH B O   1 
HETATM 1744 O O   . HOH D 2 .   ? -3.013  -20.108 -8.274  1.00 34.31 ? 2022 HOH B O   1 
HETATM 1745 O O   . HOH D 2 .   ? -5.050  -18.667 3.714   1.00 24.92 ? 2023 HOH B O   1 
HETATM 1746 O O   . HOH D 2 .   ? -7.782  -17.872 -2.941  1.00 30.16 ? 2024 HOH B O   1 
HETATM 1747 O O   . HOH D 2 .   ? 0.386   -12.533 2.811   1.00 28.66 ? 2025 HOH B O   1 
HETATM 1748 O O   . HOH D 2 .   ? -11.981 -14.080 6.216   1.00 18.00 ? 2026 HOH B O   1 
HETATM 1749 O O   . HOH D 2 .   ? -8.730  -16.895 -1.097  1.00 14.16 ? 2027 HOH B O   1 
HETATM 1750 O O   . HOH D 2 .   ? -7.434  1.232   -16.289 1.00 31.44 ? 2028 HOH B O   1 
HETATM 1751 O O   . HOH D 2 .   ? -9.885  -10.840 12.927  1.00 34.31 ? 2029 HOH B O   1 
HETATM 1752 O O   . HOH D 2 .   ? -16.821 -9.162  11.953  1.00 31.18 ? 2030 HOH B O   1 
HETATM 1753 O O   . HOH D 2 .   ? -13.630 -15.028 8.621   1.00 26.24 ? 2031 HOH B O   1 
HETATM 1754 O O   . HOH D 2 .   ? -20.164 -6.164  4.023   1.00 32.59 ? 2032 HOH B O   1 
HETATM 1755 O O   . HOH D 2 .   ? -18.455 -1.570  -2.497  1.00 31.82 ? 2033 HOH B O   1 
HETATM 1756 O O   . HOH D 2 .   ? -21.265 -0.323  0.031   1.00 37.43 ? 2034 HOH B O   1 
HETATM 1757 O O   . HOH D 2 .   ? -13.028 -6.167  0.684   1.00 15.76 ? 2035 HOH B O   1 
HETATM 1758 O O   . HOH D 2 .   ? -10.873 -8.281  12.783  1.00 20.92 ? 2036 HOH B O   1 
HETATM 1759 O O   . HOH D 2 .   ? -16.724 -14.559 10.215  1.00 10.05 ? 2037 HOH B O   1 
HETATM 1760 O O   . HOH D 2 .   ? -14.955 -6.995  -17.073 1.00 27.80 ? 2038 HOH B O   1 
HETATM 1761 O O   . HOH D 2 .   ? -15.600 -15.126 -12.368 1.00 27.55 ? 2039 HOH B O   1 
HETATM 1762 O O   . HOH D 2 .   ? -11.701 -16.540 -19.514 1.00 33.27 ? 2040 HOH B O   1 
HETATM 1763 O O   . HOH D 2 .   ? -14.514 -9.954  -17.839 1.00 22.79 ? 2041 HOH B O   1 
HETATM 1764 O O   . HOH D 2 .   ? -9.252  -18.809 -20.869 1.00 26.24 ? 2042 HOH B O   1 
HETATM 1765 O O   . HOH D 2 .   ? -6.895  -19.627 -23.716 1.00 27.90 ? 2043 HOH B O   1 
HETATM 1766 O O   . HOH D 2 .   ? -8.630  -16.310 -21.853 1.00 32.62 ? 2044 HOH B O   1 
HETATM 1767 O O   . HOH D 2 .   ? -4.293  -19.641 -25.406 1.00 44.13 ? 2045 HOH B O   1 
HETATM 1768 O O   . HOH D 2 .   ? 1.007   -12.503 -22.382 1.00 31.19 ? 2046 HOH B O   1 
HETATM 1769 O O   . HOH D 2 .   ? 1.294   -8.704  -21.168 1.00 27.95 ? 2047 HOH B O   1 
HETATM 1770 O O   . HOH D 2 .   ? -7.552  -0.057  -19.220 1.00 29.12 ? 2048 HOH B O   1 
HETATM 1771 O O   . HOH D 2 .   ? -14.288 -0.984  -17.852 1.00 29.42 ? 2049 HOH B O   1 
HETATM 1772 O O   . HOH D 2 .   ? -9.329  -11.641 -21.536 1.00 33.66 ? 2050 HOH B O   1 
HETATM 1773 O O   . HOH D 2 .   ? -19.378 -1.385  -12.574 1.00 31.09 ? 2051 HOH B O   1 
HETATM 1774 O O   . HOH D 2 .   ? -13.879 1.724   -6.804  1.00 27.97 ? 2052 HOH B O   1 
HETATM 1775 O O   . HOH D 2 .   ? -15.373 -4.738  -4.933  1.00 29.53 ? 2053 HOH B O   1 
HETATM 1776 O O   . HOH D 2 .   ? -10.138 2.908   -10.570 1.00 28.43 ? 2054 HOH B O   1 
HETATM 1777 O O   . HOH D 2 .   ? -12.420 3.584   -8.956  1.00 24.11 ? 2055 HOH B O   1 
HETATM 1778 O O   . HOH D 2 .   ? -11.425 5.897   -3.663  1.00 25.82 ? 2056 HOH B O   1 
HETATM 1779 O O   . HOH D 2 .   ? -16.797 -3.742  -3.096  1.00 33.03 ? 2057 HOH B O   1 
HETATM 1780 O O   . HOH D 2 .   ? -9.000  4.307   -2.752  1.00 27.99 ? 2058 HOH B O   1 
HETATM 1781 O O   . HOH D 2 .   ? -12.408 3.512   2.823   1.00 16.05 ? 2059 HOH B O   1 
HETATM 1782 O O   . HOH D 2 .   ? -10.120 3.828   1.266   1.00 22.64 ? 2060 HOH B O   1 
HETATM 1783 O O   . HOH D 2 .   ? -16.437 0.131   -1.471  1.00 18.27 ? 2061 HOH B O   1 
HETATM 1784 O O   . HOH D 2 .   ? -15.634 -0.011  10.825  1.00 32.47 ? 2062 HOH B O   1 
# 
